data_6FRI
#
_entry.id   6FRI
#
_cell.length_a   47.324
_cell.length_b   52.487
_cell.length_c   157.662
_cell.angle_alpha   93.38
_cell.angle_beta   90.12
_cell.angle_gamma   114.14
#
_symmetry.space_group_name_H-M   'P 1'
#
loop_
_entity.id
_entity.type
_entity.pdbx_description
1 polymer 'Alkanal monooxygenase beta chain'
2 non-polymer 'ACETATE ION'
3 water water
#
_entity_poly.entity_id   1
_entity_poly.type   'polypeptide(L)'
_entity_poly.pdbx_seq_one_letter_code
;MNFGLFFLNFQLKGMTSEAVLDNMIDTIALVDKDEYHFKTAFVNEHHFSKNGIVGAPMTAASFLLGLTERLHIGSLNQVI
TTHHPVRIAEEASLLDQMSDGRFILGLSDCVSDFEMDFFKRQRDSQQQQFEACYEILNDGITTNYCYANNDFYNFPKISI
NPHCISKENLKQYILATSMGVVEWAAKKGLPLTYRWSDTLAEKENYYQRYLTVAAENNVDITHVDHQFPLLVNINPDRDI
AKQEMRDYIRGYIAEAYPNTDQEEKIEELIKQHAVGTEDEYYESSKYALEKTGSKNVLLSFESMKNKAAVIDLINMVNEK
IKKNL
;
_entity_poly.pdbx_strand_id   A,B,C,D
#
# COMPACT_ATOMS: atom_id res chain seq x y z
N MET A 1 40.05 -5.82 -54.03
CA MET A 1 40.56 -5.89 -52.66
C MET A 1 39.73 -5.04 -51.71
N ASN A 2 39.21 -5.66 -50.66
CA ASN A 2 38.47 -4.96 -49.62
C ASN A 2 39.40 -4.59 -48.48
N PHE A 3 39.13 -3.44 -47.85
CA PHE A 3 39.99 -2.88 -46.82
C PHE A 3 39.25 -2.79 -45.49
N GLY A 4 40.00 -2.95 -44.41
CA GLY A 4 39.43 -2.88 -43.08
C GLY A 4 40.51 -2.60 -42.05
N LEU A 5 40.10 -2.66 -40.78
CA LEU A 5 41.00 -2.41 -39.66
C LEU A 5 41.00 -3.61 -38.71
N PHE A 6 42.08 -3.74 -37.94
CA PHE A 6 42.12 -4.67 -36.83
C PHE A 6 42.98 -4.08 -35.73
N PHE A 7 42.68 -4.44 -34.49
CA PHE A 7 43.31 -3.83 -33.32
C PHE A 7 43.86 -4.92 -32.41
N LEU A 8 45.17 -4.84 -32.13
CA LEU A 8 45.81 -5.75 -31.21
C LEU A 8 45.81 -5.21 -29.78
N ASN A 9 45.71 -3.89 -29.61
CA ASN A 9 45.61 -3.24 -28.31
C ASN A 9 46.75 -3.66 -27.38
N PHE A 10 47.98 -3.42 -27.86
CA PHE A 10 49.16 -3.65 -27.04
C PHE A 10 49.36 -2.46 -26.11
N GLN A 11 49.58 -2.75 -24.82
CA GLN A 11 49.84 -1.72 -23.82
C GLN A 11 51.33 -1.76 -23.51
N LEU A 12 52.09 -0.92 -24.20
CA LEU A 12 53.53 -0.87 -24.05
C LEU A 12 53.90 -0.15 -22.75
N LYS A 13 55.19 -0.23 -22.40
CA LYS A 13 55.75 0.40 -21.20
C LYS A 13 55.42 1.87 -21.15
N GLY A 14 54.82 2.31 -20.04
CA GLY A 14 54.45 3.69 -19.88
C GLY A 14 53.07 4.06 -20.36
N MET A 15 52.45 3.24 -21.20
CA MET A 15 51.12 3.51 -21.68
C MET A 15 50.09 3.06 -20.65
N THR A 16 48.96 3.75 -20.62
CA THR A 16 47.84 3.36 -19.77
C THR A 16 46.83 2.55 -20.57
N SER A 17 46.03 1.76 -19.86
CA SER A 17 44.99 0.98 -20.52
C SER A 17 43.98 1.90 -21.21
N GLU A 18 43.72 3.08 -20.62
CA GLU A 18 42.74 3.99 -21.20
C GLU A 18 43.22 4.56 -22.52
N ALA A 19 44.50 4.95 -22.61
CA ALA A 19 45.04 5.50 -23.85
C ALA A 19 44.93 4.49 -24.99
N VAL A 20 45.23 3.22 -24.70
CA VAL A 20 45.17 2.18 -25.73
C VAL A 20 43.75 2.03 -26.24
N LEU A 21 42.78 1.92 -25.32
CA LEU A 21 41.40 1.70 -25.72
C LEU A 21 40.78 2.95 -26.33
N ASP A 22 41.19 4.14 -25.87
CA ASP A 22 40.70 5.37 -26.50
C ASP A 22 41.16 5.47 -27.95
N ASN A 23 42.35 4.96 -28.25
CA ASN A 23 42.84 4.99 -29.63
C ASN A 23 41.96 4.17 -30.56
N MET A 24 41.61 2.94 -30.15
CA MET A 24 40.71 2.13 -30.95
C MET A 24 39.36 2.80 -31.11
N ILE A 25 38.81 3.34 -30.02
CA ILE A 25 37.47 3.92 -30.06
C ILE A 25 37.44 5.14 -30.98
N ASP A 26 38.46 5.99 -30.89
CA ASP A 26 38.49 7.20 -31.70
C ASP A 26 38.79 6.90 -33.17
N THR A 27 39.64 5.90 -33.42
CA THR A 27 39.93 5.51 -34.80
C THR A 27 38.70 4.93 -35.49
N ILE A 28 37.93 4.11 -34.77
CA ILE A 28 36.73 3.53 -35.37
C ILE A 28 35.65 4.58 -35.55
N ALA A 29 35.53 5.51 -34.61
CA ALA A 29 34.55 6.59 -34.76
C ALA A 29 34.84 7.44 -35.99
N LEU A 30 36.12 7.72 -36.24
CA LEU A 30 36.48 8.52 -37.41
C LEU A 30 36.23 7.76 -38.70
N VAL A 31 36.63 6.49 -38.76
CA VAL A 31 36.53 5.73 -40.00
C VAL A 31 35.09 5.38 -40.33
N ASP A 32 34.20 5.33 -39.33
CA ASP A 32 32.82 4.96 -39.58
C ASP A 32 32.06 6.01 -40.39
N LYS A 33 32.59 7.23 -40.48
CA LYS A 33 31.89 8.28 -41.21
C LYS A 33 31.83 7.95 -42.69
N ASP A 34 30.78 8.45 -43.35
CA ASP A 34 30.41 7.97 -44.68
C ASP A 34 31.49 8.23 -45.72
N GLU A 35 32.31 9.27 -45.53
CA GLU A 35 33.31 9.61 -46.54
C GLU A 35 34.37 8.52 -46.69
N TYR A 36 34.43 7.54 -45.78
CA TYR A 36 35.44 6.49 -45.81
C TYR A 36 34.94 5.23 -46.51
N HIS A 37 35.89 4.49 -47.08
CA HIS A 37 35.59 3.27 -47.84
C HIS A 37 36.15 2.02 -47.16
N PHE A 38 36.69 2.13 -45.95
CA PHE A 38 36.92 0.95 -45.14
C PHE A 38 35.58 0.34 -44.76
N LYS A 39 35.49 -0.98 -44.83
CA LYS A 39 34.22 -1.66 -44.63
C LYS A 39 34.11 -2.42 -43.32
N THR A 40 35.21 -2.92 -42.78
CA THR A 40 35.18 -3.77 -41.59
C THR A 40 36.18 -3.27 -40.56
N ALA A 41 36.05 -3.81 -39.35
CA ALA A 41 36.96 -3.53 -38.24
C ALA A 41 36.88 -4.71 -37.28
N PHE A 42 38.05 -5.14 -36.78
CA PHE A 42 38.14 -6.35 -35.99
C PHE A 42 38.89 -6.08 -34.69
N VAL A 43 38.52 -6.84 -33.66
CA VAL A 43 39.10 -6.73 -32.33
C VAL A 43 39.74 -8.07 -31.96
N ASN A 44 40.98 -8.01 -31.49
CA ASN A 44 41.74 -9.21 -31.17
C ASN A 44 41.58 -9.59 -29.70
N GLU A 45 41.63 -10.90 -29.43
CA GLU A 45 41.50 -11.43 -28.08
C GLU A 45 42.86 -11.85 -27.54
N HIS A 46 43.12 -11.51 -26.29
CA HIS A 46 44.35 -11.90 -25.62
C HIS A 46 44.12 -11.87 -24.11
N HIS A 47 44.85 -12.72 -23.39
CA HIS A 47 44.70 -12.85 -21.96
C HIS A 47 46.05 -12.83 -21.26
N PHE A 48 46.05 -12.25 -20.05
CA PHE A 48 47.05 -12.49 -19.01
C PHE A 48 48.39 -11.78 -19.26
N SER A 49 48.43 -10.80 -20.16
CA SER A 49 49.58 -9.92 -20.27
C SER A 49 49.15 -8.68 -21.04
N LYS A 50 50.03 -7.69 -21.05
CA LYS A 50 49.73 -6.42 -21.73
C LYS A 50 49.95 -6.49 -23.24
N ASN A 51 50.35 -7.65 -23.78
CA ASN A 51 50.45 -7.84 -25.22
C ASN A 51 49.08 -8.16 -25.80
N GLY A 52 48.15 -7.22 -25.60
CA GLY A 52 46.76 -7.41 -25.95
C GLY A 52 45.88 -7.39 -24.73
N ILE A 53 45.21 -6.26 -24.48
CA ILE A 53 44.50 -6.04 -23.22
C ILE A 53 43.00 -6.24 -23.34
N VAL A 54 42.51 -6.66 -24.49
CA VAL A 54 41.09 -6.93 -24.69
C VAL A 54 40.87 -8.44 -24.57
N GLY A 55 40.28 -8.87 -23.46
CA GLY A 55 40.00 -10.28 -23.24
C GLY A 55 38.67 -10.77 -23.77
N ALA A 56 37.81 -9.86 -24.22
CA ALA A 56 36.46 -10.20 -24.67
C ALA A 56 36.15 -9.43 -25.94
N PRO A 57 36.60 -9.94 -27.10
CA PRO A 57 36.44 -9.16 -28.34
C PRO A 57 35.00 -8.95 -28.75
N MET A 58 34.11 -9.90 -28.46
CA MET A 58 32.71 -9.73 -28.82
C MET A 58 32.05 -8.65 -27.95
N THR A 59 32.46 -8.53 -26.69
CA THR A 59 31.95 -7.44 -25.85
C THR A 59 32.49 -6.10 -26.33
N ALA A 60 33.77 -6.05 -26.73
CA ALA A 60 34.34 -4.82 -27.27
C ALA A 60 33.69 -4.44 -28.60
N ALA A 61 33.50 -5.43 -29.48
CA ALA A 61 32.79 -5.18 -30.73
C ALA A 61 31.38 -4.65 -30.48
N SER A 62 30.72 -5.17 -29.44
CA SER A 62 29.38 -4.69 -29.10
C SER A 62 29.36 -3.19 -28.82
N PHE A 63 30.28 -2.74 -27.95
CA PHE A 63 30.38 -1.31 -27.67
C PHE A 63 30.62 -0.50 -28.94
N LEU A 64 31.57 -0.95 -29.76
CA LEU A 64 31.89 -0.24 -30.99
C LEU A 64 30.71 -0.23 -31.96
N LEU A 65 29.94 -1.32 -31.99
CA LEU A 65 28.74 -1.36 -32.84
C LEU A 65 27.71 -0.34 -32.38
N GLY A 66 27.52 -0.21 -31.06
CA GLY A 66 26.62 0.80 -30.54
C GLY A 66 27.08 2.21 -30.89
N LEU A 67 28.39 2.41 -31.04
CA LEU A 67 28.94 3.73 -31.31
C LEU A 67 28.84 4.12 -32.78
N THR A 68 28.66 3.15 -33.67
CA THR A 68 28.76 3.36 -35.11
C THR A 68 27.44 3.03 -35.80
N GLU A 69 27.40 3.28 -37.11
CA GLU A 69 26.23 3.04 -37.94
C GLU A 69 26.54 2.41 -39.29
N ARG A 70 27.74 2.57 -39.83
CA ARG A 70 28.08 2.11 -41.18
C ARG A 70 28.98 0.88 -41.17
N LEU A 71 30.10 0.94 -40.45
CA LEU A 71 31.06 -0.16 -40.45
C LEU A 71 30.43 -1.45 -39.95
N HIS A 72 30.95 -2.57 -40.44
CA HIS A 72 30.69 -3.88 -39.84
C HIS A 72 31.87 -4.21 -38.94
N ILE A 73 31.57 -4.61 -37.70
CA ILE A 73 32.60 -4.81 -36.68
C ILE A 73 32.41 -6.20 -36.10
N GLY A 74 33.53 -6.82 -35.71
CA GLY A 74 33.45 -8.13 -35.11
C GLY A 74 34.73 -8.50 -34.40
N SER A 75 34.74 -9.72 -33.87
CA SER A 75 35.94 -10.27 -33.26
C SER A 75 36.88 -10.79 -34.33
N LEU A 76 38.18 -10.67 -34.07
CA LEU A 76 39.16 -11.21 -35.00
C LEU A 76 39.50 -12.67 -34.71
N ASN A 77 39.47 -13.09 -33.45
CA ASN A 77 39.96 -14.41 -33.09
C ASN A 77 39.31 -14.93 -31.81
N GLN A 78 37.99 -14.88 -31.74
CA GLN A 78 37.28 -15.42 -30.58
C GLN A 78 37.60 -16.91 -30.40
N VAL A 79 38.30 -17.23 -29.31
CA VAL A 79 38.73 -18.60 -29.06
C VAL A 79 37.53 -19.40 -28.55
N ILE A 80 37.14 -20.42 -29.31
CA ILE A 80 35.97 -21.22 -28.94
C ILE A 80 36.33 -22.46 -28.13
N THR A 81 37.58 -22.95 -28.23
CA THR A 81 37.94 -24.19 -27.57
C THR A 81 37.95 -24.06 -26.05
N THR A 82 38.10 -22.85 -25.53
CA THR A 82 38.12 -22.60 -24.10
C THR A 82 36.85 -21.91 -23.60
N HIS A 83 35.85 -21.76 -24.46
CA HIS A 83 34.61 -21.06 -24.15
C HIS A 83 33.44 -22.03 -24.33
N HIS A 84 32.23 -21.55 -24.01
CA HIS A 84 31.06 -22.40 -24.18
C HIS A 84 30.35 -22.05 -25.48
N PRO A 85 30.06 -23.04 -26.33
CA PRO A 85 29.49 -22.72 -27.64
C PRO A 85 28.08 -22.14 -27.57
N VAL A 86 27.27 -22.56 -26.59
CA VAL A 86 25.92 -22.02 -26.48
C VAL A 86 25.96 -20.54 -26.11
N ARG A 87 26.91 -20.16 -25.24
CA ARG A 87 27.03 -18.76 -24.85
C ARG A 87 27.46 -17.90 -26.04
N ILE A 88 28.41 -18.37 -26.84
CA ILE A 88 28.85 -17.61 -28.02
C ILE A 88 27.70 -17.46 -29.00
N ALA A 89 26.97 -18.55 -29.26
CA ALA A 89 25.84 -18.50 -30.19
C ALA A 89 24.80 -17.47 -29.72
N GLU A 90 24.53 -17.41 -28.42
CA GLU A 90 23.56 -16.45 -27.91
C GLU A 90 24.05 -15.02 -28.10
N GLU A 91 25.35 -14.78 -27.88
CA GLU A 91 25.89 -13.44 -28.05
C GLU A 91 25.94 -13.03 -29.51
N ALA A 92 26.29 -13.96 -30.40
CA ALA A 92 26.34 -13.62 -31.83
C ALA A 92 24.97 -13.28 -32.36
N SER A 93 23.95 -14.07 -32.00
CA SER A 93 22.59 -13.76 -32.43
C SER A 93 22.12 -12.44 -31.85
N LEU A 94 22.50 -12.15 -30.60
CA LEU A 94 22.13 -10.88 -29.99
C LEU A 94 22.76 -9.70 -30.72
N LEU A 95 24.05 -9.82 -31.06
CA LEU A 95 24.72 -8.75 -31.78
C LEU A 95 24.17 -8.59 -33.19
N ASP A 96 23.86 -9.71 -33.85
CA ASP A 96 23.22 -9.63 -35.17
C ASP A 96 21.93 -8.82 -35.11
N GLN A 97 21.11 -9.04 -34.09
CA GLN A 97 19.85 -8.31 -33.97
C GLN A 97 20.09 -6.84 -33.61
N MET A 98 20.88 -6.58 -32.57
CA MET A 98 21.01 -5.22 -32.07
C MET A 98 21.72 -4.30 -33.06
N SER A 99 22.67 -4.83 -33.83
CA SER A 99 23.47 -4.03 -34.75
C SER A 99 22.92 -4.05 -36.17
N ASP A 100 21.79 -4.73 -36.40
CA ASP A 100 21.16 -4.81 -37.71
C ASP A 100 22.08 -5.49 -38.73
N GLY A 101 22.67 -6.61 -38.32
CA GLY A 101 23.45 -7.43 -39.22
C GLY A 101 24.87 -6.95 -39.46
N ARG A 102 25.46 -6.22 -38.54
CA ARG A 102 26.78 -5.65 -38.73
C ARG A 102 27.87 -6.39 -37.96
N PHE A 103 27.54 -7.48 -37.27
CA PHE A 103 28.53 -8.23 -36.51
C PHE A 103 29.16 -9.33 -37.36
N ILE A 104 30.48 -9.44 -37.28
CA ILE A 104 31.25 -10.46 -37.98
C ILE A 104 31.88 -11.37 -36.93
N LEU A 105 31.74 -12.68 -37.11
CA LEU A 105 32.21 -13.65 -36.13
C LEU A 105 33.53 -14.24 -36.63
N GLY A 106 34.64 -13.57 -36.29
CA GLY A 106 35.95 -14.16 -36.49
C GLY A 106 36.28 -15.10 -35.36
N LEU A 107 36.67 -16.32 -35.70
CA LEU A 107 36.88 -17.39 -34.73
C LEU A 107 38.34 -17.84 -34.74
N SER A 108 38.71 -18.56 -33.69
CA SER A 108 40.07 -19.08 -33.57
C SER A 108 40.07 -20.28 -32.63
N ASP A 109 40.94 -21.23 -32.95
CA ASP A 109 41.31 -22.26 -32.00
C ASP A 109 42.21 -21.66 -30.91
N CYS A 110 42.48 -22.44 -29.87
CA CYS A 110 43.39 -22.01 -28.83
C CYS A 110 44.83 -22.20 -29.29
N VAL A 111 45.68 -21.21 -29.03
CA VAL A 111 47.07 -21.22 -29.45
C VAL A 111 48.02 -21.04 -28.26
N SER A 112 47.53 -21.24 -27.05
CA SER A 112 48.33 -21.07 -25.84
C SER A 112 48.10 -22.26 -24.93
N ASP A 113 49.15 -23.06 -24.71
CA ASP A 113 49.05 -24.19 -23.79
C ASP A 113 48.69 -23.75 -22.38
N PHE A 114 49.11 -22.54 -21.98
CA PHE A 114 48.73 -22.03 -20.68
C PHE A 114 47.21 -21.90 -20.55
N GLU A 115 46.56 -21.37 -21.59
CA GLU A 115 45.11 -21.21 -21.55
C GLU A 115 44.39 -22.55 -21.53
N MET A 116 44.93 -23.55 -22.23
CA MET A 116 44.34 -24.88 -22.19
C MET A 116 44.35 -25.45 -20.77
N ASP A 117 45.44 -25.21 -20.04
CA ASP A 117 45.49 -25.63 -18.63
C ASP A 117 44.60 -24.77 -17.76
N PHE A 118 44.61 -23.45 -17.99
CA PHE A 118 43.83 -22.53 -17.16
C PHE A 118 42.35 -22.88 -17.17
N PHE A 119 41.79 -23.19 -18.35
CA PHE A 119 40.37 -23.49 -18.49
C PHE A 119 40.07 -24.97 -18.52
N LYS A 120 41.02 -25.80 -18.05
CA LYS A 120 40.79 -27.24 -17.85
C LYS A 120 40.32 -27.94 -19.12
N ARG A 121 41.05 -27.73 -20.21
CA ARG A 121 40.77 -28.38 -21.49
C ARG A 121 41.87 -29.39 -21.78
N GLN A 122 41.46 -30.60 -22.18
CA GLN A 122 42.43 -31.65 -22.47
C GLN A 122 43.22 -31.32 -23.74
N ARG A 123 44.55 -31.46 -23.66
CA ARG A 123 45.40 -31.14 -24.80
C ARG A 123 45.24 -32.15 -25.93
N ASP A 124 45.18 -33.45 -25.59
CA ASP A 124 45.16 -34.49 -26.63
C ASP A 124 43.93 -34.40 -27.52
N SER A 125 42.84 -33.82 -27.03
CA SER A 125 41.61 -33.72 -27.81
C SER A 125 41.30 -32.30 -28.25
N GLN A 126 42.31 -31.44 -28.32
CA GLN A 126 42.08 -30.03 -28.62
C GLN A 126 41.40 -29.86 -29.98
N GLN A 127 41.91 -30.55 -31.00
CA GLN A 127 41.32 -30.44 -32.33
C GLN A 127 39.88 -30.94 -32.34
N GLN A 128 39.62 -32.08 -31.70
CA GLN A 128 38.28 -32.63 -31.69
C GLN A 128 37.32 -31.77 -30.87
N GLN A 129 37.79 -31.18 -29.77
CA GLN A 129 36.94 -30.26 -29.02
C GLN A 129 36.63 -29.01 -29.84
N PHE A 130 37.62 -28.51 -30.58
CA PHE A 130 37.40 -27.34 -31.43
C PHE A 130 36.29 -27.60 -32.44
N GLU A 131 36.23 -28.81 -32.99
CA GLU A 131 35.23 -29.12 -34.01
C GLU A 131 33.86 -29.34 -33.40
N ALA A 132 33.80 -30.02 -32.24
CA ALA A 132 32.53 -30.18 -31.55
C ALA A 132 31.98 -28.84 -31.07
N CYS A 133 32.85 -27.92 -30.67
CA CYS A 133 32.39 -26.61 -30.21
CA CYS A 133 32.39 -26.61 -30.21
C CYS A 133 31.87 -25.77 -31.37
N TYR A 134 32.50 -25.87 -32.55
CA TYR A 134 32.02 -25.12 -33.70
C TYR A 134 30.64 -25.59 -34.13
N GLU A 135 30.42 -26.90 -34.15
CA GLU A 135 29.15 -27.43 -34.62
C GLU A 135 27.99 -26.92 -33.77
N ILE A 136 28.18 -26.85 -32.45
CA ILE A 136 27.12 -26.37 -31.57
C ILE A 136 26.82 -24.89 -31.83
N LEU A 137 27.86 -24.05 -31.86
CA LEU A 137 27.64 -22.63 -32.07
C LEU A 137 27.08 -22.35 -33.46
N ASN A 138 27.56 -23.08 -34.46
CA ASN A 138 27.09 -22.85 -35.83
C ASN A 138 25.65 -23.34 -36.00
N ASP A 139 25.29 -24.45 -35.35
CA ASP A 139 23.89 -24.87 -35.32
C ASP A 139 23.00 -23.76 -34.77
N GLY A 140 23.37 -23.21 -33.61
CA GLY A 140 22.54 -22.20 -32.98
C GLY A 140 22.43 -20.93 -33.81
N ILE A 141 23.51 -20.55 -34.50
CA ILE A 141 23.50 -19.31 -35.26
C ILE A 141 22.62 -19.44 -36.50
N THR A 142 22.59 -20.62 -37.12
CA THR A 142 21.87 -20.79 -38.38
C THR A 142 20.49 -21.40 -38.21
N THR A 143 20.21 -22.09 -37.11
CA THR A 143 18.91 -22.70 -36.88
C THR A 143 18.22 -22.26 -35.59
N ASN A 144 18.91 -21.51 -34.72
CA ASN A 144 18.37 -21.07 -33.43
C ASN A 144 18.06 -22.25 -32.51
N TYR A 145 18.77 -23.37 -32.69
CA TYR A 145 18.62 -24.54 -31.83
C TYR A 145 19.99 -25.19 -31.64
N CYS A 146 20.25 -25.65 -30.42
CA CYS A 146 21.48 -26.35 -30.11
C CYS A 146 21.16 -27.70 -29.47
N TYR A 147 22.02 -28.67 -29.76
CA TYR A 147 21.90 -30.01 -29.22
C TYR A 147 23.27 -30.66 -29.26
N ALA A 148 23.57 -31.48 -28.26
CA ALA A 148 24.87 -32.13 -28.17
C ALA A 148 24.73 -33.48 -27.47
N ASN A 149 25.44 -34.48 -28.00
CA ASN A 149 25.48 -35.82 -27.40
C ASN A 149 26.81 -36.47 -27.80
N ASN A 150 27.89 -36.03 -27.16
CA ASN A 150 29.21 -36.54 -27.41
C ASN A 150 30.03 -36.43 -26.13
N ASP A 151 31.35 -36.61 -26.25
CA ASP A 151 32.25 -36.65 -25.11
C ASP A 151 32.70 -35.29 -24.64
N PHE A 152 32.29 -34.21 -25.31
CA PHE A 152 32.66 -32.86 -24.89
C PHE A 152 31.47 -32.04 -24.41
N TYR A 153 30.31 -32.20 -25.04
CA TYR A 153 29.09 -31.53 -24.61
C TYR A 153 27.92 -32.48 -24.76
N ASN A 154 27.04 -32.50 -23.76
CA ASN A 154 25.87 -33.36 -23.77
C ASN A 154 24.77 -32.61 -23.03
N PHE A 155 23.76 -32.15 -23.78
CA PHE A 155 22.64 -31.43 -23.20
C PHE A 155 21.45 -31.57 -24.15
N PRO A 156 20.23 -31.44 -23.63
CA PRO A 156 19.05 -31.60 -24.49
C PRO A 156 18.90 -30.43 -25.45
N LYS A 157 18.00 -30.62 -26.42
CA LYS A 157 17.76 -29.61 -27.44
C LYS A 157 17.12 -28.37 -26.82
N ILE A 158 17.71 -27.21 -27.11
CA ILE A 158 17.22 -25.94 -26.58
C ILE A 158 17.25 -24.90 -27.70
N SER A 159 16.46 -23.84 -27.51
CA SER A 159 16.43 -22.73 -28.45
C SER A 159 17.42 -21.64 -28.04
N ILE A 160 17.93 -20.93 -29.05
CA ILE A 160 18.88 -19.84 -28.86
C ILE A 160 18.15 -18.53 -29.10
N ASN A 161 18.11 -17.68 -28.08
CA ASN A 161 17.50 -16.36 -28.18
C ASN A 161 18.57 -15.27 -28.15
N PRO A 162 18.37 -14.17 -28.90
CA PRO A 162 17.20 -13.92 -29.75
C PRO A 162 17.28 -14.61 -31.11
N HIS A 163 16.19 -14.52 -31.86
CA HIS A 163 16.15 -15.08 -33.21
C HIS A 163 17.18 -14.42 -34.10
N CYS A 164 18.02 -15.23 -34.75
CA CYS A 164 19.06 -14.71 -35.61
C CYS A 164 18.50 -14.53 -37.03
N ILE A 165 18.64 -13.31 -37.55
CA ILE A 165 18.13 -13.02 -38.89
C ILE A 165 19.14 -13.42 -39.96
N SER A 166 20.43 -13.15 -39.74
CA SER A 166 21.42 -13.40 -40.78
C SER A 166 21.60 -14.89 -41.03
N LYS A 167 21.63 -15.69 -39.96
CA LYS A 167 21.81 -17.14 -40.06
C LYS A 167 23.06 -17.50 -40.86
N GLU A 168 22.87 -18.19 -41.99
CA GLU A 168 23.99 -18.65 -42.79
C GLU A 168 24.78 -17.49 -43.42
N ASN A 169 24.18 -16.30 -43.52
CA ASN A 169 24.84 -15.15 -44.10
C ASN A 169 25.61 -14.33 -43.08
N LEU A 170 25.67 -14.76 -41.83
CA LEU A 170 26.52 -14.13 -40.84
C LEU A 170 27.97 -14.55 -41.11
N LYS A 171 28.81 -13.58 -41.47
CA LYS A 171 30.16 -13.88 -41.92
C LYS A 171 30.99 -14.49 -40.79
N GLN A 172 31.62 -15.62 -41.08
CA GLN A 172 32.51 -16.29 -40.15
C GLN A 172 33.90 -16.38 -40.79
N TYR A 173 34.93 -16.21 -39.96
CA TYR A 173 36.30 -16.37 -40.38
C TYR A 173 37.02 -17.24 -39.37
N ILE A 174 38.04 -17.96 -39.84
CA ILE A 174 38.76 -18.92 -39.01
CA ILE A 174 38.77 -18.94 -39.03
C ILE A 174 40.25 -18.56 -39.04
N LEU A 175 40.82 -18.34 -37.87
CA LEU A 175 42.23 -18.01 -37.77
C LEU A 175 43.08 -19.23 -38.11
N ALA A 176 44.00 -19.07 -39.05
CA ALA A 176 44.84 -20.16 -39.53
C ALA A 176 45.92 -20.42 -38.47
N THR A 177 45.65 -21.39 -37.59
CA THR A 177 46.50 -21.66 -36.45
C THR A 177 47.25 -22.98 -36.53
N SER A 178 46.83 -23.88 -37.41
CA SER A 178 47.49 -25.18 -37.56
C SER A 178 46.98 -25.83 -38.84
N MET A 179 47.72 -26.84 -39.29
CA MET A 179 47.31 -27.59 -40.48
C MET A 179 45.99 -28.30 -40.25
N GLY A 180 45.77 -28.82 -39.04
CA GLY A 180 44.52 -29.49 -38.73
C GLY A 180 43.32 -28.58 -38.86
N VAL A 181 43.45 -27.34 -38.42
CA VAL A 181 42.35 -26.39 -38.53
C VAL A 181 42.16 -25.93 -39.97
N VAL A 182 43.26 -25.72 -40.69
CA VAL A 182 43.16 -25.25 -42.07
C VAL A 182 42.50 -26.30 -42.95
N GLU A 183 42.83 -27.58 -42.73
CA GLU A 183 42.19 -28.64 -43.50
C GLU A 183 40.71 -28.77 -43.13
N TRP A 184 40.41 -28.78 -41.83
CA TRP A 184 39.03 -28.77 -41.38
C TRP A 184 38.25 -27.60 -41.98
N ALA A 185 38.90 -26.43 -42.06
CA ALA A 185 38.22 -25.26 -42.64
C ALA A 185 38.06 -25.39 -44.15
N ALA A 186 38.99 -26.09 -44.80
CA ALA A 186 38.91 -26.27 -46.25
C ALA A 186 37.71 -27.14 -46.62
N LYS A 187 37.45 -28.19 -45.83
CA LYS A 187 36.32 -29.07 -46.13
C LYS A 187 34.99 -28.35 -45.96
N LYS A 188 34.93 -27.32 -45.14
CA LYS A 188 33.71 -26.54 -44.94
C LYS A 188 33.64 -25.31 -45.84
N GLY A 189 34.67 -25.03 -46.62
CA GLY A 189 34.66 -23.85 -47.48
C GLY A 189 34.62 -22.53 -46.73
N LEU A 190 35.17 -22.50 -45.52
CA LEU A 190 35.16 -21.31 -44.67
C LEU A 190 36.43 -20.47 -44.89
N PRO A 191 36.31 -19.15 -44.88
CA PRO A 191 37.47 -18.30 -45.16
C PRO A 191 38.42 -18.20 -43.98
N LEU A 192 39.69 -17.99 -44.30
CA LEU A 192 40.77 -17.95 -43.32
C LEU A 192 41.10 -16.51 -42.94
N THR A 193 41.47 -16.32 -41.68
CA THR A 193 42.21 -15.15 -41.22
C THR A 193 43.60 -15.62 -40.82
N TYR A 194 44.62 -14.99 -41.38
CA TYR A 194 45.99 -15.41 -41.11
C TYR A 194 46.51 -14.76 -39.84
N ARG A 195 47.29 -15.53 -39.07
CA ARG A 195 47.96 -14.98 -37.89
C ARG A 195 48.94 -13.91 -38.32
N TRP A 196 48.76 -12.69 -37.80
CA TRP A 196 49.62 -11.58 -38.21
C TRP A 196 51.09 -11.87 -37.92
N SER A 197 51.38 -12.58 -36.83
CA SER A 197 52.75 -12.79 -36.38
C SER A 197 53.44 -13.95 -37.07
N ASP A 198 52.77 -14.69 -37.95
CA ASP A 198 53.40 -15.80 -38.65
C ASP A 198 54.28 -15.30 -39.78
N THR A 199 55.20 -16.17 -40.21
CA THR A 199 56.03 -15.85 -41.36
C THR A 199 55.22 -15.94 -42.64
N LEU A 200 55.75 -15.33 -43.71
CA LEU A 200 55.08 -15.40 -45.01
C LEU A 200 55.03 -16.83 -45.52
N ALA A 201 56.15 -17.56 -45.41
CA ALA A 201 56.17 -18.95 -45.85
C ALA A 201 55.11 -19.79 -45.14
N GLU A 202 54.91 -19.55 -43.84
CA GLU A 202 53.89 -20.28 -43.09
C GLU A 202 52.49 -20.02 -43.66
N LYS A 203 52.20 -18.76 -43.98
CA LYS A 203 50.88 -18.43 -44.52
C LYS A 203 50.69 -19.02 -45.91
N GLU A 204 51.73 -18.97 -46.75
CA GLU A 204 51.62 -19.56 -48.09
C GLU A 204 51.44 -21.06 -48.01
N ASN A 205 52.11 -21.72 -47.06
CA ASN A 205 51.93 -23.15 -46.88
C ASN A 205 50.52 -23.47 -46.40
N TYR A 206 49.95 -22.61 -45.55
CA TYR A 206 48.56 -22.80 -45.13
C TYR A 206 47.62 -22.69 -46.34
N TYR A 207 47.84 -21.66 -47.17
CA TYR A 207 46.96 -21.44 -48.32
C TYR A 207 47.08 -22.58 -49.32
N GLN A 208 48.30 -23.06 -49.57
CA GLN A 208 48.48 -24.17 -50.51
C GLN A 208 47.84 -25.45 -49.98
N ARG A 209 47.92 -25.69 -48.67
CA ARG A 209 47.22 -26.83 -48.09
C ARG A 209 45.71 -26.65 -48.17
N TYR A 210 45.22 -25.41 -48.07
CA TYR A 210 43.80 -25.14 -48.20
C TYR A 210 43.31 -25.45 -49.61
N LEU A 211 44.05 -25.03 -50.62
CA LEU A 211 43.69 -25.34 -52.00
C LEU A 211 43.70 -26.84 -52.25
N THR A 212 44.71 -27.53 -51.75
CA THR A 212 44.83 -28.97 -52.00
C THR A 212 43.66 -29.74 -51.40
N VAL A 213 43.37 -29.49 -50.12
CA VAL A 213 42.31 -30.25 -49.44
C VAL A 213 40.96 -29.94 -50.05
N ALA A 214 40.72 -28.69 -50.43
CA ALA A 214 39.44 -28.32 -51.03
C ALA A 214 39.25 -29.00 -52.38
N ALA A 215 40.32 -29.06 -53.20
CA ALA A 215 40.23 -29.74 -54.47
C ALA A 215 39.96 -31.23 -54.29
N GLU A 216 40.61 -31.85 -53.30
CA GLU A 216 40.42 -33.28 -53.06
C GLU A 216 39.00 -33.59 -52.64
N ASN A 217 38.30 -32.65 -52.00
CA ASN A 217 36.95 -32.88 -51.51
C ASN A 217 35.88 -32.20 -52.36
N ASN A 218 36.25 -31.71 -53.56
CA ASN A 218 35.29 -31.12 -54.49
C ASN A 218 34.52 -29.97 -53.85
N VAL A 219 35.23 -29.15 -53.07
CA VAL A 219 34.64 -28.00 -52.38
C VAL A 219 34.89 -26.75 -53.23
N ASP A 220 33.82 -26.00 -53.50
CA ASP A 220 33.91 -24.78 -54.31
C ASP A 220 34.46 -23.64 -53.45
N ILE A 221 35.67 -23.20 -53.75
CA ILE A 221 36.33 -22.13 -53.01
C ILE A 221 36.65 -20.93 -53.89
N THR A 222 35.93 -20.76 -54.99
CA THR A 222 36.25 -19.69 -55.93
C THR A 222 36.00 -18.31 -55.32
N HIS A 223 35.03 -18.20 -54.40
CA HIS A 223 34.64 -16.91 -53.85
C HIS A 223 35.00 -16.76 -52.37
N VAL A 224 35.76 -17.71 -51.82
CA VAL A 224 36.20 -17.63 -50.43
C VAL A 224 37.15 -16.46 -50.27
N ASP A 225 36.82 -15.54 -49.35
CA ASP A 225 37.54 -14.28 -49.17
C ASP A 225 38.43 -14.37 -47.93
N HIS A 226 39.63 -14.89 -48.11
CA HIS A 226 40.60 -14.96 -47.02
C HIS A 226 41.05 -13.56 -46.62
N GLN A 227 41.53 -13.45 -45.39
CA GLN A 227 41.85 -12.16 -44.78
C GLN A 227 43.30 -12.12 -44.32
N PHE A 228 43.96 -10.99 -44.59
CA PHE A 228 45.37 -10.80 -44.24
C PHE A 228 45.52 -9.58 -43.35
N PRO A 229 45.80 -9.73 -42.06
CA PRO A 229 46.06 -8.56 -41.19
C PRO A 229 47.45 -8.00 -41.44
N LEU A 230 47.51 -6.73 -41.82
CA LEU A 230 48.76 -6.07 -42.21
C LEU A 230 49.08 -4.96 -41.22
N LEU A 231 50.23 -5.08 -40.56
CA LEU A 231 50.75 -4.00 -39.73
C LEU A 231 51.43 -2.95 -40.60
N VAL A 232 51.20 -1.68 -40.27
CA VAL A 232 51.68 -0.56 -41.08
C VAL A 232 52.38 0.44 -40.17
N ASN A 233 53.55 0.92 -40.60
CA ASN A 233 54.25 2.00 -39.91
C ASN A 233 55.00 2.78 -40.97
N ILE A 234 54.46 3.95 -41.34
CA ILE A 234 55.04 4.81 -42.36
C ILE A 234 55.63 6.03 -41.67
N ASN A 235 56.92 6.28 -41.88
CA ASN A 235 57.61 7.41 -41.28
C ASN A 235 58.65 7.92 -42.26
N PRO A 236 58.78 9.24 -42.41
CA PRO A 236 59.85 9.78 -43.28
C PRO A 236 61.24 9.26 -42.95
N ASP A 237 61.51 8.96 -41.67
CA ASP A 237 62.76 8.35 -41.26
C ASP A 237 62.52 6.84 -41.21
N ARG A 238 63.16 6.11 -42.14
CA ARG A 238 63.00 4.66 -42.19
C ARG A 238 63.47 3.99 -40.90
N ASP A 239 64.48 4.53 -40.24
CA ASP A 239 65.00 3.90 -39.03
C ASP A 239 64.06 4.09 -37.85
N ILE A 240 63.36 5.23 -37.79
CA ILE A 240 62.38 5.45 -36.73
C ILE A 240 61.22 4.47 -36.86
N ALA A 241 60.70 4.30 -38.09
CA ALA A 241 59.57 3.40 -38.30
C ALA A 241 59.92 1.96 -37.97
N LYS A 242 61.16 1.55 -38.27
CA LYS A 242 61.57 0.18 -37.97
C LYS A 242 61.74 -0.04 -36.47
N GLN A 243 62.15 0.99 -35.73
CA GLN A 243 62.33 0.83 -34.29
C GLN A 243 61.00 0.81 -33.55
N GLU A 244 60.07 1.68 -33.96
CA GLU A 244 58.74 1.69 -33.34
C GLU A 244 58.03 0.36 -33.53
N MET A 245 58.22 -0.28 -34.68
CA MET A 245 57.61 -1.59 -34.92
C MET A 245 58.33 -2.68 -34.12
N ARG A 246 59.65 -2.56 -33.96
CA ARG A 246 60.39 -3.52 -33.15
C ARG A 246 59.93 -3.46 -31.70
N ASP A 247 59.73 -2.26 -31.18
CA ASP A 247 59.27 -2.09 -29.80
C ASP A 247 57.83 -2.51 -29.61
N TYR A 248 57.04 -2.58 -30.69
CA TYR A 248 55.63 -2.92 -30.59
C TYR A 248 55.43 -4.43 -30.50
N ILE A 249 56.20 -5.21 -31.27
CA ILE A 249 55.94 -6.63 -31.42
C ILE A 249 56.88 -7.50 -30.59
N ARG A 250 57.95 -6.93 -30.04
CA ARG A 250 58.98 -7.75 -29.39
C ARG A 250 58.40 -8.56 -28.23
N GLY A 251 57.62 -7.90 -27.36
CA GLY A 251 57.05 -8.61 -26.22
C GLY A 251 56.18 -9.78 -26.63
N TYR A 252 55.30 -9.57 -27.61
CA TYR A 252 54.41 -10.65 -28.04
C TYR A 252 55.18 -11.79 -28.68
N ILE A 253 56.19 -11.48 -29.51
CA ILE A 253 56.97 -12.53 -30.15
C ILE A 253 57.64 -13.41 -29.10
N ALA A 254 58.20 -12.79 -28.05
CA ALA A 254 58.79 -13.56 -26.96
C ALA A 254 57.73 -14.40 -26.25
N GLU A 255 56.50 -13.89 -26.16
CA GLU A 255 55.44 -14.60 -25.45
C GLU A 255 54.85 -15.73 -26.28
N ALA A 256 54.53 -15.46 -27.55
CA ALA A 256 53.80 -16.41 -28.36
C ALA A 256 54.69 -17.35 -29.17
N TYR A 257 55.95 -16.99 -29.41
CA TYR A 257 56.88 -17.81 -30.17
C TYR A 257 58.17 -18.00 -29.38
N PRO A 258 58.10 -18.67 -28.24
CA PRO A 258 59.28 -18.71 -27.35
C PRO A 258 60.41 -19.60 -27.86
N ASN A 259 60.11 -20.65 -28.62
CA ASN A 259 61.11 -21.61 -29.05
C ASN A 259 61.67 -21.31 -30.44
N THR A 260 61.67 -20.04 -30.85
CA THR A 260 62.18 -19.65 -32.15
C THR A 260 63.24 -18.57 -31.97
N ASP A 261 64.04 -18.37 -33.01
CA ASP A 261 65.00 -17.29 -33.03
C ASP A 261 64.28 -15.94 -33.02
N GLN A 262 64.35 -15.23 -31.89
CA GLN A 262 63.59 -14.00 -31.73
C GLN A 262 63.99 -12.96 -32.78
N GLU A 263 65.30 -12.80 -33.01
CA GLU A 263 65.74 -11.71 -33.88
C GLU A 263 65.40 -11.99 -35.34
N GLU A 264 65.54 -13.24 -35.78
CA GLU A 264 65.16 -13.59 -37.15
C GLU A 264 63.66 -13.42 -37.35
N LYS A 265 62.87 -13.88 -36.37
CA LYS A 265 61.42 -13.74 -36.44
C LYS A 265 61.01 -12.29 -36.62
N ILE A 266 61.61 -11.38 -35.85
CA ILE A 266 61.23 -9.97 -35.91
C ILE A 266 61.57 -9.39 -37.28
N GLU A 267 62.80 -9.64 -37.76
CA GLU A 267 63.22 -9.07 -39.04
C GLU A 267 62.37 -9.59 -40.18
N GLU A 268 62.00 -10.87 -40.15
CA GLU A 268 61.10 -11.41 -41.17
C GLU A 268 59.77 -10.68 -41.16
N LEU A 269 59.28 -10.32 -39.98
CA LEU A 269 58.02 -9.58 -39.89
C LEU A 269 58.17 -8.15 -40.37
N ILE A 270 59.35 -7.54 -40.14
CA ILE A 270 59.61 -6.21 -40.64
C ILE A 270 59.61 -6.21 -42.17
N LYS A 271 60.10 -7.30 -42.77
CA LYS A 271 60.09 -7.41 -44.23
C LYS A 271 58.70 -7.68 -44.76
N GLN A 272 57.96 -8.58 -44.09
CA GLN A 272 56.66 -9.03 -44.60
C GLN A 272 55.64 -7.91 -44.59
N HIS A 273 55.59 -7.12 -43.52
CA HIS A 273 54.60 -6.07 -43.39
C HIS A 273 55.11 -4.78 -44.03
N ALA A 274 54.42 -3.67 -43.79
CA ALA A 274 54.72 -2.39 -44.44
C ALA A 274 55.35 -1.47 -43.39
N VAL A 275 56.68 -1.50 -43.32
CA VAL A 275 57.45 -0.72 -42.36
C VAL A 275 58.53 0.01 -43.13
N GLY A 276 58.36 1.33 -43.29
CA GLY A 276 59.34 2.13 -44.02
C GLY A 276 58.82 3.52 -44.26
N THR A 277 59.22 4.09 -45.40
CA THR A 277 58.80 5.41 -45.81
C THR A 277 57.61 5.32 -46.75
N GLU A 278 56.98 6.46 -47.01
CA GLU A 278 55.78 6.46 -47.85
C GLU A 278 56.11 6.24 -49.32
N ASP A 279 57.36 6.48 -49.73
CA ASP A 279 57.73 6.36 -51.13
C ASP A 279 58.23 4.97 -51.49
N GLU A 280 58.27 4.04 -50.55
CA GLU A 280 58.68 2.69 -50.84
C GLU A 280 57.55 1.93 -51.52
N TYR A 281 57.90 0.76 -52.07
CA TYR A 281 56.97 0.02 -52.92
C TYR A 281 56.18 -1.03 -52.13
N TYR A 282 56.84 -1.69 -51.16
CA TYR A 282 56.25 -2.77 -50.38
C TYR A 282 55.71 -3.88 -51.27
N GLU A 283 56.60 -4.37 -52.15
CA GLU A 283 56.27 -5.50 -53.00
C GLU A 283 56.24 -6.81 -52.23
N SER A 284 56.93 -6.88 -51.08
CA SER A 284 56.84 -8.06 -50.23
C SER A 284 55.45 -8.21 -49.62
N SER A 285 54.79 -7.08 -49.34
CA SER A 285 53.43 -7.14 -48.78
C SER A 285 52.42 -7.48 -49.86
N LYS A 286 52.62 -6.97 -51.08
CA LYS A 286 51.74 -7.31 -52.19
C LYS A 286 51.87 -8.79 -52.55
N TYR A 287 53.10 -9.29 -52.63
CA TYR A 287 53.32 -10.72 -52.79
C TYR A 287 52.62 -11.53 -51.70
N ALA A 288 52.68 -11.03 -50.45
CA ALA A 288 52.03 -11.74 -49.35
C ALA A 288 50.53 -11.91 -49.60
N LEU A 289 49.87 -10.83 -50.02
CA LEU A 289 48.44 -10.90 -50.30
C LEU A 289 48.13 -11.89 -51.42
N GLU A 290 48.84 -11.78 -52.54
CA GLU A 290 48.55 -12.61 -53.71
C GLU A 290 48.73 -14.09 -53.41
N LYS A 291 49.83 -14.45 -52.74
CA LYS A 291 50.15 -15.85 -52.53
C LYS A 291 49.40 -16.47 -51.36
N THR A 292 48.58 -15.70 -50.65
CA THR A 292 47.71 -16.24 -49.62
C THR A 292 46.23 -16.13 -50.00
N GLY A 293 45.94 -15.80 -51.25
CA GLY A 293 44.56 -15.67 -51.70
C GLY A 293 43.75 -14.66 -50.94
N SER A 294 44.40 -13.68 -50.31
CA SER A 294 43.69 -12.72 -49.47
C SER A 294 42.92 -11.73 -50.34
N LYS A 295 41.61 -11.66 -50.13
CA LYS A 295 40.77 -10.66 -50.78
C LYS A 295 40.36 -9.53 -49.84
N ASN A 296 40.62 -9.66 -48.55
CA ASN A 296 40.44 -8.59 -47.58
C ASN A 296 41.78 -8.33 -46.90
N VAL A 297 42.13 -7.05 -46.77
CA VAL A 297 43.33 -6.65 -46.06
C VAL A 297 42.93 -5.78 -44.87
N LEU A 298 43.42 -6.12 -43.69
CA LEU A 298 43.09 -5.43 -42.45
C LEU A 298 44.32 -4.67 -41.97
N LEU A 299 44.18 -3.37 -41.75
CA LEU A 299 45.30 -2.50 -41.43
C LEU A 299 45.34 -2.17 -39.95
N SER A 300 46.55 -2.06 -39.40
CA SER A 300 46.77 -1.57 -38.05
C SER A 300 47.96 -0.63 -38.06
N PHE A 301 47.75 0.59 -37.58
CA PHE A 301 48.79 1.61 -37.52
C PHE A 301 49.27 1.85 -36.10
N GLU A 302 49.07 0.87 -35.21
CA GLU A 302 49.17 1.10 -33.78
C GLU A 302 50.61 1.26 -33.29
N SER A 303 51.62 0.91 -34.08
CA SER A 303 53.00 1.09 -33.66
C SER A 303 53.48 2.51 -33.87
N MET A 304 52.79 3.31 -34.67
CA MET A 304 53.20 4.68 -34.93
C MET A 304 52.91 5.55 -33.72
N LYS A 305 53.91 6.33 -33.30
CA LYS A 305 53.79 7.10 -32.07
C LYS A 305 53.14 8.47 -32.30
N ASN A 306 52.92 8.86 -33.55
CA ASN A 306 52.29 10.13 -33.87
C ASN A 306 50.89 9.81 -34.39
N LYS A 307 49.89 10.13 -33.57
CA LYS A 307 48.51 9.80 -33.92
C LYS A 307 48.00 10.66 -35.07
N ALA A 308 48.52 11.88 -35.20
CA ALA A 308 48.11 12.75 -36.30
C ALA A 308 48.68 12.25 -37.62
N ALA A 309 49.88 11.66 -37.60
CA ALA A 309 50.43 11.04 -38.79
C ALA A 309 49.61 9.82 -39.19
N VAL A 310 49.01 9.14 -38.22
CA VAL A 310 48.18 7.97 -38.52
C VAL A 310 46.93 8.38 -39.26
N ILE A 311 46.26 9.45 -38.79
CA ILE A 311 45.06 9.93 -39.46
C ILE A 311 45.38 10.40 -40.88
N ASP A 312 46.49 11.12 -41.04
CA ASP A 312 46.93 11.52 -42.37
C ASP A 312 47.12 10.31 -43.28
N LEU A 313 47.72 9.24 -42.76
CA LEU A 313 47.92 8.04 -43.55
C LEU A 313 46.59 7.38 -43.90
N ILE A 314 45.66 7.35 -42.94
CA ILE A 314 44.34 6.78 -43.19
C ILE A 314 43.66 7.49 -44.35
N ASN A 315 43.78 8.81 -44.41
CA ASN A 315 43.16 9.57 -45.50
C ASN A 315 43.86 9.28 -46.83
N MET A 316 45.17 9.07 -46.80
CA MET A 316 45.91 8.72 -48.02
C MET A 316 45.46 7.37 -48.54
N VAL A 317 45.38 6.37 -47.67
CA VAL A 317 44.87 5.06 -48.06
C VAL A 317 43.44 5.17 -48.57
N ASN A 318 42.61 5.94 -47.86
CA ASN A 318 41.20 6.07 -48.24
C ASN A 318 41.04 6.64 -49.65
N GLU A 319 41.86 7.63 -50.00
CA GLU A 319 41.75 8.22 -51.34
C GLU A 319 42.14 7.22 -52.42
N LYS A 320 43.16 6.41 -52.16
CA LYS A 320 43.57 5.37 -53.11
C LYS A 320 42.54 4.27 -53.25
N ILE A 321 41.70 4.06 -52.22
CA ILE A 321 40.66 3.03 -52.32
C ILE A 321 39.63 3.42 -53.37
N LYS A 322 39.21 4.67 -53.39
CA LYS A 322 38.28 5.15 -54.41
C LYS A 322 38.99 5.59 -55.68
N LYS A 323 40.21 5.10 -55.92
CA LYS A 323 40.91 5.26 -57.19
C LYS A 323 41.12 6.72 -57.57
N MET B 1 14.85 9.14 -3.48
CA MET B 1 14.59 8.01 -4.36
C MET B 1 15.21 8.23 -5.73
N ASN B 2 16.04 7.29 -6.16
CA ASN B 2 16.63 7.33 -7.49
C ASN B 2 15.78 6.51 -8.46
N PHE B 3 15.73 6.95 -9.71
CA PHE B 3 14.90 6.35 -10.72
C PHE B 3 15.74 5.80 -11.87
N GLY B 4 15.26 4.71 -12.45
CA GLY B 4 15.93 4.09 -13.56
C GLY B 4 14.98 3.20 -14.33
N LEU B 5 15.53 2.46 -15.28
CA LEU B 5 14.77 1.55 -16.11
C LEU B 5 15.34 0.14 -16.00
N PHE B 6 14.50 -0.85 -16.31
CA PHE B 6 14.96 -2.21 -16.48
C PHE B 6 14.11 -2.88 -17.54
N PHE B 7 14.70 -3.83 -18.26
CA PHE B 7 14.07 -4.45 -19.42
C PHE B 7 14.11 -5.97 -19.28
N LEU B 8 12.93 -6.59 -19.34
CA LEU B 8 12.84 -8.05 -19.30
C LEU B 8 12.88 -8.67 -20.70
N ASN B 9 12.50 -7.90 -21.72
CA ASN B 9 12.57 -8.34 -23.12
C ASN B 9 11.83 -9.67 -23.34
N PHE B 10 10.56 -9.67 -22.99
CA PHE B 10 9.69 -10.81 -23.24
C PHE B 10 9.19 -10.79 -24.68
N GLN B 11 9.29 -11.93 -25.36
CA GLN B 11 8.80 -12.05 -26.73
C GLN B 11 7.49 -12.83 -26.69
N LEU B 12 6.38 -12.09 -26.65
CA LEU B 12 5.05 -12.65 -26.56
C LEU B 12 4.60 -13.18 -27.93
N LYS B 13 3.46 -13.87 -27.91
CA LYS B 13 2.89 -14.50 -29.09
C LYS B 13 2.71 -13.48 -30.21
N GLY B 14 3.30 -13.78 -31.37
CA GLY B 14 3.20 -12.89 -32.51
C GLY B 14 4.27 -11.82 -32.60
N MET B 15 4.96 -11.52 -31.50
CA MET B 15 6.00 -10.52 -31.54
C MET B 15 7.27 -11.14 -32.10
N THR B 16 8.05 -10.31 -32.77
CA THR B 16 9.34 -10.72 -33.29
C THR B 16 10.44 -10.29 -32.31
N SER B 17 11.57 -11.00 -32.38
CA SER B 17 12.71 -10.65 -31.55
C SER B 17 13.20 -9.24 -31.84
N GLU B 18 13.09 -8.79 -33.10
CA GLU B 18 13.58 -7.48 -33.47
C GLU B 18 12.76 -6.37 -32.81
N ALA B 19 11.44 -6.51 -32.79
CA ALA B 19 10.60 -5.51 -32.15
C ALA B 19 10.91 -5.37 -30.66
N VAL B 20 11.15 -6.50 -29.99
CA VAL B 20 11.43 -6.47 -28.56
C VAL B 20 12.72 -5.72 -28.27
N LEU B 21 13.78 -6.04 -29.02
CA LEU B 21 15.06 -5.39 -28.77
C LEU B 21 15.07 -3.95 -29.26
N ASP B 22 14.33 -3.65 -30.33
CA ASP B 22 14.22 -2.27 -30.78
C ASP B 22 13.54 -1.38 -29.73
N ASN B 23 12.59 -1.94 -28.98
CA ASN B 23 11.93 -1.17 -27.94
C ASN B 23 12.90 -0.75 -26.85
N MET B 24 13.73 -1.70 -26.38
CA MET B 24 14.76 -1.37 -25.39
C MET B 24 15.71 -0.31 -25.92
N ILE B 25 16.18 -0.48 -27.15
CA ILE B 25 17.19 0.42 -27.71
C ILE B 25 16.62 1.82 -27.86
N ASP B 26 15.38 1.95 -28.34
CA ASP B 26 14.80 3.26 -28.58
C ASP B 26 14.43 3.95 -27.28
N THR B 27 13.97 3.18 -26.28
CA THR B 27 13.66 3.77 -24.98
C THR B 27 14.90 4.31 -24.29
N ILE B 28 16.01 3.59 -24.39
CA ILE B 28 17.25 4.04 -23.75
C ILE B 28 17.82 5.23 -24.50
N ALA B 29 17.72 5.24 -25.83
CA ALA B 29 18.21 6.39 -26.60
C ALA B 29 17.42 7.65 -26.26
N LEU B 30 16.10 7.53 -26.09
CA LEU B 30 15.28 8.69 -25.76
C LEU B 30 15.59 9.19 -24.35
N VAL B 31 15.67 8.27 -23.38
CA VAL B 31 15.85 8.66 -21.99
C VAL B 31 17.27 9.19 -21.74
N ASP B 32 18.22 8.83 -22.61
CA ASP B 32 19.60 9.26 -22.42
C ASP B 32 19.78 10.76 -22.61
N LYS B 33 18.84 11.45 -23.25
CA LYS B 33 18.99 12.89 -23.45
C LYS B 33 18.89 13.62 -22.11
N ASP B 34 19.53 14.80 -22.06
CA ASP B 34 19.81 15.46 -20.78
C ASP B 34 18.55 15.88 -20.04
N GLU B 35 17.46 16.17 -20.75
CA GLU B 35 16.26 16.66 -20.07
C GLU B 35 15.64 15.62 -19.13
N TYR B 36 16.06 14.37 -19.21
CA TYR B 36 15.50 13.31 -18.38
C TYR B 36 16.34 13.14 -17.13
N HIS B 37 15.69 12.67 -16.07
CA HIS B 37 16.29 12.52 -14.75
C HIS B 37 16.42 11.06 -14.32
N PHE B 38 16.10 10.12 -15.19
CA PHE B 38 16.50 8.73 -14.97
C PHE B 38 18.01 8.63 -15.06
N LYS B 39 18.60 7.86 -14.15
CA LYS B 39 20.05 7.76 -14.05
C LYS B 39 20.62 6.44 -14.50
N THR B 40 19.87 5.35 -14.38
CA THR B 40 20.38 4.02 -14.68
C THR B 40 19.43 3.27 -15.60
N ALA B 41 19.93 2.16 -16.13
CA ALA B 41 19.14 1.27 -16.97
C ALA B 41 19.78 -0.12 -16.90
N PHE B 42 18.95 -1.15 -16.77
CA PHE B 42 19.43 -2.50 -16.52
C PHE B 42 18.82 -3.48 -17.52
N VAL B 43 19.58 -4.52 -17.83
CA VAL B 43 19.19 -5.56 -18.78
C VAL B 43 19.15 -6.89 -18.04
N ASN B 44 18.06 -7.63 -18.21
CA ASN B 44 17.87 -8.90 -17.51
C ASN B 44 18.39 -10.06 -18.34
N GLU B 45 18.85 -11.10 -17.65
CA GLU B 45 19.39 -12.29 -18.27
C GLU B 45 18.38 -13.44 -18.20
N HIS B 46 18.24 -14.16 -19.30
CA HIS B 46 17.36 -15.32 -19.35
C HIS B 46 17.78 -16.22 -20.50
N HIS B 47 17.53 -17.52 -20.34
CA HIS B 47 17.94 -18.53 -21.32
C HIS B 47 16.79 -19.47 -21.64
N PHE B 48 16.76 -19.92 -22.90
CA PHE B 48 16.09 -21.15 -23.34
C PHE B 48 14.58 -21.02 -23.46
N SER B 49 14.03 -19.81 -23.48
CA SER B 49 12.62 -19.61 -23.81
C SER B 49 12.43 -18.15 -24.21
N LYS B 50 11.24 -17.85 -24.72
CA LYS B 50 10.92 -16.50 -25.17
C LYS B 50 10.54 -15.58 -24.01
N ASN B 51 10.52 -16.08 -22.77
CA ASN B 51 10.27 -15.24 -21.60
C ASN B 51 11.55 -14.55 -21.15
N GLY B 52 12.10 -13.76 -22.06
CA GLY B 52 13.39 -13.12 -21.85
C GLY B 52 14.40 -13.62 -22.86
N ILE B 53 14.65 -12.82 -23.91
CA ILE B 53 15.42 -13.27 -25.05
C ILE B 53 16.87 -12.77 -25.02
N VAL B 54 17.27 -12.09 -23.94
CA VAL B 54 18.63 -11.61 -23.79
C VAL B 54 19.38 -12.58 -22.88
N GLY B 55 20.27 -13.38 -23.48
CA GLY B 55 21.06 -14.34 -22.73
C GLY B 55 22.38 -13.82 -22.21
N ALA B 56 22.78 -12.62 -22.62
CA ALA B 56 24.09 -12.06 -22.23
C ALA B 56 23.91 -10.59 -21.92
N PRO B 57 23.50 -10.27 -20.68
CA PRO B 57 23.17 -8.87 -20.37
C PRO B 57 24.37 -7.94 -20.43
N MET B 58 25.57 -8.42 -20.13
CA MET B 58 26.74 -7.54 -20.21
C MET B 58 27.08 -7.20 -21.65
N THR B 59 26.82 -8.12 -22.59
CA THR B 59 27.00 -7.80 -24.00
C THR B 59 25.97 -6.80 -24.48
N ALA B 60 24.72 -6.94 -24.03
CA ALA B 60 23.68 -5.98 -24.40
C ALA B 60 23.95 -4.61 -23.80
N ALA B 61 24.35 -4.57 -22.52
CA ALA B 61 24.73 -3.31 -21.89
C ALA B 61 25.87 -2.65 -22.63
N SER B 62 26.83 -3.44 -23.11
CA SER B 62 27.96 -2.90 -23.87
C SER B 62 27.48 -2.12 -25.08
N PHE B 63 26.62 -2.74 -25.90
CA PHE B 63 26.04 -2.04 -27.05
C PHE B 63 25.34 -0.77 -26.62
N LEU B 64 24.50 -0.87 -25.58
CA LEU B 64 23.76 0.30 -25.11
C LEU B 64 24.70 1.38 -24.58
N LEU B 65 25.79 0.98 -23.93
CA LEU B 65 26.78 1.96 -23.47
C LEU B 65 27.45 2.67 -24.64
N GLY B 66 27.78 1.93 -25.70
CA GLY B 66 28.32 2.56 -26.89
C GLY B 66 27.36 3.51 -27.55
N LEU B 67 26.05 3.26 -27.40
CA LEU B 67 25.02 4.07 -28.04
C LEU B 67 24.69 5.33 -27.26
N THR B 68 25.05 5.42 -25.99
CA THR B 68 24.59 6.50 -25.11
C THR B 68 25.76 7.32 -24.59
N GLU B 69 25.41 8.37 -23.84
CA GLU B 69 26.39 9.33 -23.32
C GLU B 69 26.16 9.72 -21.87
N ARG B 70 24.93 9.68 -21.35
CA ARG B 70 24.63 10.14 -20.00
C ARG B 70 24.32 9.00 -19.04
N LEU B 71 23.41 8.11 -19.43
CA LEU B 71 22.97 7.03 -18.55
C LEU B 71 24.12 6.12 -18.14
N HIS B 72 24.01 5.55 -16.95
CA HIS B 72 24.82 4.41 -16.54
C HIS B 72 24.01 3.15 -16.78
N ILE B 73 24.61 2.17 -17.44
CA ILE B 73 23.90 0.98 -17.86
C ILE B 73 24.66 -0.25 -17.38
N GLY B 74 23.92 -1.30 -17.06
CA GLY B 74 24.55 -2.53 -16.61
C GLY B 74 23.60 -3.71 -16.68
N SER B 75 24.11 -4.85 -16.23
CA SER B 75 23.31 -6.06 -16.10
C SER B 75 22.49 -6.00 -14.83
N LEU B 76 21.28 -6.58 -14.89
CA LEU B 76 20.43 -6.69 -13.71
C LEU B 76 20.72 -7.94 -12.88
N ASN B 77 21.08 -9.04 -13.54
CA ASN B 77 21.20 -10.31 -12.84
C ASN B 77 22.16 -11.27 -13.55
N GLN B 78 23.37 -10.79 -13.85
CA GLN B 78 24.39 -11.64 -14.46
C GLN B 78 24.65 -12.86 -13.57
N VAL B 79 24.27 -14.04 -14.05
CA VAL B 79 24.42 -15.26 -13.25
C VAL B 79 25.88 -15.70 -13.29
N ILE B 80 26.52 -15.71 -12.12
CA ILE B 80 27.94 -16.07 -12.05
C ILE B 80 28.17 -17.54 -11.74
N THR B 81 27.20 -18.23 -11.15
CA THR B 81 27.42 -19.61 -10.73
C THR B 81 27.57 -20.56 -11.91
N THR B 82 27.07 -20.20 -13.09
CA THR B 82 27.19 -21.02 -14.28
C THR B 82 28.17 -20.43 -15.28
N HIS B 83 28.90 -19.39 -14.91
CA HIS B 83 29.83 -18.68 -15.78
C HIS B 83 31.22 -18.74 -15.16
N HIS B 84 32.20 -18.20 -15.87
CA HIS B 84 33.56 -18.21 -15.34
C HIS B 84 33.88 -16.86 -14.73
N PRO B 85 34.39 -16.82 -13.50
CA PRO B 85 34.62 -15.52 -12.85
C PRO B 85 35.70 -14.69 -13.52
N VAL B 86 36.74 -15.33 -14.07
CA VAL B 86 37.80 -14.58 -14.72
C VAL B 86 37.27 -13.89 -15.98
N ARG B 87 36.41 -14.57 -16.72
CA ARG B 87 35.83 -13.97 -17.92
C ARG B 87 34.94 -12.78 -17.58
N ILE B 88 34.11 -12.92 -16.54
CA ILE B 88 33.25 -11.80 -16.14
C ILE B 88 34.09 -10.62 -15.67
N ALA B 89 35.11 -10.90 -14.85
CA ALA B 89 36.01 -9.83 -14.40
C ALA B 89 36.66 -9.11 -15.58
N GLU B 90 37.03 -9.85 -16.62
CA GLU B 90 37.63 -9.22 -17.79
C GLU B 90 36.64 -8.34 -18.52
N GLU B 91 35.38 -8.78 -18.62
CA GLU B 91 34.37 -7.98 -19.31
C GLU B 91 34.00 -6.73 -18.51
N ALA B 92 33.91 -6.86 -17.18
CA ALA B 92 33.57 -5.72 -16.35
C ALA B 92 34.64 -4.64 -16.42
N SER B 93 35.91 -5.04 -16.34
CA SER B 93 36.99 -4.06 -16.44
C SER B 93 37.01 -3.39 -17.81
N LEU B 94 36.74 -4.16 -18.87
CA LEU B 94 36.71 -3.59 -20.21
C LEU B 94 35.59 -2.57 -20.35
N LEU B 95 34.39 -2.91 -19.86
CA LEU B 95 33.27 -1.99 -19.95
C LEU B 95 33.49 -0.75 -19.07
N ASP B 96 34.06 -0.95 -17.88
CA ASP B 96 34.44 0.19 -17.05
C ASP B 96 35.38 1.12 -17.81
N GLN B 97 36.36 0.55 -18.53
CA GLN B 97 37.32 1.35 -19.28
C GLN B 97 36.67 2.01 -20.49
N MET B 98 35.97 1.22 -21.32
CA MET B 98 35.47 1.75 -22.59
C MET B 98 34.37 2.78 -22.39
N SER B 99 33.54 2.63 -21.36
CA SER B 99 32.41 3.53 -21.14
C SER B 99 32.73 4.65 -20.15
N ASP B 100 33.98 4.74 -19.67
CA ASP B 100 34.40 5.77 -18.74
C ASP B 100 33.61 5.72 -17.43
N GLY B 101 33.49 4.51 -16.89
CA GLY B 101 32.92 4.33 -15.57
C GLY B 101 31.40 4.31 -15.51
N ARG B 102 30.72 3.94 -16.58
CA ARG B 102 29.27 3.97 -16.62
C ARG B 102 28.64 2.58 -16.51
N PHE B 103 29.43 1.53 -16.35
CA PHE B 103 28.91 0.18 -16.27
C PHE B 103 28.61 -0.22 -14.83
N ILE B 104 27.46 -0.85 -14.61
CA ILE B 104 27.03 -1.34 -13.32
C ILE B 104 26.94 -2.86 -13.37
N LEU B 105 27.52 -3.53 -12.37
CA LEU B 105 27.58 -4.99 -12.36
C LEU B 105 26.51 -5.53 -11.42
N GLY B 106 25.31 -5.75 -11.95
CA GLY B 106 24.29 -6.48 -11.21
C GLY B 106 24.51 -7.98 -11.36
N LEU B 107 24.54 -8.68 -10.23
CA LEU B 107 24.89 -10.10 -10.19
C LEU B 107 23.72 -10.92 -9.67
N SER B 108 23.82 -12.23 -9.90
CA SER B 108 22.79 -13.15 -9.44
C SER B 108 23.37 -14.55 -9.31
N ASP B 109 22.89 -15.28 -8.31
CA ASP B 109 23.07 -16.73 -8.27
C ASP B 109 22.16 -17.37 -9.32
N CYS B 110 22.33 -18.66 -9.52
CA CYS B 110 21.46 -19.40 -10.43
C CYS B 110 20.14 -19.73 -9.74
N VAL B 111 19.03 -19.57 -10.46
CA VAL B 111 17.70 -19.80 -9.92
C VAL B 111 16.94 -20.85 -10.73
N SER B 112 17.65 -21.63 -11.54
CA SER B 112 17.05 -22.64 -12.41
C SER B 112 17.86 -23.92 -12.29
N ASP B 113 17.23 -24.98 -11.75
CA ASP B 113 17.92 -26.26 -11.68
C ASP B 113 18.28 -26.79 -13.07
N PHE B 114 17.49 -26.43 -14.08
CA PHE B 114 17.81 -26.82 -15.46
C PHE B 114 19.15 -26.23 -15.89
N GLU B 115 19.37 -24.96 -15.61
CA GLU B 115 20.63 -24.32 -16.01
C GLU B 115 21.81 -24.92 -15.25
N MET B 116 21.62 -25.26 -13.98
CA MET B 116 22.69 -25.92 -13.22
C MET B 116 23.08 -27.24 -13.86
N ASP B 117 22.09 -27.99 -14.35
CA ASP B 117 22.40 -29.23 -15.07
C ASP B 117 23.01 -28.94 -16.43
N PHE B 118 22.46 -27.96 -17.14
CA PHE B 118 22.93 -27.64 -18.50
C PHE B 118 24.42 -27.30 -18.50
N PHE B 119 24.87 -26.51 -17.53
CA PHE B 119 26.26 -26.06 -17.47
C PHE B 119 27.10 -26.89 -16.51
N LYS B 120 26.64 -28.09 -16.15
CA LYS B 120 27.42 -29.05 -15.37
C LYS B 120 27.91 -28.45 -14.04
N ARG B 121 26.98 -27.86 -13.30
CA ARG B 121 27.26 -27.29 -11.99
C ARG B 121 26.58 -28.12 -10.90
N GLN B 122 27.30 -28.43 -9.84
CA GLN B 122 26.73 -29.27 -8.78
C GLN B 122 25.66 -28.50 -8.01
N ARG B 123 24.52 -29.16 -7.81
CA ARG B 123 23.40 -28.54 -7.11
C ARG B 123 23.67 -28.39 -5.62
N ASP B 124 24.15 -29.46 -4.98
CA ASP B 124 24.35 -29.47 -3.53
C ASP B 124 25.42 -28.50 -3.03
N SER B 125 26.37 -28.11 -3.88
CA SER B 125 27.40 -27.17 -3.46
C SER B 125 27.22 -25.80 -4.11
N GLN B 126 25.98 -25.50 -4.52
CA GLN B 126 25.69 -24.28 -5.28
C GLN B 126 26.06 -23.02 -4.50
N GLN B 127 25.68 -22.95 -3.22
CA GLN B 127 25.97 -21.77 -2.43
C GLN B 127 27.47 -21.54 -2.32
N GLN B 128 28.24 -22.61 -2.09
CA GLN B 128 29.69 -22.47 -1.97
C GLN B 128 30.32 -22.09 -3.30
N GLN B 129 29.78 -22.59 -4.42
CA GLN B 129 30.29 -22.19 -5.72
C GLN B 129 29.98 -20.72 -6.02
N PHE B 130 28.79 -20.26 -5.62
CA PHE B 130 28.44 -18.85 -5.82
C PHE B 130 29.42 -17.94 -5.09
N GLU B 131 29.82 -18.31 -3.88
CA GLU B 131 30.72 -17.47 -3.10
C GLU B 131 32.15 -17.55 -3.60
N ALA B 132 32.59 -18.75 -4.00
CA ALA B 132 33.92 -18.89 -4.59
C ALA B 132 34.03 -18.13 -5.90
N CYS B 133 32.96 -18.13 -6.71
CA CYS B 133 32.98 -17.40 -7.97
CA CYS B 133 32.98 -17.40 -7.97
C CYS B 133 33.01 -15.90 -7.72
N TYR B 134 32.31 -15.43 -6.68
CA TYR B 134 32.30 -14.00 -6.40
C TYR B 134 33.67 -13.51 -5.92
N GLU B 135 34.33 -14.29 -5.06
CA GLU B 135 35.63 -13.85 -4.54
C GLU B 135 36.64 -13.69 -5.66
N ILE B 136 36.64 -14.60 -6.62
CA ILE B 136 37.53 -14.48 -7.77
C ILE B 136 37.14 -13.26 -8.61
N LEU B 137 35.85 -13.11 -8.88
CA LEU B 137 35.37 -12.00 -9.69
C LEU B 137 35.61 -10.66 -9.02
N ASN B 138 35.43 -10.59 -7.70
CA ASN B 138 35.62 -9.33 -7.00
C ASN B 138 37.10 -8.98 -6.87
N ASP B 139 37.95 -10.00 -6.67
CA ASP B 139 39.40 -9.78 -6.67
C ASP B 139 39.86 -9.11 -7.97
N GLY B 140 39.45 -9.67 -9.11
CA GLY B 140 39.91 -9.14 -10.39
C GLY B 140 39.46 -7.71 -10.64
N ILE B 141 38.24 -7.37 -10.21
CA ILE B 141 37.72 -6.04 -10.47
C ILE B 141 38.41 -4.99 -9.60
N THR B 142 38.76 -5.34 -8.37
CA THR B 142 39.31 -4.37 -7.43
C THR B 142 40.83 -4.38 -7.34
N THR B 143 41.49 -5.48 -7.75
CA THR B 143 42.94 -5.56 -7.70
C THR B 143 43.59 -5.87 -9.05
N ASN B 144 42.81 -6.20 -10.07
CA ASN B 144 43.32 -6.57 -11.40
C ASN B 144 44.16 -7.84 -11.35
N TYR B 145 43.90 -8.70 -10.36
CA TYR B 145 44.58 -9.97 -10.24
C TYR B 145 43.61 -11.02 -9.71
N CYS B 146 43.72 -12.24 -10.24
CA CYS B 146 42.89 -13.35 -9.81
C CYS B 146 43.78 -14.52 -9.40
N TYR B 147 43.30 -15.28 -8.42
CA TYR B 147 43.99 -16.47 -7.93
C TYR B 147 42.95 -17.37 -7.28
N ALA B 148 43.12 -18.68 -7.44
CA ALA B 148 42.16 -19.63 -6.90
C ALA B 148 42.86 -20.93 -6.55
N ASN B 149 42.50 -21.50 -5.39
CA ASN B 149 43.01 -22.79 -4.94
C ASN B 149 41.96 -23.37 -3.98
N ASN B 150 40.87 -23.89 -4.55
CA ASN B 150 39.80 -24.46 -3.75
C ASN B 150 39.15 -25.58 -4.55
N ASP B 151 37.96 -26.01 -4.12
CA ASP B 151 37.32 -27.18 -4.70
C ASP B 151 36.57 -26.89 -5.99
N PHE B 152 36.51 -25.63 -6.42
CA PHE B 152 35.83 -25.27 -7.65
C PHE B 152 36.76 -24.67 -8.70
N TYR B 153 37.76 -23.90 -8.28
CA TYR B 153 38.69 -23.29 -9.20
C TYR B 153 40.10 -23.38 -8.62
N ASN B 154 41.06 -23.71 -9.48
CA ASN B 154 42.45 -23.81 -9.06
C ASN B 154 43.32 -23.38 -10.24
N PHE B 155 43.93 -22.20 -10.15
CA PHE B 155 44.79 -21.70 -11.21
C PHE B 155 45.75 -20.68 -10.60
N PRO B 156 46.92 -20.49 -11.21
CA PRO B 156 47.90 -19.56 -10.64
C PRO B 156 47.45 -18.11 -10.79
N LYS B 157 48.19 -17.23 -10.10
CA LYS B 157 47.87 -15.81 -10.11
C LYS B 157 48.10 -15.22 -11.49
N ILE B 158 47.09 -14.49 -11.99
CA ILE B 158 47.14 -13.86 -13.31
C ILE B 158 46.61 -12.44 -13.20
N SER B 159 46.99 -11.62 -14.17
CA SER B 159 46.49 -10.26 -14.27
C SER B 159 45.25 -10.21 -15.15
N ILE B 160 44.37 -9.26 -14.86
CA ILE B 160 43.14 -9.05 -15.61
C ILE B 160 43.30 -7.79 -16.44
N ASN B 161 43.23 -7.93 -17.76
CA ASN B 161 43.32 -6.77 -18.62
C ASN B 161 41.97 -6.48 -19.27
N PRO B 162 41.60 -5.19 -19.44
CA PRO B 162 42.41 -4.04 -19.05
C PRO B 162 42.28 -3.74 -17.56
N HIS B 163 43.08 -2.80 -17.05
CA HIS B 163 43.07 -2.49 -15.63
C HIS B 163 41.87 -1.61 -15.30
N CYS B 164 41.12 -2.01 -14.28
CA CYS B 164 39.89 -1.33 -13.90
C CYS B 164 40.20 -0.05 -13.13
N ILE B 165 39.61 1.06 -13.57
CA ILE B 165 39.83 2.34 -12.90
C ILE B 165 38.93 2.48 -11.68
N SER B 166 37.67 2.05 -11.79
CA SER B 166 36.73 2.25 -10.69
C SER B 166 37.09 1.40 -9.47
N LYS B 167 37.53 0.16 -9.70
CA LYS B 167 37.91 -0.79 -8.64
C LYS B 167 36.75 -0.96 -7.67
N GLU B 168 36.91 -0.64 -6.38
CA GLU B 168 35.85 -0.89 -5.41
C GLU B 168 34.62 -0.01 -5.63
N ASN B 169 34.74 1.08 -6.37
CA ASN B 169 33.63 1.99 -6.61
C ASN B 169 32.83 1.62 -7.86
N LEU B 170 33.15 0.50 -8.50
CA LEU B 170 32.28 -0.03 -9.55
C LEU B 170 31.05 -0.65 -8.89
N LYS B 171 29.88 -0.08 -9.17
CA LYS B 171 28.67 -0.46 -8.44
C LYS B 171 28.31 -1.92 -8.70
N GLN B 172 28.09 -2.66 -7.63
CA GLN B 172 27.66 -4.06 -7.69
C GLN B 172 26.33 -4.20 -6.96
N TYR B 173 25.46 -5.06 -7.49
CA TYR B 173 24.20 -5.40 -6.86
C TYR B 173 24.04 -6.91 -6.83
N ILE B 174 23.25 -7.40 -5.86
CA ILE B 174 23.04 -8.83 -5.66
C ILE B 174 21.54 -9.10 -5.72
N LEU B 175 21.13 -9.96 -6.65
CA LEU B 175 19.73 -10.33 -6.75
C LEU B 175 19.33 -11.20 -5.56
N ALA B 176 18.25 -10.82 -4.89
CA ALA B 176 17.80 -11.52 -3.69
C ALA B 176 17.07 -12.79 -4.10
N THR B 177 17.79 -13.91 -4.11
CA THR B 177 17.27 -15.17 -4.61
C THR B 177 17.04 -16.22 -3.53
N SER B 178 17.63 -16.05 -2.35
CA SER B 178 17.47 -17.00 -1.26
C SER B 178 18.00 -16.37 0.01
N MET B 179 17.61 -16.96 1.16
CA MET B 179 18.10 -16.48 2.44
C MET B 179 19.62 -16.63 2.54
N GLY B 180 20.17 -17.71 1.99
CA GLY B 180 21.61 -17.88 2.00
C GLY B 180 22.35 -16.78 1.29
N VAL B 181 21.82 -16.33 0.15
CA VAL B 181 22.46 -15.25 -0.61
C VAL B 181 22.28 -13.91 0.10
N VAL B 182 21.08 -13.67 0.65
CA VAL B 182 20.80 -12.40 1.31
C VAL B 182 21.66 -12.24 2.55
N GLU B 183 21.84 -13.31 3.32
CA GLU B 183 22.67 -13.24 4.51
C GLU B 183 24.13 -13.03 4.14
N TRP B 184 24.62 -13.79 3.16
CA TRP B 184 25.95 -13.57 2.61
C TRP B 184 26.14 -12.13 2.16
N ALA B 185 25.13 -11.55 1.53
CA ALA B 185 25.25 -10.18 1.04
C ALA B 185 25.22 -9.16 2.18
N ALA B 186 24.51 -9.46 3.26
CA ALA B 186 24.46 -8.54 4.39
C ALA B 186 25.82 -8.42 5.08
N LYS B 187 26.53 -9.54 5.21
CA LYS B 187 27.85 -9.51 5.84
C LYS B 187 28.85 -8.71 5.02
N LYS B 188 28.65 -8.62 3.70
CA LYS B 188 29.52 -7.84 2.83
C LYS B 188 29.03 -6.42 2.61
N GLY B 189 27.86 -6.06 3.15
CA GLY B 189 27.33 -4.72 2.95
C GLY B 189 26.99 -4.39 1.51
N LEU B 190 26.64 -5.39 0.71
CA LEU B 190 26.32 -5.21 -0.71
C LEU B 190 24.82 -4.95 -0.88
N PRO B 191 24.44 -4.05 -1.79
CA PRO B 191 23.03 -3.75 -1.98
C PRO B 191 22.31 -4.83 -2.77
N LEU B 192 21.02 -4.98 -2.46
CA LEU B 192 20.18 -6.01 -3.04
C LEU B 192 19.38 -5.48 -4.22
N THR B 193 19.16 -6.36 -5.20
CA THR B 193 18.11 -6.20 -6.19
C THR B 193 17.08 -7.28 -5.94
N TYR B 194 15.82 -6.87 -5.78
CA TYR B 194 14.76 -7.83 -5.50
C TYR B 194 14.21 -8.43 -6.79
N ARG B 195 13.88 -9.71 -6.74
CA ARG B 195 13.24 -10.37 -7.87
C ARG B 195 11.86 -9.75 -8.12
N TRP B 196 11.65 -9.25 -9.34
CA TRP B 196 10.39 -8.56 -9.65
C TRP B 196 9.20 -9.49 -9.42
N SER B 197 9.36 -10.78 -9.69
CA SER B 197 8.26 -11.73 -9.66
C SER B 197 7.96 -12.27 -8.27
N ASP B 198 8.73 -11.89 -7.25
CA ASP B 198 8.46 -12.37 -5.90
C ASP B 198 7.30 -11.59 -5.29
N THR B 199 6.69 -12.17 -4.26
CA THR B 199 5.63 -11.48 -3.55
C THR B 199 6.22 -10.35 -2.70
N LEU B 200 5.34 -9.44 -2.30
CA LEU B 200 5.76 -8.33 -1.43
C LEU B 200 6.26 -8.86 -0.09
N ALA B 201 5.54 -9.82 0.49
CA ALA B 201 5.97 -10.42 1.76
C ALA B 201 7.37 -11.02 1.63
N GLU B 202 7.65 -11.68 0.50
CA GLU B 202 8.97 -12.28 0.30
C GLU B 202 10.07 -11.22 0.32
N LYS B 203 9.85 -10.10 -0.36
CA LYS B 203 10.86 -9.05 -0.39
C LYS B 203 11.03 -8.40 0.97
N GLU B 204 9.92 -8.16 1.68
CA GLU B 204 10.02 -7.59 3.02
C GLU B 204 10.72 -8.55 3.99
N ASN B 205 10.47 -9.86 3.85
CA ASN B 205 11.15 -10.83 4.69
C ASN B 205 12.65 -10.87 4.39
N TYR B 206 13.02 -10.73 3.11
CA TYR B 206 14.43 -10.66 2.75
C TYR B 206 15.09 -9.44 3.39
N TYR B 207 14.43 -8.29 3.32
CA TYR B 207 15.00 -7.06 3.87
C TYR B 207 15.17 -7.15 5.38
N GLN B 208 14.19 -7.72 6.09
CA GLN B 208 14.28 -7.84 7.54
C GLN B 208 15.41 -8.79 7.94
N ARG B 209 15.60 -9.88 7.20
CA ARG B 209 16.74 -10.75 7.48
C ARG B 209 18.06 -10.06 7.15
N TYR B 210 18.06 -9.18 6.14
CA TYR B 210 19.26 -8.43 5.81
C TYR B 210 19.65 -7.49 6.95
N LEU B 211 18.67 -6.79 7.53
CA LEU B 211 18.93 -5.91 8.66
C LEU B 211 19.48 -6.70 9.85
N THR B 212 18.89 -7.86 10.14
CA THR B 212 19.30 -8.65 11.30
C THR B 212 20.73 -9.12 11.16
N VAL B 213 21.08 -9.69 10.00
CA VAL B 213 22.41 -10.27 9.82
C VAL B 213 23.47 -9.16 9.85
N ALA B 214 23.16 -8.00 9.27
CA ALA B 214 24.12 -6.89 9.28
C ALA B 214 24.36 -6.38 10.70
N ALA B 215 23.30 -6.25 11.50
CA ALA B 215 23.46 -5.80 12.87
C ALA B 215 24.28 -6.78 13.69
N GLU B 216 24.05 -8.08 13.52
CA GLU B 216 24.79 -9.08 14.27
C GLU B 216 26.28 -9.05 13.92
N ASN B 217 26.63 -8.63 12.70
CA ASN B 217 28.01 -8.60 12.27
C ASN B 217 28.58 -7.18 12.26
N ASN B 218 27.88 -6.22 12.85
CA ASN B 218 28.37 -4.85 13.01
C ASN B 218 28.72 -4.21 11.66
N VAL B 219 27.90 -4.48 10.65
CA VAL B 219 28.10 -3.93 9.31
C VAL B 219 27.24 -2.68 9.16
N ASP B 220 27.87 -1.59 8.74
CA ASP B 220 27.18 -0.31 8.55
C ASP B 220 26.45 -0.34 7.21
N ILE B 221 25.12 -0.33 7.26
CA ILE B 221 24.29 -0.40 6.06
C ILE B 221 23.43 0.86 5.89
N THR B 222 23.86 1.98 6.47
CA THR B 222 23.05 3.19 6.42
C THR B 222 22.94 3.74 5.00
N HIS B 223 23.94 3.50 4.16
CA HIS B 223 23.96 4.05 2.80
C HIS B 223 23.79 2.98 1.73
N VAL B 224 23.51 1.74 2.12
CA VAL B 224 23.25 0.67 1.15
C VAL B 224 21.97 1.00 0.39
N ASP B 225 22.08 1.07 -0.93
CA ASP B 225 20.98 1.53 -1.80
C ASP B 225 20.36 0.32 -2.52
N HIS B 226 19.41 -0.33 -1.85
CA HIS B 226 18.69 -1.43 -2.45
C HIS B 226 17.83 -0.95 -3.62
N GLN B 227 17.51 -1.89 -4.51
CA GLN B 227 16.83 -1.59 -5.78
C GLN B 227 15.54 -2.38 -5.89
N PHE B 228 14.51 -1.71 -6.42
CA PHE B 228 13.18 -2.33 -6.58
C PHE B 228 12.75 -2.25 -8.03
N PRO B 229 12.74 -3.36 -8.78
CA PRO B 229 12.22 -3.33 -10.15
C PRO B 229 10.71 -3.29 -10.14
N LEU B 230 10.13 -2.24 -10.73
CA LEU B 230 8.69 -2.00 -10.71
C LEU B 230 8.12 -2.10 -12.11
N LEU B 231 7.21 -3.04 -12.32
CA LEU B 231 6.47 -3.13 -13.57
C LEU B 231 5.34 -2.12 -13.57
N VAL B 232 5.13 -1.46 -14.71
CA VAL B 232 4.15 -0.38 -14.82
C VAL B 232 3.30 -0.61 -16.06
N ASN B 233 1.98 -0.46 -15.90
CA ASN B 233 1.05 -0.46 -17.03
C ASN B 233 -0.11 0.46 -16.64
N ILE B 234 -0.11 1.68 -17.19
CA ILE B 234 -1.13 2.66 -16.90
C ILE B 234 -2.01 2.83 -18.14
N ASN B 235 -3.31 2.63 -17.98
CA ASN B 235 -4.27 2.70 -19.06
C ASN B 235 -5.57 3.27 -18.51
N PRO B 236 -6.23 4.18 -19.24
CA PRO B 236 -7.53 4.70 -18.77
C PRO B 236 -8.54 3.63 -18.44
N ASP B 237 -8.48 2.48 -19.10
CA ASP B 237 -9.33 1.33 -18.78
C ASP B 237 -8.56 0.41 -17.84
N ARG B 238 -9.04 0.30 -16.60
CA ARG B 238 -8.38 -0.57 -15.62
C ARG B 238 -8.32 -2.01 -16.10
N ASP B 239 -9.32 -2.45 -16.86
CA ASP B 239 -9.33 -3.83 -17.33
C ASP B 239 -8.35 -4.06 -18.46
N ILE B 240 -8.11 -3.05 -19.30
CA ILE B 240 -7.10 -3.17 -20.34
C ILE B 240 -5.71 -3.29 -19.73
N ALA B 241 -5.40 -2.43 -18.75
CA ALA B 241 -4.08 -2.47 -18.12
C ALA B 241 -3.86 -3.76 -17.34
N LYS B 242 -4.90 -4.26 -16.66
CA LYS B 242 -4.74 -5.51 -15.92
C LYS B 242 -4.59 -6.71 -16.83
N GLN B 243 -5.25 -6.72 -17.98
CA GLN B 243 -5.17 -7.88 -18.85
C GLN B 243 -3.85 -7.93 -19.60
N GLU B 244 -3.37 -6.78 -20.09
CA GLU B 244 -2.07 -6.73 -20.75
C GLU B 244 -0.96 -7.19 -19.82
N MET B 245 -1.06 -6.89 -18.52
CA MET B 245 -0.05 -7.33 -17.58
C MET B 245 -0.15 -8.83 -17.32
N ARG B 246 -1.37 -9.37 -17.28
CA ARG B 246 -1.52 -10.82 -17.16
C ARG B 246 -0.93 -11.54 -18.38
N ASP B 247 -1.14 -11.00 -19.58
CA ASP B 247 -0.59 -11.61 -20.77
C ASP B 247 0.93 -11.48 -20.83
N TYR B 248 1.50 -10.54 -20.09
CA TYR B 248 2.95 -10.33 -20.12
C TYR B 248 3.68 -11.30 -19.20
N ILE B 249 3.14 -11.56 -18.00
CA ILE B 249 3.88 -12.29 -16.97
C ILE B 249 3.45 -13.74 -16.83
N ARG B 250 2.34 -14.15 -17.45
CA ARG B 250 1.79 -15.49 -17.20
C ARG B 250 2.79 -16.58 -17.56
N GLY B 251 3.39 -16.49 -18.75
CA GLY B 251 4.32 -17.53 -19.18
C GLY B 251 5.49 -17.71 -18.25
N TYR B 252 6.10 -16.60 -17.82
CA TYR B 252 7.25 -16.69 -16.93
C TYR B 252 6.88 -17.27 -15.57
N ILE B 253 5.73 -16.87 -15.03
CA ILE B 253 5.30 -17.39 -13.72
C ILE B 253 5.14 -18.90 -13.78
N ALA B 254 4.53 -19.42 -14.85
CA ALA B 254 4.44 -20.86 -15.03
C ALA B 254 5.80 -21.51 -15.14
N GLU B 255 6.76 -20.81 -15.75
CA GLU B 255 8.09 -21.36 -15.96
C GLU B 255 8.92 -21.28 -14.68
N ALA B 256 8.93 -20.12 -14.02
CA ALA B 256 9.82 -19.87 -12.89
C ALA B 256 9.21 -20.23 -11.55
N TYR B 257 7.89 -20.29 -11.44
CA TYR B 257 7.21 -20.60 -10.17
C TYR B 257 6.20 -21.72 -10.39
N PRO B 258 6.66 -22.92 -10.74
CA PRO B 258 5.72 -23.97 -11.13
C PRO B 258 4.94 -24.58 -9.97
N ASN B 259 5.51 -24.59 -8.76
CA ASN B 259 4.89 -25.25 -7.62
C ASN B 259 4.06 -24.31 -6.75
N THR B 260 3.51 -23.25 -7.35
CA THR B 260 2.71 -22.28 -6.61
C THR B 260 1.35 -22.15 -7.27
N ASP B 261 0.40 -21.59 -6.53
CA ASP B 261 -0.91 -21.28 -7.10
C ASP B 261 -0.70 -20.21 -8.17
N GLN B 262 -0.85 -20.62 -9.43
CA GLN B 262 -0.54 -19.73 -10.55
C GLN B 262 -1.42 -18.48 -10.52
N GLU B 263 -2.71 -18.64 -10.27
CA GLU B 263 -3.63 -17.51 -10.38
C GLU B 263 -3.42 -16.51 -9.24
N GLU B 264 -3.17 -17.01 -8.03
CA GLU B 264 -2.90 -16.12 -6.90
C GLU B 264 -1.58 -15.36 -7.09
N LYS B 265 -0.55 -16.06 -7.58
CA LYS B 265 0.73 -15.40 -7.82
C LYS B 265 0.58 -14.20 -8.76
N ILE B 266 -0.20 -14.37 -9.83
CA ILE B 266 -0.40 -13.30 -10.79
C ILE B 266 -1.14 -12.14 -10.16
N GLU B 267 -2.23 -12.44 -9.44
CA GLU B 267 -3.04 -11.38 -8.85
C GLU B 267 -2.27 -10.60 -7.79
N GLU B 268 -1.46 -11.30 -6.99
CA GLU B 268 -0.63 -10.62 -6.00
C GLU B 268 0.34 -9.65 -6.69
N LEU B 269 0.87 -10.02 -7.85
CA LEU B 269 1.81 -9.15 -8.56
C LEU B 269 1.11 -7.94 -9.16
N ILE B 270 -0.14 -8.10 -9.59
CA ILE B 270 -0.91 -6.96 -10.10
C ILE B 270 -1.15 -5.94 -8.99
N LYS B 271 -1.34 -6.40 -7.75
CA LYS B 271 -1.51 -5.48 -6.63
C LYS B 271 -0.19 -4.82 -6.26
N GLN B 272 0.89 -5.61 -6.22
CA GLN B 272 2.17 -5.09 -5.76
C GLN B 272 2.74 -4.03 -6.69
N HIS B 273 2.67 -4.26 -8.00
CA HIS B 273 3.24 -3.32 -8.96
C HIS B 273 2.18 -2.27 -9.31
N ALA B 274 2.44 -1.46 -10.34
CA ALA B 274 1.60 -0.33 -10.69
C ALA B 274 0.84 -0.64 -11.97
N VAL B 275 -0.36 -1.20 -11.82
CA VAL B 275 -1.20 -1.60 -12.94
C VAL B 275 -2.59 -1.00 -12.72
N GLY B 276 -2.92 0.03 -13.50
CA GLY B 276 -4.22 0.66 -13.36
C GLY B 276 -4.32 1.93 -14.18
N THR B 277 -5.07 2.89 -13.66
CA THR B 277 -5.29 4.17 -14.32
C THR B 277 -4.32 5.22 -13.78
N GLU B 278 -4.32 6.38 -14.45
CA GLU B 278 -3.42 7.47 -14.09
C GLU B 278 -3.79 8.13 -12.77
N ASP B 279 -5.04 8.02 -12.34
CA ASP B 279 -5.52 8.71 -11.15
C ASP B 279 -5.47 7.83 -9.89
N GLU B 280 -5.01 6.60 -10.00
CA GLU B 280 -4.93 5.75 -8.82
C GLU B 280 -3.71 6.13 -7.97
N TYR B 281 -3.68 5.60 -6.75
CA TYR B 281 -2.70 6.00 -5.76
C TYR B 281 -1.49 5.07 -5.75
N TYR B 282 -1.70 3.78 -5.92
CA TYR B 282 -0.65 2.76 -5.86
C TYR B 282 0.11 2.86 -4.54
N GLU B 283 -0.66 2.85 -3.45
CA GLU B 283 -0.06 2.84 -2.12
C GLU B 283 0.56 1.50 -1.79
N SER B 284 0.12 0.42 -2.45
CA SER B 284 0.78 -0.87 -2.27
C SER B 284 2.20 -0.86 -2.80
N SER B 285 2.44 -0.09 -3.87
CA SER B 285 3.80 0.01 -4.41
C SER B 285 4.66 0.95 -3.58
N LYS B 286 4.08 2.02 -3.05
CA LYS B 286 4.82 2.90 -2.16
C LYS B 286 5.18 2.18 -0.86
N TYR B 287 4.22 1.44 -0.29
CA TYR B 287 4.51 0.57 0.84
C TYR B 287 5.63 -0.41 0.51
N ALA B 288 5.60 -0.98 -0.70
CA ALA B 288 6.62 -1.94 -1.11
C ALA B 288 8.02 -1.32 -1.06
N LEU B 289 8.16 -0.11 -1.60
CA LEU B 289 9.46 0.56 -1.61
C LEU B 289 9.98 0.81 -0.20
N GLU B 290 9.14 1.40 0.65
CA GLU B 290 9.57 1.78 2.00
C GLU B 290 9.95 0.56 2.83
N LYS B 291 9.14 -0.50 2.76
CA LYS B 291 9.34 -1.67 3.62
C LYS B 291 10.42 -2.62 3.11
N THR B 292 11.04 -2.33 1.96
CA THR B 292 12.18 -3.09 1.48
C THR B 292 13.46 -2.26 1.48
N GLY B 293 13.45 -1.08 2.08
CA GLY B 293 14.62 -0.22 2.11
C GLY B 293 15.13 0.19 0.75
N SER B 294 14.28 0.14 -0.28
CA SER B 294 14.71 0.45 -1.63
C SER B 294 14.91 1.95 -1.79
N LYS B 295 16.12 2.35 -2.19
CA LYS B 295 16.41 3.74 -2.52
C LYS B 295 16.50 3.99 -4.02
N ASN B 296 16.50 2.93 -4.82
CA ASN B 296 16.42 3.05 -6.28
C ASN B 296 15.19 2.29 -6.76
N VAL B 297 14.42 2.90 -7.65
CA VAL B 297 13.26 2.25 -8.26
C VAL B 297 13.50 2.17 -9.76
N LEU B 298 13.33 0.96 -10.31
CA LEU B 298 13.55 0.68 -11.73
C LEU B 298 12.22 0.39 -12.39
N LEU B 299 11.93 1.12 -13.47
CA LEU B 299 10.63 1.06 -14.13
C LEU B 299 10.72 0.25 -15.41
N SER B 300 9.65 -0.49 -15.71
CA SER B 300 9.50 -1.18 -16.99
C SER B 300 8.08 -1.00 -17.47
N PHE B 301 7.92 -0.44 -18.67
CA PHE B 301 6.62 -0.21 -19.28
C PHE B 301 6.33 -1.21 -20.41
N GLU B 302 7.00 -2.36 -20.41
CA GLU B 302 7.05 -3.23 -21.58
C GLU B 302 5.74 -3.97 -21.82
N SER B 303 4.84 -4.00 -20.85
CA SER B 303 3.55 -4.66 -21.07
C SER B 303 2.56 -3.76 -21.79
N MET B 304 2.81 -2.45 -21.82
CA MET B 304 1.90 -1.54 -22.49
C MET B 304 2.06 -1.66 -23.99
N LYS B 305 0.94 -1.85 -24.69
CA LYS B 305 0.98 -2.09 -26.13
C LYS B 305 0.88 -0.82 -26.96
N ASN B 306 0.66 0.33 -26.33
CA ASN B 306 0.59 1.61 -27.03
C ASN B 306 1.88 2.35 -26.74
N LYS B 307 2.77 2.42 -27.74
CA LYS B 307 4.07 3.03 -27.53
C LYS B 307 3.98 4.54 -27.36
N ALA B 308 2.98 5.19 -27.97
CA ALA B 308 2.86 6.63 -27.79
C ALA B 308 2.43 6.97 -26.36
N ALA B 309 1.61 6.11 -25.76
CA ALA B 309 1.26 6.29 -24.35
C ALA B 309 2.45 6.07 -23.44
N VAL B 310 3.38 5.19 -23.82
CA VAL B 310 4.55 4.93 -23.00
C VAL B 310 5.45 6.16 -22.95
N ILE B 311 5.69 6.79 -24.10
CA ILE B 311 6.50 8.00 -24.13
C ILE B 311 5.84 9.10 -23.31
N ASP B 312 4.52 9.25 -23.45
CA ASP B 312 3.77 10.19 -22.64
C ASP B 312 3.97 9.92 -21.15
N LEU B 313 3.94 8.65 -20.75
CA LEU B 313 4.11 8.29 -19.35
C LEU B 313 5.53 8.59 -18.86
N ILE B 314 6.53 8.30 -19.68
CA ILE B 314 7.92 8.56 -19.30
C ILE B 314 8.13 10.04 -19.00
N ASN B 315 7.55 10.91 -19.83
CA ASN B 315 7.70 12.34 -19.61
C ASN B 315 6.95 12.81 -18.37
N MET B 316 5.81 12.20 -18.07
CA MET B 316 5.08 12.55 -16.84
C MET B 316 5.90 12.19 -15.61
N VAL B 317 6.45 10.98 -15.57
CA VAL B 317 7.32 10.58 -14.46
C VAL B 317 8.52 11.52 -14.36
N ASN B 318 9.12 11.86 -15.50
CA ASN B 318 10.30 12.72 -15.52
C ASN B 318 10.00 14.10 -14.92
N GLU B 319 8.82 14.65 -15.23
CA GLU B 319 8.47 15.97 -14.72
C GLU B 319 8.29 15.97 -13.21
N LYS B 320 7.70 14.90 -12.66
CA LYS B 320 7.52 14.85 -11.21
C LYS B 320 8.85 14.69 -10.48
N ILE B 321 9.86 14.09 -11.12
CA ILE B 321 11.17 13.97 -10.51
C ILE B 321 11.83 15.34 -10.39
N LYS B 322 11.61 16.20 -11.38
CA LYS B 322 12.10 17.56 -11.31
C LYS B 322 11.50 18.33 -10.14
N LYS B 323 10.24 18.04 -9.81
CA LYS B 323 9.55 18.73 -8.72
C LYS B 323 10.08 18.29 -7.36
N MET C 1 -0.58 -0.64 18.43
CA MET C 1 -1.86 -0.45 17.77
C MET C 1 -3.01 -0.99 18.64
N ASN C 2 -3.97 -0.12 18.94
CA ASN C 2 -5.17 -0.53 19.67
C ASN C 2 -6.29 -0.86 18.69
N PHE C 3 -7.12 -1.83 19.08
CA PHE C 3 -8.16 -2.34 18.21
C PHE C 3 -9.53 -2.12 18.82
N GLY C 4 -10.52 -1.93 17.95
CA GLY C 4 -11.88 -1.70 18.38
C GLY C 4 -12.86 -2.01 17.27
N LEU C 5 -14.13 -1.68 17.52
CA LEU C 5 -15.20 -1.92 16.57
C LEU C 5 -15.91 -0.61 16.25
N PHE C 6 -16.55 -0.58 15.08
CA PHE C 6 -17.47 0.49 14.75
C PHE C 6 -18.58 -0.07 13.86
N PHE C 7 -19.76 0.51 13.95
CA PHE C 7 -20.96 -0.01 13.30
C PHE C 7 -21.61 1.10 12.48
N LEU C 8 -21.80 0.85 11.19
CA LEU C 8 -22.48 1.79 10.32
C LEU C 8 -23.98 1.54 10.26
N ASN C 9 -24.43 0.32 10.56
CA ASN C 9 -25.84 -0.04 10.62
C ASN C 9 -26.57 0.29 9.31
N PHE C 10 -26.05 -0.26 8.22
CA PHE C 10 -26.70 -0.13 6.93
C PHE C 10 -27.79 -1.20 6.80
N GLN C 11 -28.97 -0.79 6.36
CA GLN C 11 -30.10 -1.69 6.14
C GLN C 11 -30.24 -1.88 4.63
N LEU C 12 -29.63 -2.94 4.11
CA LEU C 12 -29.67 -3.17 2.68
C LEU C 12 -31.03 -3.72 2.25
N LYS C 13 -31.24 -3.76 0.94
CA LYS C 13 -32.49 -4.24 0.35
C LYS C 13 -32.85 -5.61 0.88
N GLY C 14 -34.06 -5.75 1.41
CA GLY C 14 -34.55 -6.99 1.96
C GLY C 14 -34.30 -7.17 3.44
N MET C 15 -33.39 -6.40 4.03
CA MET C 15 -33.10 -6.51 5.45
C MET C 15 -34.11 -5.73 6.27
N THR C 16 -34.35 -6.19 7.49
CA THR C 16 -35.18 -5.47 8.46
C THR C 16 -34.29 -4.66 9.39
N SER C 17 -34.89 -3.62 9.98
CA SER C 17 -34.17 -2.81 10.96
C SER C 17 -33.75 -3.64 12.17
N GLU C 18 -34.56 -4.64 12.54
CA GLU C 18 -34.26 -5.45 13.71
C GLU C 18 -33.02 -6.31 13.48
N ALA C 19 -32.90 -6.91 12.30
CA ALA C 19 -31.73 -7.74 11.99
C ALA C 19 -30.45 -6.92 12.06
N VAL C 20 -30.49 -5.70 11.53
CA VAL C 20 -29.31 -4.84 11.53
C VAL C 20 -28.90 -4.49 12.96
N LEU C 21 -29.87 -4.09 13.78
CA LEU C 21 -29.56 -3.67 15.14
C LEU C 21 -29.20 -4.83 16.04
N ASP C 22 -29.81 -6.00 15.81
CA ASP C 22 -29.42 -7.19 16.57
C ASP C 22 -27.98 -7.58 16.29
N ASN C 23 -27.51 -7.35 15.07
CA ASN C 23 -26.12 -7.67 14.73
C ASN C 23 -25.15 -6.84 15.56
N MET C 24 -25.39 -5.53 15.65
CA MET C 24 -24.55 -4.68 16.49
C MET C 24 -24.58 -5.12 17.94
N ILE C 25 -25.79 -5.38 18.46
CA ILE C 25 -25.93 -5.72 19.88
C ILE C 25 -25.25 -7.05 20.18
N ASP C 26 -25.44 -8.05 19.31
CA ASP C 26 -24.88 -9.37 19.57
C ASP C 26 -23.37 -9.39 19.36
N THR C 27 -22.86 -8.63 18.40
CA THR C 27 -21.41 -8.56 18.18
C THR C 27 -20.72 -7.94 19.38
N ILE C 28 -21.32 -6.89 19.95
CA ILE C 28 -20.73 -6.23 21.12
C ILE C 28 -20.85 -7.12 22.36
N ALA C 29 -21.96 -7.84 22.48
CA ALA C 29 -22.14 -8.73 23.63
C ALA C 29 -21.08 -9.83 23.64
N LEU C 30 -20.75 -10.38 22.47
CA LEU C 30 -19.74 -11.42 22.40
C LEU C 30 -18.36 -10.87 22.72
N VAL C 31 -18.02 -9.70 22.15
CA VAL C 31 -16.68 -9.14 22.29
C VAL C 31 -16.44 -8.60 23.70
N ASP C 32 -17.50 -8.31 24.45
CA ASP C 32 -17.33 -7.74 25.79
C ASP C 32 -16.71 -8.72 26.78
N LYS C 33 -16.71 -10.01 26.47
CA LYS C 33 -16.16 -11.00 27.38
C LYS C 33 -14.65 -10.84 27.54
N ASP C 34 -14.14 -11.27 28.70
CA ASP C 34 -12.80 -10.88 29.13
C ASP C 34 -11.71 -11.39 28.19
N GLU C 35 -11.91 -12.52 27.53
CA GLU C 35 -10.88 -13.10 26.68
C GLU C 35 -10.57 -12.28 25.43
N TYR C 36 -11.39 -11.28 25.10
CA TYR C 36 -11.18 -10.48 23.90
C TYR C 36 -10.32 -9.26 24.21
N HIS C 37 -9.59 -8.79 23.20
CA HIS C 37 -8.67 -7.68 23.39
C HIS C 37 -9.07 -6.43 22.61
N PHE C 38 -10.24 -6.42 21.97
CA PHE C 38 -10.81 -5.18 21.49
C PHE C 38 -11.18 -4.30 22.68
N LYS C 39 -10.89 -3.00 22.57
CA LYS C 39 -11.05 -2.11 23.70
C LYS C 39 -12.22 -1.14 23.56
N THR C 40 -12.57 -0.74 22.33
CA THR C 40 -13.60 0.26 22.12
C THR C 40 -14.61 -0.22 21.09
N ALA C 41 -15.72 0.50 21.00
CA ALA C 41 -16.76 0.23 20.03
C ALA C 41 -17.54 1.52 19.80
N PHE C 42 -17.85 1.81 18.54
CA PHE C 42 -18.42 3.10 18.16
C PHE C 42 -19.68 2.91 17.33
N VAL C 43 -20.60 3.86 17.47
CA VAL C 43 -21.88 3.85 16.78
C VAL C 43 -21.95 5.09 15.90
N ASN C 44 -22.33 4.91 14.64
CA ASN C 44 -22.35 5.98 13.66
C ASN C 44 -23.73 6.64 13.60
N GLU C 45 -23.73 7.93 13.28
CA GLU C 45 -24.96 8.71 13.16
C GLU C 45 -25.31 8.95 11.70
N HIS C 46 -26.59 8.79 11.37
CA HIS C 46 -27.07 9.08 10.03
C HIS C 46 -28.56 9.32 10.08
N HIS C 47 -29.06 10.13 9.14
CA HIS C 47 -30.46 10.51 9.10
C HIS C 47 -31.02 10.37 7.68
N PHE C 48 -32.30 10.00 7.63
CA PHE C 48 -33.20 10.22 6.49
C PHE C 48 -32.99 9.24 5.35
N SER C 49 -32.28 8.13 5.58
CA SER C 49 -32.24 7.03 4.62
C SER C 49 -31.75 5.79 5.36
N LYS C 50 -31.85 4.64 4.69
CA LYS C 50 -31.42 3.38 5.28
C LYS C 50 -29.92 3.16 5.19
N ASN C 51 -29.16 4.11 4.65
CA ASN C 51 -27.70 4.05 4.66
C ASN C 51 -27.19 4.54 6.02
N GLY C 52 -27.61 3.84 7.06
CA GLY C 52 -27.34 4.22 8.43
C GLY C 52 -28.64 4.54 9.15
N ILE C 53 -29.14 3.61 9.95
CA ILE C 53 -30.48 3.73 10.53
C ILE C 53 -30.46 4.17 11.99
N VAL C 54 -29.28 4.48 12.54
CA VAL C 54 -29.15 4.96 13.91
C VAL C 54 -28.99 6.48 13.84
N GLY C 55 -30.04 7.21 14.22
CA GLY C 55 -30.01 8.65 14.22
C GLY C 55 -29.52 9.30 15.50
N ALA C 56 -29.33 8.51 16.56
CA ALA C 56 -28.95 9.03 17.87
C ALA C 56 -27.87 8.13 18.44
N PRO C 57 -26.60 8.35 18.07
CA PRO C 57 -25.54 7.42 18.49
C PRO C 57 -25.31 7.42 19.99
N MET C 58 -25.49 8.55 20.68
CA MET C 58 -25.30 8.55 22.12
C MET C 58 -26.39 7.77 22.84
N THR C 59 -27.61 7.76 22.29
CA THR C 59 -28.66 6.93 22.85
C THR C 59 -28.38 5.45 22.63
N ALA C 60 -27.86 5.09 21.44
CA ALA C 60 -27.50 3.71 21.17
C ALA C 60 -26.31 3.27 22.02
N ALA C 61 -25.29 4.13 22.14
CA ALA C 61 -24.16 3.82 23.02
C ALA C 61 -24.62 3.63 24.46
N SER C 62 -25.61 4.41 24.90
CA SER C 62 -26.14 4.28 26.26
C SER C 62 -26.67 2.86 26.49
N PHE C 63 -27.52 2.38 25.58
CA PHE C 63 -28.04 1.01 25.68
C PHE C 63 -26.90 0.00 25.72
N LEU C 64 -25.94 0.14 24.80
CA LEU C 64 -24.82 -0.79 24.74
C LEU C 64 -23.97 -0.74 26.00
N LEU C 65 -23.80 0.46 26.58
CA LEU C 65 -23.08 0.57 27.84
C LEU C 65 -23.81 -0.14 28.96
N GLY C 66 -25.14 0.01 29.02
CA GLY C 66 -25.92 -0.73 30.01
C GLY C 66 -25.83 -2.23 29.83
N LEU C 67 -25.63 -2.69 28.60
CA LEU C 67 -25.61 -4.11 28.29
C LEU C 67 -24.25 -4.76 28.58
N THR C 68 -23.20 -3.98 28.71
CA THR C 68 -21.83 -4.50 28.80
C THR C 68 -21.18 -4.11 30.12
N GLU C 69 -19.94 -4.58 30.30
CA GLU C 69 -19.18 -4.36 31.53
C GLU C 69 -17.73 -3.98 31.30
N ARG C 70 -17.11 -4.38 30.19
CA ARG C 70 -15.69 -4.17 29.95
C ARG C 70 -15.41 -3.12 28.88
N LEU C 71 -16.03 -3.25 27.71
CA LEU C 71 -15.76 -2.36 26.59
C LEU C 71 -16.07 -0.90 26.95
N HIS C 72 -15.33 0.01 26.33
CA HIS C 72 -15.69 1.42 26.30
C HIS C 72 -16.41 1.68 24.97
N ILE C 73 -17.57 2.33 25.05
CA ILE C 73 -18.42 2.51 23.88
C ILE C 73 -18.79 3.98 23.78
N GLY C 74 -18.93 4.45 22.54
CA GLY C 74 -19.31 5.84 22.33
C GLY C 74 -19.82 6.07 20.93
N SER C 75 -20.14 7.33 20.65
CA SER C 75 -20.52 7.76 19.32
C SER C 75 -19.29 7.94 18.44
N LEU C 76 -19.44 7.64 17.16
CA LEU C 76 -18.35 7.86 16.21
C LEU C 76 -18.36 9.26 15.62
N ASN C 77 -19.53 9.86 15.42
CA ASN C 77 -19.63 11.11 14.68
C ASN C 77 -20.88 11.89 15.11
N GLN C 78 -21.06 12.07 16.42
CA GLN C 78 -22.16 12.88 16.92
C GLN C 78 -22.08 14.30 16.37
N VAL C 79 -23.02 14.66 15.50
CA VAL C 79 -23.01 15.96 14.84
C VAL C 79 -23.48 17.03 15.82
N ILE C 80 -22.61 17.98 16.13
CA ILE C 80 -22.94 19.03 17.09
C ILE C 80 -23.45 20.31 16.44
N THR C 81 -23.13 20.55 15.16
CA THR C 81 -23.50 21.81 14.53
C THR C 81 -25.01 21.95 14.36
N THR C 82 -25.75 20.85 14.33
CA THR C 82 -27.19 20.86 14.20
C THR C 82 -27.89 20.47 15.49
N HIS C 83 -27.15 20.37 16.59
CA HIS C 83 -27.66 19.96 17.90
C HIS C 83 -27.43 21.09 18.90
N HIS C 84 -27.93 20.88 20.13
CA HIS C 84 -27.72 21.89 21.17
C HIS C 84 -26.59 21.46 22.09
N PRO C 85 -25.61 22.34 22.35
CA PRO C 85 -24.44 21.91 23.13
C PRO C 85 -24.77 21.58 24.57
N VAL C 86 -25.74 22.28 25.19
CA VAL C 86 -26.09 22.01 26.57
C VAL C 86 -26.71 20.63 26.71
N ARG C 87 -27.54 20.23 25.74
CA ARG C 87 -28.15 18.91 25.80
C ARG C 87 -27.11 17.80 25.65
N ILE C 88 -26.18 17.96 24.72
CA ILE C 88 -25.12 16.95 24.54
C ILE C 88 -24.26 16.88 25.80
N ALA C 89 -23.88 18.05 26.34
CA ALA C 89 -23.08 18.08 27.55
C ALA C 89 -23.77 17.35 28.70
N GLU C 90 -25.09 17.49 28.81
CA GLU C 90 -25.83 16.79 29.86
C GLU C 90 -25.81 15.28 29.63
N GLU C 91 -25.94 14.85 28.37
CA GLU C 91 -25.92 13.42 28.08
C GLU C 91 -24.54 12.82 28.30
N ALA C 92 -23.49 13.53 27.92
CA ALA C 92 -22.14 13.01 28.11
C ALA C 92 -21.81 12.83 29.58
N SER C 93 -22.14 13.81 30.42
CA SER C 93 -21.91 13.69 31.85
C SER C 93 -22.72 12.54 32.44
N LEU C 94 -23.95 12.36 31.98
CA LEU C 94 -24.79 11.28 32.48
C LEU C 94 -24.20 9.92 32.15
N LEU C 95 -23.75 9.73 30.90
CA LEU C 95 -23.17 8.46 30.50
C LEU C 95 -21.85 8.20 31.23
N ASP C 96 -21.04 9.25 31.42
CA ASP C 96 -19.82 9.12 32.22
C ASP C 96 -20.12 8.57 33.61
N GLN C 97 -21.17 9.08 34.25
CA GLN C 97 -21.52 8.64 35.60
C GLN C 97 -22.07 7.21 35.58
N MET C 98 -23.06 6.95 34.73
CA MET C 98 -23.79 5.68 34.79
C MET C 98 -22.91 4.50 34.38
N SER C 99 -21.99 4.71 33.44
CA SER C 99 -21.15 3.64 32.90
C SER C 99 -19.79 3.54 33.57
N ASP C 100 -19.54 4.35 34.61
CA ASP C 100 -18.27 4.35 35.34
C ASP C 100 -17.11 4.71 34.42
N GLY C 101 -17.31 5.76 33.62
CA GLY C 101 -16.23 6.30 32.82
C GLY C 101 -15.96 5.58 31.52
N ARG C 102 -16.95 4.88 30.97
CA ARG C 102 -16.74 4.06 29.78
C ARG C 102 -17.28 4.69 28.50
N PHE C 103 -17.80 5.91 28.56
CA PHE C 103 -18.34 6.57 27.38
C PHE C 103 -17.27 7.40 26.68
N ILE C 104 -17.21 7.28 25.36
CA ILE C 104 -16.28 8.04 24.52
C ILE C 104 -17.08 8.97 23.64
N LEU C 105 -16.68 10.23 23.58
CA LEU C 105 -17.42 11.26 22.85
C LEU C 105 -16.72 11.53 21.52
N GLY C 106 -17.08 10.74 20.50
CA GLY C 106 -16.67 11.05 19.14
C GLY C 106 -17.61 12.07 18.53
N LEU C 107 -17.03 13.15 18.00
CA LEU C 107 -17.79 14.29 17.51
C LEU C 107 -17.56 14.50 16.01
N SER C 108 -18.45 15.28 15.40
CA SER C 108 -18.35 15.57 13.98
C SER C 108 -19.08 16.87 13.67
N ASP C 109 -18.53 17.62 12.72
CA ASP C 109 -19.26 18.70 12.07
C ASP C 109 -20.33 18.10 11.14
N CYS C 110 -21.20 18.97 10.63
CA CYS C 110 -22.20 18.55 9.67
C CYS C 110 -21.59 18.43 8.27
N VAL C 111 -21.95 17.36 7.57
CA VAL C 111 -21.45 17.09 6.23
C VAL C 111 -22.57 16.96 5.20
N SER C 112 -23.77 17.45 5.54
CA SER C 112 -24.92 17.35 4.66
C SER C 112 -25.63 18.71 4.62
N ASP C 113 -25.62 19.35 3.45
CA ASP C 113 -26.33 20.61 3.29
C ASP C 113 -27.83 20.45 3.56
N PHE C 114 -28.37 19.26 3.31
CA PHE C 114 -29.78 18.99 3.62
C PHE C 114 -30.04 19.16 5.11
N GLU C 115 -29.16 18.62 5.94
CA GLU C 115 -29.35 18.72 7.39
C GLU C 115 -29.22 20.16 7.87
N MET C 116 -28.30 20.93 7.28
CA MET C 116 -28.18 22.34 7.64
C MET C 116 -29.46 23.10 7.35
N ASP C 117 -30.12 22.80 6.22
CA ASP C 117 -31.40 23.42 5.92
C ASP C 117 -32.49 22.86 6.83
N PHE C 118 -32.49 21.53 7.03
CA PHE C 118 -33.53 20.89 7.83
C PHE C 118 -33.59 21.46 9.24
N PHE C 119 -32.44 21.69 9.87
CA PHE C 119 -32.38 22.16 11.24
C PHE C 119 -32.13 23.67 11.32
N LYS C 120 -32.38 24.39 10.23
CA LYS C 120 -32.37 25.86 10.20
C LYS C 120 -31.04 26.43 10.71
N ARG C 121 -29.95 25.93 10.12
CA ARG C 121 -28.60 26.39 10.44
C ARG C 121 -28.03 27.12 9.24
N GLN C 122 -27.42 28.29 9.49
CA GLN C 122 -26.83 29.07 8.42
C GLN C 122 -25.61 28.37 7.85
N ARG C 123 -25.56 28.22 6.52
CA ARG C 123 -24.43 27.55 5.89
C ARG C 123 -23.17 28.41 5.93
N ASP C 124 -23.31 29.71 5.68
CA ASP C 124 -22.15 30.58 5.60
C ASP C 124 -21.38 30.68 6.92
N SER C 125 -22.03 30.39 8.05
CA SER C 125 -21.36 30.45 9.34
C SER C 125 -21.14 29.06 9.96
N GLN C 126 -21.10 28.02 9.12
CA GLN C 126 -21.03 26.65 9.63
C GLN C 126 -19.79 26.44 10.48
N GLN C 127 -18.63 26.87 10.00
CA GLN C 127 -17.40 26.69 10.76
C GLN C 127 -17.45 27.45 12.10
N GLN C 128 -17.94 28.69 12.07
CA GLN C 128 -18.04 29.47 13.31
C GLN C 128 -19.08 28.88 14.25
N GLN C 129 -20.17 28.35 13.70
CA GLN C 129 -21.18 27.69 14.53
C GLN C 129 -20.64 26.43 15.17
N PHE C 130 -19.85 25.66 14.41
CA PHE C 130 -19.24 24.45 14.95
C PHE C 130 -18.33 24.76 16.13
N GLU C 131 -17.56 25.84 16.04
CA GLU C 131 -16.59 26.15 17.09
C GLU C 131 -17.26 26.71 18.33
N ALA C 132 -18.24 27.60 18.16
CA ALA C 132 -18.98 28.10 19.32
C ALA C 132 -19.76 26.99 20.01
N CYS C 133 -20.24 26.01 19.24
CA CYS C 133 -20.96 24.88 19.83
C CYS C 133 -20.03 24.01 20.65
N TYR C 134 -18.80 23.80 20.17
CA TYR C 134 -17.86 22.96 20.91
C TYR C 134 -17.45 23.60 22.23
N GLU C 135 -17.23 24.91 22.22
CA GLU C 135 -16.79 25.59 23.44
C GLU C 135 -17.80 25.43 24.58
N ILE C 136 -19.10 25.53 24.25
CA ILE C 136 -20.13 25.33 25.27
C ILE C 136 -20.13 23.89 25.75
N LEU C 137 -20.09 22.94 24.81
CA LEU C 137 -20.13 21.53 25.18
C LEU C 137 -18.90 21.12 25.97
N ASN C 138 -17.72 21.63 25.60
CA ASN C 138 -16.50 21.26 26.30
C ASN C 138 -16.41 21.93 27.66
N ASP C 139 -16.88 23.18 27.78
CA ASP C 139 -16.98 23.82 29.08
C ASP C 139 -17.82 22.99 30.04
N GLY C 140 -19.01 22.57 29.61
CA GLY C 140 -19.89 21.82 30.49
C GLY C 140 -19.31 20.49 30.92
N ILE C 141 -18.57 19.83 30.03
CA ILE C 141 -18.01 18.52 30.37
C ILE C 141 -16.84 18.67 31.33
N THR C 142 -16.05 19.73 31.20
CA THR C 142 -14.83 19.88 31.98
C THR C 142 -14.98 20.75 33.23
N THR C 143 -16.00 21.62 33.27
CA THR C 143 -16.23 22.48 34.42
C THR C 143 -17.61 22.33 35.03
N ASN C 144 -18.51 21.57 34.41
CA ASN C 144 -19.89 21.40 34.88
C ASN C 144 -20.66 22.71 34.87
N TYR C 145 -20.25 23.65 34.01
CA TYR C 145 -20.92 24.93 33.85
C TYR C 145 -20.87 25.35 32.39
N CYS C 146 -21.97 25.92 31.90
CA CYS C 146 -22.05 26.41 30.54
C CYS C 146 -22.45 27.89 30.55
N TYR C 147 -21.95 28.61 29.54
CA TYR C 147 -22.26 30.02 29.39
C TYR C 147 -22.04 30.39 27.93
N ALA C 148 -22.86 31.31 27.42
CA ALA C 148 -22.79 31.72 26.03
C ALA C 148 -23.23 33.17 25.88
N ASN C 149 -22.49 33.93 25.07
CA ASN C 149 -22.81 35.31 24.74
C ASN C 149 -22.14 35.61 23.39
N ASN C 150 -22.73 35.11 22.32
CA ASN C 150 -22.20 35.30 20.98
C ASN C 150 -23.35 35.33 19.99
N ASP C 151 -23.04 35.21 18.70
CA ASP C 151 -24.02 35.35 17.64
C ASP C 151 -24.82 34.08 17.40
N PHE C 152 -24.52 32.99 18.08
CA PHE C 152 -25.23 31.74 17.91
C PHE C 152 -25.97 31.28 19.16
N TYR C 153 -25.43 31.52 20.34
CA TYR C 153 -26.07 31.11 21.58
C TYR C 153 -25.92 32.23 22.61
N ASN C 154 -26.99 32.48 23.36
CA ASN C 154 -26.99 33.53 24.38
C ASN C 154 -27.90 33.09 25.52
N PHE C 155 -27.31 32.73 26.65
CA PHE C 155 -28.04 32.32 27.83
C PHE C 155 -27.16 32.53 29.05
N PRO C 156 -27.76 32.71 30.23
CA PRO C 156 -26.94 32.95 31.43
C PRO C 156 -26.20 31.69 31.86
N LYS C 157 -25.27 31.87 32.79
CA LYS C 157 -24.47 30.76 33.28
C LYS C 157 -25.34 29.78 34.06
N ILE C 158 -25.23 28.50 33.72
CA ILE C 158 -26.00 27.45 34.37
C ILE C 158 -25.08 26.27 34.67
N SER C 159 -25.51 25.43 35.60
CA SER C 159 -24.79 24.23 35.96
C SER C 159 -25.24 23.05 35.12
N ILE C 160 -24.31 22.12 34.89
CA ILE C 160 -24.57 20.91 34.11
C ILE C 160 -24.68 19.74 35.07
N ASN C 161 -25.84 19.09 35.08
CA ASN C 161 -26.06 17.91 35.90
C ASN C 161 -26.16 16.67 35.03
N PRO C 162 -25.63 15.52 35.49
CA PRO C 162 -24.97 15.33 36.78
C PRO C 162 -23.50 15.75 36.75
N HIS C 163 -22.83 15.69 37.89
CA HIS C 163 -21.41 15.99 37.95
C HIS C 163 -20.61 14.98 37.15
N CYS C 164 -19.71 15.47 36.32
CA CYS C 164 -18.88 14.61 35.48
C CYS C 164 -17.60 14.24 36.22
N ILE C 165 -17.31 12.94 36.29
CA ILE C 165 -16.11 12.49 36.98
C ILE C 165 -14.88 12.61 36.10
N SER C 166 -15.01 12.23 34.82
CA SER C 166 -13.85 12.23 33.93
C SER C 166 -13.37 13.65 33.61
N LYS C 167 -14.31 14.56 33.36
CA LYS C 167 -14.00 15.94 32.99
C LYS C 167 -13.08 15.99 31.79
N GLU C 168 -11.88 16.57 31.95
CA GLU C 168 -10.97 16.70 30.82
C GLU C 168 -10.45 15.36 30.32
N ASN C 169 -10.54 14.31 31.11
CA ASN C 169 -10.08 12.99 30.73
C ASN C 169 -11.17 12.16 30.03
N LEU C 170 -12.33 12.75 29.77
CA LEU C 170 -13.33 12.08 28.93
C LEU C 170 -12.86 12.16 27.49
N LYS C 171 -12.58 11.00 26.90
CA LYS C 171 -11.92 10.95 25.60
C LYS C 171 -12.81 11.56 24.53
N GLN C 172 -12.25 12.50 23.77
CA GLN C 172 -12.94 13.16 22.66
C GLN C 172 -12.22 12.91 21.36
N TYR C 173 -12.99 12.75 20.28
CA TYR C 173 -12.45 12.61 18.93
C TYR C 173 -13.20 13.56 17.99
N ILE C 174 -12.52 13.92 16.89
CA ILE C 174 -13.06 14.86 15.92
C ILE C 174 -13.00 14.21 14.55
N LEU C 175 -14.14 14.11 13.87
CA LEU C 175 -14.19 13.53 12.54
C LEU C 175 -13.59 14.49 11.53
N ALA C 176 -12.63 14.01 10.74
CA ALA C 176 -11.92 14.84 9.77
C ALA C 176 -12.81 15.05 8.55
N THR C 177 -13.54 16.16 8.53
CA THR C 177 -14.52 16.43 7.49
C THR C 177 -14.13 17.57 6.56
N SER C 178 -13.16 18.39 6.94
CA SER C 178 -12.72 19.51 6.11
C SER C 178 -11.42 20.04 6.67
N MET C 179 -10.71 20.82 5.85
CA MET C 179 -9.46 21.42 6.30
C MET C 179 -9.69 22.38 7.47
N GLY C 180 -10.79 23.11 7.45
CA GLY C 180 -11.09 24.02 8.55
C GLY C 180 -11.23 23.30 9.87
N VAL C 181 -11.87 22.14 9.87
CA VAL C 181 -12.04 21.38 11.10
C VAL C 181 -10.72 20.74 11.53
N VAL C 182 -9.93 20.24 10.57
CA VAL C 182 -8.67 19.59 10.90
C VAL C 182 -7.69 20.61 11.50
N GLU C 183 -7.66 21.82 10.96
CA GLU C 183 -6.77 22.85 11.50
C GLU C 183 -7.22 23.29 12.88
N TRP C 184 -8.52 23.54 13.05
CA TRP C 184 -9.09 23.84 14.36
C TRP C 184 -8.76 22.74 15.37
N ALA C 185 -8.84 21.47 14.94
CA ALA C 185 -8.56 20.37 15.86
C ALA C 185 -7.06 20.25 16.16
N ALA C 186 -6.21 20.63 15.21
CA ALA C 186 -4.77 20.55 15.44
C ALA C 186 -4.32 21.55 16.50
N LYS C 187 -4.89 22.76 16.48
CA LYS C 187 -4.51 23.78 17.47
C LYS C 187 -4.92 23.37 18.88
N LYS C 188 -5.96 22.55 19.01
CA LYS C 188 -6.42 22.05 20.29
C LYS C 188 -5.82 20.72 20.69
N GLY C 189 -5.00 20.11 19.82
CA GLY C 189 -4.42 18.82 20.12
C GLY C 189 -5.43 17.70 20.23
N LEU C 190 -6.56 17.82 19.53
CA LEU C 190 -7.59 16.78 19.63
C LEU C 190 -7.36 15.72 18.56
N PRO C 191 -7.58 14.45 18.88
CA PRO C 191 -7.34 13.38 17.91
C PRO C 191 -8.44 13.29 16.86
N LEU C 192 -8.04 12.84 15.68
CA LEU C 192 -8.92 12.76 14.52
C LEU C 192 -9.50 11.37 14.37
N THR C 193 -10.75 11.33 13.91
CA THR C 193 -11.35 10.13 13.33
C THR C 193 -11.55 10.40 11.85
N TYR C 194 -11.03 9.50 11.01
CA TYR C 194 -11.11 9.68 9.57
C TYR C 194 -12.43 9.12 9.03
N ARG C 195 -12.99 9.81 8.05
CA ARG C 195 -14.16 9.31 7.35
C ARG C 195 -13.81 8.03 6.60
N TRP C 196 -14.51 6.94 6.91
CA TRP C 196 -14.19 5.66 6.30
C TRP C 196 -14.30 5.73 4.78
N SER C 197 -15.25 6.52 4.27
CA SER C 197 -15.53 6.57 2.84
C SER C 197 -14.62 7.50 2.07
N ASP C 198 -13.72 8.22 2.72
CA ASP C 198 -12.82 9.10 2.01
C ASP C 198 -11.70 8.30 1.34
N THR C 199 -11.08 8.91 0.33
CA THR C 199 -9.95 8.27 -0.31
C THR C 199 -8.73 8.28 0.61
N LEU C 200 -7.76 7.42 0.28
CA LEU C 200 -6.52 7.39 1.06
C LEU C 200 -5.78 8.70 0.95
N ALA C 201 -5.68 9.25 -0.26
CA ALA C 201 -5.00 10.54 -0.44
C ALA C 201 -5.64 11.62 0.41
N GLU C 202 -6.97 11.63 0.50
CA GLU C 202 -7.66 12.64 1.30
C GLU C 202 -7.27 12.54 2.77
N LYS C 203 -7.21 11.31 3.32
CA LYS C 203 -6.85 11.14 4.72
C LYS C 203 -5.41 11.53 4.99
N GLU C 204 -4.49 11.16 4.10
CA GLU C 204 -3.09 11.53 4.27
C GLU C 204 -2.92 13.05 4.18
N ASN C 205 -3.69 13.70 3.31
CA ASN C 205 -3.62 15.16 3.22
C ASN C 205 -4.12 15.82 4.49
N TYR C 206 -5.16 15.26 5.11
CA TYR C 206 -5.62 15.77 6.40
C TYR C 206 -4.55 15.64 7.46
N TYR C 207 -3.91 14.46 7.54
CA TYR C 207 -2.90 14.23 8.56
C TYR C 207 -1.71 15.14 8.38
N GLN C 208 -1.26 15.35 7.14
CA GLN C 208 -0.12 16.23 6.89
C GLN C 208 -0.45 17.67 7.28
N ARG C 209 -1.68 18.10 7.02
CA ARG C 209 -2.11 19.43 7.45
C ARG C 209 -2.22 19.51 8.97
N TYR C 210 -2.58 18.40 9.62
CA TYR C 210 -2.64 18.38 11.08
C TYR C 210 -1.25 18.57 11.67
N LEU C 211 -0.26 17.86 11.12
CA LEU C 211 1.12 17.99 11.60
C LEU C 211 1.65 19.41 11.38
N THR C 212 1.37 19.99 10.21
CA THR C 212 1.89 21.32 9.89
C THR C 212 1.31 22.37 10.83
N VAL C 213 -0.02 22.38 10.99
CA VAL C 213 -0.65 23.41 11.81
C VAL C 213 -0.25 23.27 13.27
N ALA C 214 -0.14 22.03 13.76
CA ALA C 214 0.25 21.82 15.15
C ALA C 214 1.67 22.28 15.40
N ALA C 215 2.59 22.01 14.48
CA ALA C 215 3.97 22.47 14.63
C ALA C 215 4.04 23.99 14.63
N GLU C 216 3.27 24.63 13.74
CA GLU C 216 3.27 26.09 13.67
C GLU C 216 2.75 26.72 14.95
N ASN C 217 1.88 26.03 15.69
CA ASN C 217 1.31 26.56 16.92
C ASN C 217 1.94 25.95 18.16
N ASN C 218 3.05 25.24 18.02
CA ASN C 218 3.79 24.69 19.16
C ASN C 218 2.90 23.80 20.02
N VAL C 219 2.05 23.00 19.37
CA VAL C 219 1.14 22.08 20.06
C VAL C 219 1.79 20.70 20.09
N ASP C 220 1.86 20.12 21.28
CA ASP C 220 2.47 18.80 21.45
C ASP C 220 1.47 17.73 21.02
N ILE C 221 1.79 17.04 19.93
CA ILE C 221 0.91 16.01 19.37
C ILE C 221 1.58 14.64 19.36
N THR C 222 2.55 14.42 20.26
CA THR C 222 3.29 13.16 20.25
C THR C 222 2.42 11.97 20.65
N HIS C 223 1.41 12.19 21.49
CA HIS C 223 0.56 11.11 22.00
C HIS C 223 -0.87 11.20 21.46
N VAL C 224 -1.14 12.08 20.51
CA VAL C 224 -2.46 12.16 19.90
C VAL C 224 -2.74 10.86 19.15
N ASP C 225 -3.84 10.21 19.51
CA ASP C 225 -4.17 8.87 19.01
C ASP C 225 -5.27 8.98 17.96
N HIS C 226 -4.87 9.21 16.71
CA HIS C 226 -5.82 9.27 15.62
C HIS C 226 -6.45 7.90 15.38
N GLN C 227 -7.63 7.91 14.77
CA GLN C 227 -8.44 6.71 14.61
C GLN C 227 -8.77 6.45 13.15
N PHE C 228 -8.68 5.19 12.73
CA PHE C 228 -8.92 4.80 11.35
C PHE C 228 -10.00 3.72 11.28
N PRO C 229 -11.22 4.04 10.84
CA PRO C 229 -12.25 3.00 10.67
C PRO C 229 -11.97 2.17 9.42
N LEU C 230 -11.82 0.86 9.60
CA LEU C 230 -11.45 -0.05 8.53
C LEU C 230 -12.57 -1.05 8.28
N LEU C 231 -13.10 -1.04 7.05
CA LEU C 231 -14.06 -2.06 6.64
C LEU C 231 -13.32 -3.34 6.25
N VAL C 232 -13.87 -4.48 6.66
CA VAL C 232 -13.23 -5.78 6.47
C VAL C 232 -14.25 -6.75 5.89
N ASN C 233 -13.83 -7.50 4.87
CA ASN C 233 -14.64 -8.59 4.32
C ASN C 233 -13.66 -9.65 3.80
N ILE C 234 -13.52 -10.74 4.56
CA ILE C 234 -12.63 -11.83 4.20
C ILE C 234 -13.48 -13.04 3.79
N ASN C 235 -13.26 -13.53 2.58
CA ASN C 235 -13.98 -14.66 2.01
C ASN C 235 -13.02 -15.46 1.15
N PRO C 236 -13.06 -16.79 1.22
CA PRO C 236 -12.19 -17.59 0.33
C PRO C 236 -12.34 -17.26 -1.14
N ASP C 237 -13.52 -16.82 -1.57
CA ASP C 237 -13.72 -16.35 -2.94
C ASP C 237 -13.52 -14.83 -2.93
N ARG C 238 -12.44 -14.38 -3.56
CA ARG C 238 -12.15 -12.95 -3.61
C ARG C 238 -13.26 -12.16 -4.31
N ASP C 239 -13.91 -12.77 -5.30
CA ASP C 239 -14.96 -12.06 -6.03
C ASP C 239 -16.23 -11.92 -5.21
N ILE C 240 -16.53 -12.91 -4.35
CA ILE C 240 -17.68 -12.80 -3.46
C ILE C 240 -17.48 -11.68 -2.46
N ALA C 241 -16.28 -11.59 -1.87
CA ALA C 241 -16.02 -10.54 -0.88
C ALA C 241 -16.08 -9.16 -1.51
N LYS C 242 -15.63 -9.05 -2.77
CA LYS C 242 -15.70 -7.77 -3.46
C LYS C 242 -17.14 -7.42 -3.81
N GLN C 243 -17.99 -8.41 -4.05
CA GLN C 243 -19.39 -8.14 -4.38
C GLN C 243 -20.18 -7.73 -3.15
N GLU C 244 -19.95 -8.41 -2.02
CA GLU C 244 -20.62 -8.03 -0.78
C GLU C 244 -20.25 -6.61 -0.35
N MET C 245 -19.00 -6.22 -0.55
CA MET C 245 -18.57 -4.88 -0.17
C MET C 245 -19.12 -3.82 -1.13
N ARG C 246 -19.18 -4.14 -2.42
CA ARG C 246 -19.80 -3.21 -3.37
C ARG C 246 -21.28 -3.02 -3.07
N ASP C 247 -21.98 -4.10 -2.72
CA ASP C 247 -23.39 -4.00 -2.39
C ASP C 247 -23.63 -3.28 -1.07
N TYR C 248 -22.61 -3.21 -0.21
CA TYR C 248 -22.78 -2.58 1.10
C TYR C 248 -22.63 -1.07 1.01
N ILE C 249 -21.67 -0.58 0.22
CA ILE C 249 -21.29 0.84 0.27
C ILE C 249 -21.83 1.65 -0.90
N ARG C 250 -22.36 1.01 -1.95
CA ARG C 250 -22.72 1.75 -3.16
C ARG C 250 -23.78 2.80 -2.87
N GLY C 251 -24.83 2.43 -2.12
CA GLY C 251 -25.88 3.38 -1.83
C GLY C 251 -25.38 4.63 -1.12
N TYR C 252 -24.53 4.43 -0.09
CA TYR C 252 -24.02 5.57 0.66
C TYR C 252 -23.14 6.47 -0.21
N ILE C 253 -22.29 5.86 -1.05
CA ILE C 253 -21.43 6.66 -1.92
C ILE C 253 -22.26 7.53 -2.85
N ALA C 254 -23.33 6.97 -3.43
CA ALA C 254 -24.22 7.77 -4.26
C ALA C 254 -24.87 8.88 -3.46
N GLU C 255 -25.17 8.63 -2.19
CA GLU C 255 -25.84 9.61 -1.36
C GLU C 255 -24.88 10.69 -0.86
N ALA C 256 -23.72 10.27 -0.35
CA ALA C 256 -22.80 11.20 0.31
C ALA C 256 -21.76 11.80 -0.62
N TYR C 257 -21.49 11.17 -1.76
CA TYR C 257 -20.49 11.67 -2.72
C TYR C 257 -21.10 11.74 -4.11
N PRO C 258 -22.10 12.61 -4.31
CA PRO C 258 -22.83 12.59 -5.59
C PRO C 258 -22.05 13.17 -6.76
N ASN C 259 -21.12 14.10 -6.50
CA ASN C 259 -20.41 14.79 -7.57
C ASN C 259 -19.07 14.14 -7.91
N THR C 260 -18.93 12.83 -7.69
CA THR C 260 -17.70 12.13 -7.98
C THR C 260 -17.99 10.94 -8.89
N ASP C 261 -16.94 10.43 -9.53
CA ASP C 261 -17.05 9.21 -10.31
C ASP C 261 -17.37 8.05 -9.37
N GLN C 262 -18.60 7.55 -9.44
CA GLN C 262 -19.04 6.50 -8.51
C GLN C 262 -18.16 5.26 -8.60
N GLU C 263 -17.82 4.83 -9.81
CA GLU C 263 -17.09 3.57 -9.97
C GLU C 263 -15.65 3.72 -9.50
N GLU C 264 -15.02 4.86 -9.77
CA GLU C 264 -13.65 5.08 -9.28
C GLU C 264 -13.63 5.14 -7.76
N LYS C 265 -14.60 5.83 -7.17
CA LYS C 265 -14.71 5.92 -5.71
C LYS C 265 -14.78 4.53 -5.08
N ILE C 266 -15.62 3.65 -5.64
CA ILE C 266 -15.82 2.33 -5.06
C ILE C 266 -14.54 1.50 -5.15
N GLU C 267 -13.90 1.51 -6.32
CA GLU C 267 -12.70 0.69 -6.50
C GLU C 267 -11.57 1.15 -5.58
N GLU C 268 -11.42 2.46 -5.39
CA GLU C 268 -10.42 2.96 -4.46
C GLU C 268 -10.69 2.46 -3.04
N LEU C 269 -11.96 2.36 -2.66
CA LEU C 269 -12.29 1.89 -1.31
C LEU C 269 -12.03 0.40 -1.14
N ILE C 270 -12.26 -0.40 -2.19
CA ILE C 270 -11.96 -1.82 -2.11
C ILE C 270 -10.46 -2.04 -1.96
N LYS C 271 -9.64 -1.20 -2.61
CA LYS C 271 -8.20 -1.32 -2.46
C LYS C 271 -7.75 -0.80 -1.09
N GLN C 272 -8.31 0.33 -0.64
CA GLN C 272 -7.88 0.93 0.60
C GLN C 272 -8.19 0.05 1.81
N HIS C 273 -9.39 -0.51 1.86
CA HIS C 273 -9.81 -1.31 2.99
C HIS C 273 -9.38 -2.77 2.78
N ALA C 274 -9.89 -3.67 3.61
CA ALA C 274 -9.45 -5.07 3.63
C ALA C 274 -10.56 -5.93 3.04
N VAL C 275 -10.49 -6.15 1.73
CA VAL C 275 -11.48 -6.93 0.99
C VAL C 275 -10.73 -7.97 0.17
N GLY C 276 -10.81 -9.23 0.59
CA GLY C 276 -10.15 -10.28 -0.15
C GLY C 276 -10.19 -11.60 0.60
N THR C 277 -9.15 -12.40 0.42
CA THR C 277 -9.05 -13.69 1.06
C THR C 277 -8.20 -13.59 2.33
N GLU C 278 -8.22 -14.67 3.11
CA GLU C 278 -7.53 -14.70 4.38
C GLU C 278 -6.00 -14.74 4.23
N ASP C 279 -5.50 -15.15 3.07
CA ASP C 279 -4.07 -15.28 2.84
C ASP C 279 -3.47 -14.05 2.18
N GLU C 280 -4.26 -13.02 1.90
CA GLU C 280 -3.73 -11.82 1.28
C GLU C 280 -3.01 -10.95 2.31
N TYR C 281 -2.29 -9.96 1.80
CA TYR C 281 -1.37 -9.16 2.61
C TYR C 281 -2.00 -7.87 3.12
N TYR C 282 -2.82 -7.22 2.30
CA TYR C 282 -3.44 -5.93 2.63
C TYR C 282 -2.39 -4.90 3.02
N GLU C 283 -1.39 -4.74 2.14
CA GLU C 283 -0.37 -3.73 2.35
C GLU C 283 -0.89 -2.33 2.09
N SER C 284 -1.96 -2.19 1.30
CA SER C 284 -2.58 -0.89 1.11
C SER C 284 -3.22 -0.38 2.40
N SER C 285 -3.74 -1.29 3.22
CA SER C 285 -4.35 -0.89 4.48
C SER C 285 -3.29 -0.57 5.54
N LYS C 286 -2.16 -1.29 5.53
CA LYS C 286 -1.07 -0.98 6.44
C LYS C 286 -0.46 0.38 6.11
N TYR C 287 -0.23 0.65 4.82
CA TYR C 287 0.19 1.97 4.39
C TYR C 287 -0.80 3.04 4.86
N ALA C 288 -2.09 2.76 4.77
CA ALA C 288 -3.11 3.73 5.19
C ALA C 288 -2.94 4.11 6.65
N LEU C 289 -2.78 3.11 7.53
CA LEU C 289 -2.63 3.41 8.96
C LEU C 289 -1.39 4.25 9.22
N GLU C 290 -0.24 3.82 8.70
CA GLU C 290 1.01 4.51 8.99
C GLU C 290 1.01 5.94 8.47
N LYS C 291 0.51 6.15 7.26
CA LYS C 291 0.57 7.47 6.64
C LYS C 291 -0.54 8.40 7.13
N THR C 292 -1.43 7.93 8.00
CA THR C 292 -2.41 8.78 8.65
C THR C 292 -2.17 8.89 10.16
N GLY C 293 -1.03 8.40 10.65
CA GLY C 293 -0.72 8.46 12.06
C GLY C 293 -1.73 7.77 12.95
N SER C 294 -2.50 6.82 12.41
CA SER C 294 -3.56 6.18 13.18
C SER C 294 -2.97 5.23 14.22
N LYS C 295 -3.31 5.47 15.48
CA LYS C 295 -2.89 4.57 16.56
C LYS C 295 -4.02 3.67 17.04
N ASN C 296 -5.26 3.92 16.62
CA ASN C 296 -6.39 3.05 16.88
C ASN C 296 -7.01 2.67 15.54
N VAL C 297 -7.31 1.39 15.38
CA VAL C 297 -7.99 0.90 14.17
C VAL C 297 -9.34 0.31 14.59
N LEU C 298 -10.39 0.74 13.92
CA LEU C 298 -11.75 0.31 14.21
C LEU C 298 -12.27 -0.55 13.07
N LEU C 299 -12.74 -1.75 13.39
CA LEU C 299 -13.13 -2.73 12.41
C LEU C 299 -14.65 -2.83 12.28
N SER C 300 -15.10 -3.09 11.05
CA SER C 300 -16.51 -3.38 10.77
C SER C 300 -16.57 -4.53 9.78
N PHE C 301 -17.29 -5.59 10.15
CA PHE C 301 -17.46 -6.77 9.30
C PHE C 301 -18.86 -6.84 8.71
N GLU C 302 -19.56 -5.71 8.62
CA GLU C 302 -20.99 -5.71 8.38
C GLU C 302 -21.38 -6.09 6.96
N SER C 303 -20.43 -6.09 6.02
CA SER C 303 -20.74 -6.51 4.65
C SER C 303 -20.77 -8.02 4.48
N MET C 304 -20.21 -8.78 5.42
CA MET C 304 -20.17 -10.23 5.32
C MET C 304 -21.54 -10.84 5.64
N LYS C 305 -21.98 -11.75 4.78
CA LYS C 305 -23.31 -12.35 4.88
C LYS C 305 -23.36 -13.61 5.73
N ASN C 306 -22.22 -14.13 6.18
CA ASN C 306 -22.14 -15.36 6.94
C ASN C 306 -21.83 -15.07 8.40
N LYS C 307 -22.79 -15.37 9.29
CA LYS C 307 -22.63 -15.05 10.70
C LYS C 307 -21.51 -15.85 11.34
N ALA C 308 -21.31 -17.10 10.89
CA ALA C 308 -20.26 -17.94 11.45
C ALA C 308 -18.87 -17.53 10.98
N ALA C 309 -18.74 -17.05 9.75
CA ALA C 309 -17.45 -16.56 9.27
C ALA C 309 -16.99 -15.32 10.02
N VAL C 310 -17.93 -14.48 10.44
CA VAL C 310 -17.56 -13.28 11.18
C VAL C 310 -17.02 -13.65 12.56
N ILE C 311 -17.70 -14.56 13.25
CA ILE C 311 -17.23 -15.01 14.56
C ILE C 311 -15.86 -15.69 14.42
N ASP C 312 -15.72 -16.55 13.41
CA ASP C 312 -14.42 -17.15 13.13
C ASP C 312 -13.37 -16.08 12.87
N LEU C 313 -13.73 -15.05 12.09
CA LEU C 313 -12.78 -13.98 11.81
C LEU C 313 -12.46 -13.18 13.06
N ILE C 314 -13.48 -12.87 13.87
CA ILE C 314 -13.25 -12.12 15.11
C ILE C 314 -12.28 -12.88 16.01
N ASN C 315 -12.44 -14.19 16.11
CA ASN C 315 -11.55 -14.98 16.97
C ASN C 315 -10.14 -15.02 16.41
N MET C 316 -9.99 -15.09 15.09
CA MET C 316 -8.65 -15.04 14.49
C MET C 316 -7.98 -13.69 14.73
N VAL C 317 -8.71 -12.60 14.48
CA VAL C 317 -8.16 -11.28 14.74
C VAL C 317 -7.80 -11.13 16.22
N ASN C 318 -8.66 -11.60 17.11
CA ASN C 318 -8.38 -11.51 18.55
C ASN C 318 -7.11 -12.26 18.91
N GLU C 319 -6.91 -13.44 18.31
CA GLU C 319 -5.69 -14.21 18.59
C GLU C 319 -4.47 -13.50 18.04
N LYS C 320 -4.61 -12.86 16.87
CA LYS C 320 -3.49 -12.13 16.28
C LYS C 320 -3.12 -10.91 17.12
N ILE C 321 -4.10 -10.34 17.84
CA ILE C 321 -3.80 -9.22 18.74
C ILE C 321 -3.04 -9.72 19.96
N LYS C 322 -3.40 -10.89 20.48
CA LYS C 322 -2.81 -11.40 21.71
C LYS C 322 -1.30 -11.61 21.56
N LYS C 323 -0.84 -11.97 20.37
CA LYS C 323 0.58 -12.11 20.10
C LYS C 323 1.25 -10.75 20.04
N MET D 1 -54.96 -2.62 39.95
CA MET D 1 -53.93 -1.59 40.08
C MET D 1 -52.56 -2.11 39.65
N ASN D 2 -51.93 -1.42 38.70
CA ASN D 2 -50.59 -1.76 38.27
C ASN D 2 -49.57 -0.94 39.05
N PHE D 3 -48.42 -1.55 39.31
CA PHE D 3 -47.39 -0.96 40.15
C PHE D 3 -46.11 -0.78 39.35
N GLY D 4 -45.37 0.27 39.71
CA GLY D 4 -44.12 0.57 39.05
C GLY D 4 -43.26 1.46 39.93
N LEU D 5 -42.16 1.92 39.35
CA LEU D 5 -41.22 2.79 40.04
C LEU D 5 -41.04 4.08 39.26
N PHE D 6 -40.62 5.13 39.96
CA PHE D 6 -40.17 6.36 39.32
C PHE D 6 -39.08 6.97 40.17
N PHE D 7 -38.16 7.68 39.53
CA PHE D 7 -36.97 8.19 40.18
C PHE D 7 -36.84 9.68 39.89
N LEU D 8 -36.76 10.48 40.95
CA LEU D 8 -36.56 11.92 40.81
C LEU D 8 -35.08 12.30 40.81
N ASN D 9 -34.23 11.48 41.40
CA ASN D 9 -32.78 11.68 41.40
C ASN D 9 -32.40 13.05 41.94
N PHE D 10 -32.86 13.33 43.16
CA PHE D 10 -32.50 14.57 43.85
C PHE D 10 -31.14 14.41 44.50
N GLN D 11 -30.27 15.40 44.30
CA GLN D 11 -28.94 15.43 44.91
C GLN D 11 -28.99 16.43 46.05
N LEU D 12 -29.27 15.93 47.25
CA LEU D 12 -29.37 16.84 48.39
C LEU D 12 -27.97 17.22 48.87
N LYS D 13 -27.91 18.24 49.73
CA LYS D 13 -26.66 18.74 50.26
C LYS D 13 -25.85 17.60 50.89
N GLY D 14 -24.60 17.47 50.47
CA GLY D 14 -23.72 16.43 50.94
C GLY D 14 -23.70 15.16 50.10
N MET D 15 -24.71 14.97 49.25
CA MET D 15 -24.75 13.79 48.40
C MET D 15 -23.91 14.00 47.15
N THR D 16 -23.38 12.90 46.62
CA THR D 16 -22.66 12.91 45.35
C THR D 16 -23.58 12.47 44.22
N SER D 17 -23.23 12.90 43.00
CA SER D 17 -23.99 12.50 41.83
C SER D 17 -23.95 10.99 41.62
N GLU D 18 -22.81 10.37 41.93
CA GLU D 18 -22.67 8.92 41.70
C GLU D 18 -23.56 8.12 42.64
N ALA D 19 -23.64 8.52 43.91
CA ALA D 19 -24.50 7.82 44.86
C ALA D 19 -25.95 7.87 44.43
N VAL D 20 -26.40 9.03 43.94
CA VAL D 20 -27.79 9.18 43.52
C VAL D 20 -28.10 8.26 42.35
N LEU D 21 -27.24 8.28 41.32
CA LEU D 21 -27.50 7.49 40.12
C LEU D 21 -27.30 5.99 40.37
N ASP D 22 -26.36 5.63 41.26
CA ASP D 22 -26.20 4.22 41.61
C ASP D 22 -27.45 3.68 42.29
N ASN D 23 -28.16 4.52 43.05
CA ASN D 23 -29.38 4.07 43.73
C ASN D 23 -30.44 3.68 42.71
N MET D 24 -30.64 4.51 41.69
CA MET D 24 -31.60 4.17 40.64
C MET D 24 -31.19 2.88 39.93
N ILE D 25 -29.90 2.75 39.59
CA ILE D 25 -29.44 1.59 38.83
C ILE D 25 -29.58 0.31 39.65
N ASP D 26 -29.23 0.36 40.93
CA ASP D 26 -29.28 -0.85 41.75
C ASP D 26 -30.70 -1.24 42.09
N THR D 27 -31.58 -0.25 42.31
CA THR D 27 -32.98 -0.56 42.59
C THR D 27 -33.66 -1.19 41.37
N ILE D 28 -33.35 -0.69 40.18
CA ILE D 28 -33.95 -1.24 38.97
C ILE D 28 -33.38 -2.62 38.67
N ALA D 29 -32.08 -2.82 38.93
CA ALA D 29 -31.47 -4.13 38.71
C ALA D 29 -32.11 -5.19 39.61
N LEU D 30 -32.39 -4.84 40.87
CA LEU D 30 -33.02 -5.78 41.78
C LEU D 30 -34.46 -6.08 41.37
N VAL D 31 -35.23 -5.04 41.02
CA VAL D 31 -36.64 -5.21 40.72
C VAL D 31 -36.87 -5.93 39.40
N ASP D 32 -35.89 -5.89 38.49
CA ASP D 32 -36.08 -6.53 37.18
C ASP D 32 -36.15 -8.05 37.27
N LYS D 33 -35.70 -8.64 38.39
CA LYS D 33 -35.73 -10.08 38.52
C LYS D 33 -37.17 -10.61 38.58
N ASP D 34 -37.33 -11.87 38.20
CA ASP D 34 -38.65 -12.41 37.90
C ASP D 34 -39.57 -12.42 39.12
N GLU D 35 -39.02 -12.54 40.33
CA GLU D 35 -39.87 -12.65 41.52
C GLU D 35 -40.67 -11.39 41.79
N TYR D 36 -40.35 -10.27 41.15
CA TYR D 36 -41.05 -9.02 41.40
C TYR D 36 -42.19 -8.81 40.42
N HIS D 37 -43.20 -8.07 40.87
CA HIS D 37 -44.41 -7.82 40.10
C HIS D 37 -44.54 -6.36 39.71
N PHE D 38 -43.54 -5.54 39.99
CA PHE D 38 -43.46 -4.22 39.37
C PHE D 38 -43.23 -4.39 37.88
N LYS D 39 -43.95 -3.61 37.08
CA LYS D 39 -43.93 -3.78 35.64
C LYS D 39 -43.21 -2.67 34.90
N THR D 40 -43.20 -1.45 35.44
CA THR D 40 -42.64 -0.30 34.74
C THR D 40 -41.67 0.43 35.65
N ALA D 41 -40.91 1.35 35.05
CA ALA D 41 -39.98 2.20 35.75
C ALA D 41 -39.74 3.45 34.93
N PHE D 42 -39.75 4.61 35.58
CA PHE D 42 -39.70 5.89 34.89
C PHE D 42 -38.60 6.77 35.46
N VAL D 43 -38.03 7.60 34.58
CA VAL D 43 -36.96 8.53 34.92
C VAL D 43 -37.44 9.94 34.65
N ASN D 44 -37.24 10.83 35.62
CA ASN D 44 -37.73 12.20 35.51
C ASN D 44 -36.66 13.13 34.93
N GLU D 45 -37.11 14.16 34.23
CA GLU D 45 -36.25 15.14 33.60
C GLU D 45 -36.24 16.44 34.40
N HIS D 46 -35.04 17.01 34.58
CA HIS D 46 -34.89 18.30 35.23
C HIS D 46 -33.55 18.90 34.81
N HIS D 47 -33.49 20.23 34.81
CA HIS D 47 -32.30 20.95 34.37
C HIS D 47 -31.92 22.03 35.37
N PHE D 48 -30.61 22.26 35.49
CA PHE D 48 -30.02 23.50 36.01
C PHE D 48 -30.07 23.64 37.53
N SER D 49 -30.31 22.54 38.26
CA SER D 49 -30.15 22.55 39.71
C SER D 49 -30.04 21.10 40.16
N LYS D 50 -29.67 20.93 41.43
CA LYS D 50 -29.52 19.59 42.00
C LYS D 50 -30.85 18.96 42.39
N ASN D 51 -31.96 19.66 42.18
CA ASN D 51 -33.29 19.09 42.39
C ASN D 51 -33.72 18.27 41.17
N GLY D 52 -32.92 17.25 40.87
CA GLY D 52 -33.11 16.45 39.67
C GLY D 52 -31.93 16.58 38.73
N ILE D 53 -31.04 15.58 38.73
CA ILE D 53 -29.77 15.68 38.04
C ILE D 53 -29.76 14.95 36.70
N VAL D 54 -30.90 14.40 36.27
CA VAL D 54 -31.00 13.73 34.99
C VAL D 54 -31.66 14.68 34.01
N GLY D 55 -30.86 15.22 33.09
CA GLY D 55 -31.37 16.13 32.08
C GLY D 55 -31.88 15.48 30.81
N ALA D 56 -31.64 14.18 30.64
CA ALA D 56 -31.98 13.46 29.42
C ALA D 56 -32.56 12.10 29.81
N PRO D 57 -33.86 12.06 30.13
CA PRO D 57 -34.44 10.81 30.65
C PRO D 57 -34.45 9.66 29.65
N MET D 58 -34.56 9.95 28.35
CA MET D 58 -34.56 8.88 27.37
C MET D 58 -33.19 8.22 27.24
N THR D 59 -32.11 8.99 27.42
CA THR D 59 -30.79 8.39 27.44
C THR D 59 -30.59 7.54 28.69
N ALA D 60 -31.11 8.01 29.84
CA ALA D 60 -31.03 7.23 31.06
C ALA D 60 -31.86 5.95 30.96
N ALA D 61 -33.08 6.06 30.42
CA ALA D 61 -33.89 4.87 30.18
C ALA D 61 -33.18 3.90 29.24
N SER D 62 -32.47 4.44 28.23
CA SER D 62 -31.73 3.59 27.30
C SER D 62 -30.72 2.71 28.03
N PHE D 63 -29.89 3.33 28.89
CA PHE D 63 -28.94 2.57 29.69
C PHE D 63 -29.64 1.51 30.53
N LEU D 64 -30.72 1.90 31.22
CA LEU D 64 -31.43 0.98 32.09
C LEU D 64 -32.05 -0.17 31.30
N LEU D 65 -32.54 0.11 30.09
CA LEU D 65 -33.10 -0.94 29.26
C LEU D 65 -32.03 -1.95 28.85
N GLY D 66 -30.84 -1.48 28.50
CA GLY D 66 -29.75 -2.40 28.20
C GLY D 66 -29.35 -3.27 29.38
N LEU D 67 -29.53 -2.76 30.60
CA LEU D 67 -29.11 -3.48 31.78
C LEU D 67 -30.14 -4.50 32.26
N THR D 68 -31.38 -4.42 31.80
CA THR D 68 -32.48 -5.23 32.31
C THR D 68 -33.06 -6.10 31.19
N GLU D 69 -34.03 -6.93 31.57
CA GLU D 69 -34.64 -7.88 30.64
C GLU D 69 -36.15 -7.96 30.72
N ARG D 70 -36.78 -7.68 31.87
CA ARG D 70 -38.21 -7.83 32.05
C ARG D 70 -38.95 -6.52 32.11
N LEU D 71 -38.49 -5.58 32.94
CA LEU D 71 -39.19 -4.32 33.13
C LEU D 71 -39.31 -3.54 31.81
N HIS D 72 -40.38 -2.77 31.70
CA HIS D 72 -40.50 -1.74 30.69
C HIS D 72 -40.10 -0.41 31.31
N ILE D 73 -39.24 0.33 30.64
CA ILE D 73 -38.67 1.56 31.19
C ILE D 73 -38.86 2.69 30.19
N GLY D 74 -39.05 3.90 30.71
CA GLY D 74 -39.21 5.04 29.84
C GLY D 74 -39.04 6.34 30.59
N SER D 75 -39.21 7.43 29.85
CA SER D 75 -39.20 8.77 30.44
C SER D 75 -40.53 9.07 31.11
N LEU D 76 -40.46 9.83 32.20
CA LEU D 76 -41.66 10.27 32.89
C LEU D 76 -42.21 11.58 32.34
N ASN D 77 -41.36 12.49 31.89
CA ASN D 77 -41.80 13.83 31.51
C ASN D 77 -40.87 14.47 30.49
N GLN D 78 -40.55 13.76 29.42
CA GLN D 78 -39.73 14.33 28.35
C GLN D 78 -40.36 15.59 27.79
N VAL D 79 -39.72 16.73 28.02
CA VAL D 79 -40.26 18.02 27.58
C VAL D 79 -40.05 18.16 26.09
N ILE D 80 -41.14 18.24 25.33
CA ILE D 80 -41.05 18.33 23.88
C ILE D 80 -41.07 19.75 23.36
N THR D 81 -41.61 20.70 24.14
CA THR D 81 -41.75 22.07 23.65
C THR D 81 -40.41 22.76 23.46
N THR D 82 -39.37 22.31 24.15
CA THR D 82 -38.04 22.88 24.04
C THR D 82 -37.07 21.97 23.31
N HIS D 83 -37.56 20.88 22.72
CA HIS D 83 -36.75 19.89 22.02
C HIS D 83 -37.22 19.80 20.57
N HIS D 84 -36.53 18.98 19.78
CA HIS D 84 -36.93 18.81 18.39
C HIS D 84 -37.75 17.54 18.23
N PRO D 85 -38.91 17.62 17.59
CA PRO D 85 -39.78 16.43 17.50
C PRO D 85 -39.20 15.30 16.66
N VAL D 86 -38.44 15.62 15.61
CA VAL D 86 -37.86 14.58 14.78
C VAL D 86 -36.82 13.79 15.56
N ARG D 87 -36.02 14.47 16.40
CA ARG D 87 -35.01 13.77 17.19
C ARG D 87 -35.65 12.82 18.19
N ILE D 88 -36.73 13.25 18.86
CA ILE D 88 -37.41 12.39 19.82
C ILE D 88 -37.97 11.16 19.12
N ALA D 89 -38.61 11.36 17.97
CA ALA D 89 -39.17 10.24 17.22
C ALA D 89 -38.07 9.23 16.86
N GLU D 90 -36.89 9.71 16.50
CA GLU D 90 -35.79 8.81 16.16
C GLU D 90 -35.32 8.03 17.39
N GLU D 91 -35.26 8.68 18.55
CA GLU D 91 -34.82 7.99 19.76
C GLU D 91 -35.84 6.96 20.21
N ALA D 92 -37.13 7.29 20.12
CA ALA D 92 -38.17 6.35 20.54
C ALA D 92 -38.17 5.11 19.66
N SER D 93 -38.07 5.29 18.34
CA SER D 93 -38.03 4.16 17.43
C SER D 93 -36.79 3.30 17.67
N LEU D 94 -35.65 3.94 17.95
CA LEU D 94 -34.43 3.20 18.21
C LEU D 94 -34.56 2.37 19.49
N LEU D 95 -35.08 2.97 20.55
CA LEU D 95 -35.24 2.25 21.80
C LEU D 95 -36.30 1.16 21.68
N ASP D 96 -37.39 1.43 20.96
CA ASP D 96 -38.37 0.38 20.67
C ASP D 96 -37.72 -0.82 20.00
N GLN D 97 -36.85 -0.57 19.04
CA GLN D 97 -36.17 -1.67 18.34
C GLN D 97 -35.16 -2.36 19.24
N MET D 98 -34.27 -1.60 19.87
CA MET D 98 -33.17 -2.20 20.62
C MET D 98 -33.64 -2.95 21.85
N SER D 99 -34.70 -2.47 22.51
CA SER D 99 -35.18 -3.06 23.74
C SER D 99 -36.32 -4.05 23.53
N ASP D 100 -36.70 -4.32 22.28
CA ASP D 100 -37.77 -5.26 21.95
C ASP D 100 -39.11 -4.80 22.54
N GLY D 101 -39.41 -3.52 22.35
CA GLY D 101 -40.71 -3.00 22.72
C GLY D 101 -40.89 -2.65 24.19
N ARG D 102 -39.81 -2.36 24.90
CA ARG D 102 -39.88 -2.12 26.33
C ARG D 102 -39.79 -0.64 26.70
N PHE D 103 -39.72 0.26 25.71
CA PHE D 103 -39.62 1.68 25.98
C PHE D 103 -41.01 2.32 26.05
N ILE D 104 -41.19 3.16 27.07
CA ILE D 104 -42.44 3.91 27.28
C ILE D 104 -42.13 5.39 27.11
N LEU D 105 -42.95 6.08 26.32
CA LEU D 105 -42.71 7.49 26.02
C LEU D 105 -43.64 8.35 26.86
N GLY D 106 -43.19 8.69 28.07
CA GLY D 106 -43.88 9.70 28.87
C GLY D 106 -43.45 11.08 28.43
N LEU D 107 -44.43 11.94 28.14
CA LEU D 107 -44.18 13.25 27.59
C LEU D 107 -44.68 14.33 28.55
N SER D 108 -44.22 15.56 28.30
CA SER D 108 -44.64 16.68 29.13
C SER D 108 -44.46 17.97 28.35
N ASP D 109 -45.37 18.92 28.60
CA ASP D 109 -45.15 20.30 28.19
C ASP D 109 -44.07 20.93 29.08
N CYS D 110 -43.63 22.12 28.70
CA CYS D 110 -42.67 22.85 29.51
C CYS D 110 -43.37 23.52 30.69
N VAL D 111 -42.73 23.45 31.86
CA VAL D 111 -43.28 24.01 33.08
C VAL D 111 -42.32 25.02 33.71
N SER D 112 -41.37 25.53 32.94
CA SER D 112 -40.37 26.47 33.43
C SER D 112 -40.23 27.61 32.43
N ASP D 113 -40.63 28.82 32.85
CA ASP D 113 -40.44 29.99 31.99
C ASP D 113 -38.96 30.23 31.69
N PHE D 114 -38.08 29.86 32.62
CA PHE D 114 -36.65 29.97 32.37
C PHE D 114 -36.23 29.09 31.19
N GLU D 115 -36.72 27.85 31.16
CA GLU D 115 -36.36 26.94 30.08
C GLU D 115 -36.93 27.42 28.74
N MET D 116 -38.13 28.00 28.76
CA MET D 116 -38.68 28.58 27.54
C MET D 116 -37.79 29.69 27.01
N ASP D 117 -37.24 30.50 27.91
CA ASP D 117 -36.29 31.54 27.51
C ASP D 117 -34.95 30.92 27.11
N PHE D 118 -34.48 29.93 27.89
CA PHE D 118 -33.17 29.32 27.65
C PHE D 118 -33.08 28.77 26.23
N PHE D 119 -34.13 28.10 25.76
CA PHE D 119 -34.12 27.48 24.44
C PHE D 119 -34.84 28.32 23.39
N LYS D 120 -35.02 29.63 23.66
CA LYS D 120 -35.55 30.58 22.67
C LYS D 120 -36.90 30.12 22.13
N ARG D 121 -37.83 29.82 23.04
CA ARG D 121 -39.19 29.45 22.69
C ARG D 121 -40.11 30.59 23.11
N GLN D 122 -41.00 30.99 22.20
CA GLN D 122 -41.93 32.08 22.47
C GLN D 122 -42.98 31.66 23.49
N ARG D 123 -43.17 32.50 24.52
CA ARG D 123 -44.08 32.15 25.60
C ARG D 123 -45.54 32.19 25.17
N ASP D 124 -45.94 33.24 24.45
CA ASP D 124 -47.34 33.43 24.12
C ASP D 124 -47.91 32.35 23.19
N SER D 125 -47.06 31.59 22.49
CA SER D 125 -47.53 30.51 21.62
C SER D 125 -47.18 29.12 22.16
N GLN D 126 -46.96 28.99 23.48
CA GLN D 126 -46.47 27.74 24.03
C GLN D 126 -47.41 26.57 23.76
N GLN D 127 -48.72 26.76 24.00
CA GLN D 127 -49.67 25.68 23.79
C GLN D 127 -49.70 25.22 22.33
N GLN D 128 -49.69 26.17 21.40
CA GLN D 128 -49.70 25.81 19.98
C GLN D 128 -48.38 25.15 19.59
N GLN D 129 -47.29 25.61 20.20
CA GLN D 129 -45.98 25.00 19.95
C GLN D 129 -45.93 23.57 20.48
N PHE D 130 -46.53 23.35 21.66
CA PHE D 130 -46.61 22.00 22.22
C PHE D 130 -47.39 21.05 21.31
N GLU D 131 -48.49 21.53 20.72
CA GLU D 131 -49.33 20.67 19.91
C GLU D 131 -48.71 20.38 18.54
N ALA D 132 -48.07 21.39 17.94
CA ALA D 132 -47.37 21.17 16.68
C ALA D 132 -46.21 20.20 16.86
N CYS D 133 -45.58 20.20 18.04
CA CYS D 133 -44.46 19.30 18.28
CA CYS D 133 -44.46 19.29 18.27
C CYS D 133 -44.95 17.86 18.43
N TYR D 134 -46.09 17.65 19.10
CA TYR D 134 -46.58 16.30 19.30
C TYR D 134 -46.99 15.64 17.98
N GLU D 135 -47.66 16.40 17.10
CA GLU D 135 -48.11 15.82 15.84
C GLU D 135 -46.94 15.31 15.00
N ILE D 136 -45.85 16.06 14.97
CA ILE D 136 -44.67 15.62 14.22
C ILE D 136 -44.08 14.38 14.86
N LEU D 137 -43.92 14.41 16.19
CA LEU D 137 -43.33 13.27 16.90
C LEU D 137 -44.22 12.04 16.79
N ASN D 138 -45.55 12.23 16.86
CA ASN D 138 -46.46 11.10 16.80
C ASN D 138 -46.56 10.55 15.38
N ASP D 139 -46.49 11.43 14.37
CA ASP D 139 -46.41 10.96 12.98
C ASP D 139 -45.24 10.01 12.77
N GLY D 140 -44.04 10.43 13.20
CA GLY D 140 -42.86 9.60 12.98
C GLY D 140 -42.91 8.28 13.72
N ILE D 141 -43.48 8.26 14.93
CA ILE D 141 -43.48 7.04 15.72
C ILE D 141 -44.47 6.02 15.16
N THR D 142 -45.60 6.48 14.62
CA THR D 142 -46.65 5.56 14.18
C THR D 142 -46.62 5.28 12.68
N THR D 143 -45.99 6.14 11.88
CA THR D 143 -45.92 5.94 10.44
C THR D 143 -44.50 5.89 9.89
N ASN D 144 -43.49 6.20 10.72
CA ASN D 144 -42.09 6.25 10.31
C ASN D 144 -41.83 7.33 9.25
N TYR D 145 -42.65 8.37 9.25
CA TYR D 145 -42.47 9.50 8.35
C TYR D 145 -42.87 10.79 9.05
N CYS D 146 -42.11 11.85 8.82
CA CYS D 146 -42.38 13.16 9.40
C CYS D 146 -42.51 14.21 8.31
N TYR D 147 -43.36 15.20 8.56
CA TYR D 147 -43.57 16.32 7.65
C TYR D 147 -44.12 17.48 8.45
N ALA D 148 -43.73 18.69 8.09
CA ALA D 148 -44.19 19.88 8.80
C ALA D 148 -44.25 21.06 7.85
N ASN D 149 -45.33 21.83 7.97
CA ASN D 149 -45.49 23.07 7.22
C ASN D 149 -46.42 23.99 8.00
N ASN D 150 -45.90 24.60 9.06
CA ASN D 150 -46.67 25.49 9.93
C ASN D 150 -45.73 26.56 10.46
N ASP D 151 -46.18 27.27 11.50
CA ASP D 151 -45.45 28.43 11.99
C ASP D 151 -44.33 28.07 12.95
N PHE D 152 -44.16 26.80 13.30
CA PHE D 152 -43.10 26.38 14.19
C PHE D 152 -42.09 25.45 13.53
N TYR D 153 -42.54 24.58 12.64
CA TYR D 153 -41.66 23.64 11.97
C TYR D 153 -42.02 23.57 10.49
N ASN D 154 -40.99 23.54 9.65
CA ASN D 154 -41.15 23.51 8.19
C ASN D 154 -40.01 22.70 7.59
N PHE D 155 -40.33 21.49 7.12
CA PHE D 155 -39.33 20.65 6.49
C PHE D 155 -40.04 19.64 5.59
N PRO D 156 -39.35 19.13 4.56
CA PRO D 156 -40.00 18.16 3.65
C PRO D 156 -40.17 16.81 4.33
N LYS D 157 -40.93 15.95 3.65
CA LYS D 157 -41.20 14.62 4.17
C LYS D 157 -39.92 13.79 4.22
N ILE D 158 -39.67 13.18 5.38
CA ILE D 158 -38.50 12.33 5.58
C ILE D 158 -38.93 11.07 6.31
N SER D 159 -38.11 10.02 6.18
CA SER D 159 -38.36 8.78 6.88
C SER D 159 -37.65 8.79 8.23
N ILE D 160 -38.22 8.06 9.18
CA ILE D 160 -37.66 7.96 10.53
C ILE D 160 -36.99 6.60 10.66
N ASN D 161 -35.68 6.62 10.87
CA ASN D 161 -34.97 5.36 11.07
C ASN D 161 -34.50 5.24 12.51
N PRO D 162 -34.56 4.04 13.10
CA PRO D 162 -35.03 2.83 12.43
C PRO D 162 -36.56 2.73 12.39
N HIS D 163 -37.07 1.73 11.68
CA HIS D 163 -38.51 1.52 11.58
CA HIS D 163 -38.51 1.56 11.60
C HIS D 163 -39.07 1.05 12.92
N CYS D 164 -40.18 1.64 13.36
CA CYS D 164 -40.79 1.33 14.64
C CYS D 164 -41.76 0.17 14.52
N ILE D 165 -41.58 -0.84 15.37
CA ILE D 165 -42.44 -2.02 15.34
C ILE D 165 -43.74 -1.77 16.12
N SER D 166 -43.65 -1.12 17.27
CA SER D 166 -44.82 -0.93 18.11
C SER D 166 -45.82 0.03 17.47
N LYS D 167 -45.33 1.11 16.86
CA LYS D 167 -46.16 2.14 16.24
C LYS D 167 -47.19 2.70 17.23
N GLU D 168 -48.47 2.54 16.91
CA GLU D 168 -49.51 3.10 17.77
C GLU D 168 -49.57 2.42 19.13
N ASN D 169 -48.99 1.22 19.26
CA ASN D 169 -49.00 0.52 20.53
C ASN D 169 -47.81 0.84 21.41
N LEU D 170 -46.97 1.79 21.01
CA LEU D 170 -45.92 2.29 21.89
C LEU D 170 -46.56 3.21 22.94
N LYS D 171 -46.49 2.80 24.20
CA LYS D 171 -47.22 3.48 25.25
C LYS D 171 -46.74 4.93 25.42
N GLN D 172 -47.69 5.86 25.39
CA GLN D 172 -47.41 7.28 25.60
C GLN D 172 -48.22 7.78 26.81
N TYR D 173 -47.62 8.68 27.57
CA TYR D 173 -48.29 9.34 28.68
C TYR D 173 -48.06 10.85 28.57
N ILE D 174 -48.98 11.61 29.15
CA ILE D 174 -48.94 13.07 29.12
C ILE D 174 -48.94 13.57 30.55
N LEU D 175 -47.94 14.38 30.89
CA LEU D 175 -47.90 14.98 32.22
C LEU D 175 -48.94 16.08 32.33
N ALA D 176 -49.78 16.00 33.36
CA ALA D 176 -50.87 16.94 33.55
C ALA D 176 -50.31 18.24 34.13
N THR D 177 -50.03 19.21 33.25
CA THR D 177 -49.37 20.44 33.64
C THR D 177 -50.25 21.67 33.58
N SER D 178 -51.39 21.60 32.89
CA SER D 178 -52.31 22.72 32.77
C SER D 178 -53.62 22.21 32.20
N MET D 179 -54.66 23.04 32.34
CA MET D 179 -55.97 22.67 31.79
C MET D 179 -55.91 22.55 30.28
N GLY D 180 -55.13 23.41 29.62
CA GLY D 180 -54.99 23.34 28.17
C GLY D 180 -54.43 22.01 27.70
N VAL D 181 -53.43 21.49 28.42
CA VAL D 181 -52.84 20.21 28.05
C VAL D 181 -53.79 19.06 28.36
N VAL D 182 -54.48 19.14 29.50
CA VAL D 182 -55.39 18.06 29.89
C VAL D 182 -56.56 17.97 28.92
N GLU D 183 -57.09 19.11 28.49
CA GLU D 183 -58.18 19.10 27.52
C GLU D 183 -57.71 18.59 26.17
N TRP D 184 -56.55 19.08 25.70
CA TRP D 184 -55.93 18.55 24.50
C TRP D 184 -55.73 17.04 24.59
N ALA D 185 -55.30 16.55 25.75
CA ALA D 185 -55.08 15.12 25.91
C ALA D 185 -56.38 14.34 26.00
N ALA D 186 -57.44 14.97 26.52
CA ALA D 186 -58.73 14.27 26.63
C ALA D 186 -59.33 14.00 25.26
N LYS D 187 -59.22 14.95 24.33
CA LYS D 187 -59.76 14.75 22.99
C LYS D 187 -59.01 13.64 22.25
N LYS D 188 -57.75 13.41 22.60
CA LYS D 188 -56.96 12.36 21.98
C LYS D 188 -57.02 11.03 22.73
N GLY D 189 -57.70 10.98 23.87
CA GLY D 189 -57.78 9.76 24.65
C GLY D 189 -56.45 9.31 25.20
N LEU D 190 -55.54 10.23 25.45
CA LEU D 190 -54.21 9.87 25.94
C LEU D 190 -54.19 9.86 27.47
N PRO D 191 -53.48 8.89 28.06
CA PRO D 191 -53.46 8.79 29.53
C PRO D 191 -52.59 9.85 30.17
N LEU D 192 -52.97 10.22 31.38
CA LEU D 192 -52.32 11.28 32.13
C LEU D 192 -51.29 10.72 33.10
N THR D 193 -50.21 11.46 33.28
CA THR D 193 -49.33 11.33 34.42
C THR D 193 -49.47 12.59 35.25
N TYR D 194 -49.79 12.44 36.54
CA TYR D 194 -49.98 13.60 37.39
C TYR D 194 -48.65 14.08 37.94
N ARG D 195 -48.50 15.41 38.01
CA ARG D 195 -47.33 16.01 38.63
C ARG D 195 -47.31 15.64 40.11
N TRP D 196 -46.23 14.98 40.56
CA TRP D 196 -46.17 14.49 41.93
C TRP D 196 -46.33 15.61 42.95
N SER D 197 -45.82 16.80 42.65
CA SER D 197 -45.79 17.90 43.61
C SER D 197 -47.09 18.69 43.67
N ASP D 198 -48.08 18.36 42.84
CA ASP D 198 -49.33 19.09 42.88
C ASP D 198 -50.19 18.64 44.05
N THR D 199 -51.13 19.49 44.44
CA THR D 199 -52.05 19.13 45.51
C THR D 199 -53.04 18.07 45.03
N LEU D 200 -53.69 17.42 45.99
CA LEU D 200 -54.70 16.43 45.66
C LEU D 200 -55.88 17.07 44.95
N ALA D 201 -56.35 18.23 45.43
CA ALA D 201 -57.43 18.93 44.78
C ALA D 201 -57.09 19.27 43.33
N GLU D 202 -55.85 19.69 43.08
CA GLU D 202 -55.45 20.03 41.70
C GLU D 202 -55.54 18.82 40.79
N LYS D 203 -55.08 17.66 41.26
CA LYS D 203 -55.14 16.46 40.43
C LYS D 203 -56.58 16.02 40.22
N GLU D 204 -57.41 16.10 41.26
CA GLU D 204 -58.82 15.73 41.12
C GLU D 204 -59.54 16.66 40.16
N ASN D 205 -59.20 17.96 40.17
CA ASN D 205 -59.81 18.89 39.23
C ASN D 205 -59.38 18.58 37.80
N TYR D 206 -58.12 18.17 37.60
CA TYR D 206 -57.66 17.76 36.27
C TYR D 206 -58.46 16.57 35.76
N TYR D 207 -58.66 15.56 36.61
CA TYR D 207 -59.36 14.36 36.18
C TYR D 207 -60.81 14.67 35.81
N GLN D 208 -61.48 15.51 36.60
CA GLN D 208 -62.87 15.86 36.29
C GLN D 208 -62.96 16.65 34.98
N ARG D 209 -61.99 17.52 34.72
CA ARG D 209 -61.95 18.20 33.43
C ARG D 209 -61.66 17.23 32.30
N TYR D 210 -60.86 16.19 32.57
CA TYR D 210 -60.59 15.17 31.56
C TYR D 210 -61.85 14.40 31.21
N LEU D 211 -62.63 14.00 32.23
CA LEU D 211 -63.89 13.30 31.97
C LEU D 211 -64.86 14.18 31.20
N THR D 212 -64.97 15.46 31.57
CA THR D 212 -65.92 16.35 30.93
C THR D 212 -65.61 16.54 29.45
N VAL D 213 -64.35 16.85 29.14
CA VAL D 213 -63.98 17.13 27.76
C VAL D 213 -64.12 15.88 26.89
N ALA D 214 -63.78 14.71 27.45
CA ALA D 214 -63.90 13.47 26.68
C ALA D 214 -65.36 13.15 26.38
N ALA D 215 -66.26 13.35 27.35
CA ALA D 215 -67.67 13.09 27.12
C ALA D 215 -68.24 14.04 26.06
N GLU D 216 -67.85 15.31 26.11
CA GLU D 216 -68.33 16.27 25.11
C GLU D 216 -67.88 15.92 23.71
N ASN D 217 -66.73 15.26 23.59
CA ASN D 217 -66.17 14.91 22.28
C ASN D 217 -66.34 13.44 21.93
N ASN D 218 -67.18 12.71 22.67
CA ASN D 218 -67.51 11.31 22.36
C ASN D 218 -66.26 10.44 22.29
N VAL D 219 -65.32 10.68 23.19
CA VAL D 219 -64.07 9.90 23.25
C VAL D 219 -64.23 8.80 24.28
N ASP D 220 -63.95 7.56 23.88
CA ASP D 220 -64.05 6.41 24.76
C ASP D 220 -62.79 6.34 25.62
N ILE D 221 -62.93 6.57 26.93
CA ILE D 221 -61.80 6.60 27.84
C ILE D 221 -61.94 5.52 28.91
N THR D 222 -62.67 4.45 28.59
CA THR D 222 -62.93 3.40 29.58
C THR D 222 -61.65 2.66 29.98
N HIS D 223 -60.67 2.56 29.07
CA HIS D 223 -59.47 1.79 29.32
C HIS D 223 -58.22 2.66 29.47
N VAL D 224 -58.39 3.98 29.52
CA VAL D 224 -57.27 4.89 29.73
C VAL D 224 -56.69 4.67 31.12
N ASP D 225 -55.40 4.36 31.19
CA ASP D 225 -54.75 3.97 32.44
C ASP D 225 -53.88 5.13 32.94
N HIS D 226 -54.51 6.05 33.66
CA HIS D 226 -53.77 7.14 34.25
C HIS D 226 -52.85 6.62 35.35
N GLN D 227 -51.76 7.36 35.60
CA GLN D 227 -50.73 6.91 36.53
C GLN D 227 -50.48 7.98 37.59
N PHE D 228 -50.25 7.54 38.81
CA PHE D 228 -50.08 8.41 39.98
C PHE D 228 -48.71 8.19 40.60
N PRO D 229 -47.78 9.14 40.48
CA PRO D 229 -46.48 8.99 41.16
C PRO D 229 -46.62 9.25 42.65
N LEU D 230 -46.28 8.25 43.46
CA LEU D 230 -46.47 8.29 44.90
C LEU D 230 -45.12 8.23 45.60
N LEU D 231 -44.79 9.27 46.36
CA LEU D 231 -43.61 9.26 47.21
C LEU D 231 -43.89 8.47 48.48
N VAL D 232 -42.92 7.66 48.91
CA VAL D 232 -43.09 6.76 50.03
C VAL D 232 -41.90 6.91 50.97
N ASN D 233 -42.18 7.02 52.27
CA ASN D 233 -41.15 6.99 53.30
C ASN D 233 -41.78 6.37 54.54
N ILE D 234 -41.45 5.10 54.80
CA ILE D 234 -41.97 4.36 55.95
C ILE D 234 -40.84 4.17 56.93
N ASN D 235 -41.05 4.60 58.18
CA ASN D 235 -40.08 4.53 59.25
C ASN D 235 -40.81 4.27 60.55
N PRO D 236 -40.27 3.39 61.41
CA PRO D 236 -40.90 3.15 62.71
C PRO D 236 -41.12 4.43 63.51
N ASP D 237 -40.26 5.42 63.33
CA ASP D 237 -40.45 6.74 63.92
C ASP D 237 -41.17 7.61 62.90
N ARG D 238 -42.43 7.95 63.19
CA ARG D 238 -43.18 8.79 62.27
C ARG D 238 -42.52 10.14 62.06
N ASP D 239 -41.84 10.66 63.09
CA ASP D 239 -41.23 11.98 62.98
C ASP D 239 -39.98 11.95 62.11
N ILE D 240 -39.24 10.84 62.12
CA ILE D 240 -38.08 10.70 61.23
C ILE D 240 -38.54 10.64 59.78
N ALA D 241 -39.57 9.84 59.50
CA ALA D 241 -40.07 9.73 58.13
C ALA D 241 -40.62 11.04 57.64
N LYS D 242 -41.29 11.79 58.52
CA LYS D 242 -41.83 13.09 58.14
C LYS D 242 -40.72 14.10 57.89
N GLN D 243 -39.61 13.99 58.63
CA GLN D 243 -38.53 14.95 58.48
C GLN D 243 -37.68 14.66 57.24
N GLU D 244 -37.38 13.39 56.99
CA GLU D 244 -36.62 13.02 55.80
C GLU D 244 -37.35 13.43 54.52
N MET D 245 -38.69 13.34 54.52
CA MET D 245 -39.45 13.75 53.35
C MET D 245 -39.44 15.27 53.20
N ARG D 246 -39.49 16.00 54.32
CA ARG D 246 -39.37 17.45 54.25
C ARG D 246 -38.01 17.89 53.70
N ASP D 247 -36.94 17.21 54.12
CA ASP D 247 -35.61 17.55 53.60
C ASP D 247 -35.44 17.18 52.13
N TYR D 248 -36.28 16.26 51.62
CA TYR D 248 -36.16 15.82 50.24
C TYR D 248 -36.84 16.78 49.26
N ILE D 249 -38.01 17.31 49.61
CA ILE D 249 -38.84 18.04 48.67
C ILE D 249 -38.78 19.55 48.82
N ARG D 250 -38.20 20.05 49.91
CA ARG D 250 -38.27 21.50 50.18
C ARG D 250 -37.63 22.31 49.06
N GLY D 251 -36.44 21.91 48.63
CA GLY D 251 -35.75 22.66 47.58
C GLY D 251 -36.55 22.76 46.30
N TYR D 252 -37.12 21.64 45.85
CA TYR D 252 -37.89 21.66 44.61
C TYR D 252 -39.15 22.51 44.74
N ILE D 253 -39.85 22.40 45.88
CA ILE D 253 -41.06 23.20 46.09
C ILE D 253 -40.73 24.69 46.03
N ALA D 254 -39.63 25.10 46.65
CA ALA D 254 -39.19 26.49 46.56
C ALA D 254 -38.86 26.87 45.12
N GLU D 255 -38.33 25.91 44.35
CA GLU D 255 -37.93 26.19 42.96
C GLU D 255 -39.13 26.20 42.03
N ALA D 256 -40.00 25.20 42.12
CA ALA D 256 -41.08 25.03 41.15
C ALA D 256 -42.38 25.72 41.55
N TYR D 257 -42.58 26.03 42.84
CA TYR D 257 -43.79 26.68 43.31
C TYR D 257 -43.44 27.91 44.15
N PRO D 258 -42.82 28.92 43.53
CA PRO D 258 -42.30 30.04 44.33
C PRO D 258 -43.38 30.95 44.87
N ASN D 259 -44.52 31.07 44.20
CA ASN D 259 -45.58 32.00 44.58
C ASN D 259 -46.65 31.36 45.44
N THR D 260 -46.30 30.32 46.19
CA THR D 260 -47.25 29.63 47.05
C THR D 260 -46.73 29.58 48.48
N ASP D 261 -47.63 29.31 49.41
CA ASP D 261 -47.25 29.10 50.80
C ASP D 261 -46.39 27.85 50.91
N GLN D 262 -45.09 28.05 51.18
CA GLN D 262 -44.14 26.93 51.21
C GLN D 262 -44.54 25.90 52.26
N GLU D 263 -44.93 26.35 53.45
CA GLU D 263 -45.18 25.42 54.54
C GLU D 263 -46.46 24.61 54.30
N GLU D 264 -47.52 25.26 53.79
CA GLU D 264 -48.74 24.53 53.48
C GLU D 264 -48.54 23.55 52.34
N LYS D 265 -47.81 23.96 51.29
CA LYS D 265 -47.53 23.06 50.18
C LYS D 265 -46.84 21.79 50.65
N ILE D 266 -45.84 21.93 51.52
CA ILE D 266 -45.09 20.76 51.99
C ILE D 266 -45.98 19.87 52.84
N GLU D 267 -46.72 20.47 53.79
CA GLU D 267 -47.55 19.68 54.69
C GLU D 267 -48.66 18.95 53.94
N GLU D 268 -49.27 19.61 52.95
CA GLU D 268 -50.28 18.95 52.13
C GLU D 268 -49.70 17.73 51.42
N LEU D 269 -48.44 17.82 50.98
CA LEU D 269 -47.82 16.70 50.29
C LEU D 269 -47.51 15.55 51.25
N ILE D 270 -47.19 15.87 52.51
CA ILE D 270 -46.99 14.82 53.51
C ILE D 270 -48.28 14.06 53.75
N LYS D 271 -49.41 14.75 53.69
CA LYS D 271 -50.70 14.09 53.86
C LYS D 271 -51.08 13.27 52.62
N GLN D 272 -50.86 13.84 51.44
CA GLN D 272 -51.29 13.20 50.20
C GLN D 272 -50.53 11.90 49.94
N HIS D 273 -49.22 11.90 50.14
CA HIS D 273 -48.40 10.73 49.85
C HIS D 273 -48.35 9.82 51.08
N ALA D 274 -47.47 8.83 51.04
CA ALA D 274 -47.38 7.79 52.08
C ALA D 274 -46.12 8.03 52.89
N VAL D 275 -46.25 8.80 53.97
CA VAL D 275 -45.14 9.16 54.84
C VAL D 275 -45.56 8.87 56.28
N GLY D 276 -45.00 7.82 56.87
CA GLY D 276 -45.36 7.47 58.23
C GLY D 276 -44.76 6.13 58.65
N THR D 277 -45.50 5.43 59.50
CA THR D 277 -45.07 4.14 60.03
C THR D 277 -45.67 2.99 59.23
N GLU D 278 -45.20 1.77 59.54
CA GLU D 278 -45.61 0.58 58.81
C GLU D 278 -47.06 0.19 59.08
N ASP D 279 -47.62 0.58 60.22
CA ASP D 279 -48.97 0.17 60.60
C ASP D 279 -50.03 1.20 60.24
N GLU D 280 -49.67 2.32 59.63
CA GLU D 280 -50.68 3.30 59.28
C GLU D 280 -51.46 2.87 58.05
N TYR D 281 -52.57 3.57 57.80
CA TYR D 281 -53.55 3.20 56.79
C TYR D 281 -53.31 3.89 55.45
N TYR D 282 -52.93 5.16 55.48
CA TYR D 282 -52.75 5.97 54.26
C TYR D 282 -54.03 5.96 53.41
N GLU D 283 -55.14 6.30 54.06
CA GLU D 283 -56.40 6.43 53.35
C GLU D 283 -56.44 7.68 52.48
N SER D 284 -55.63 8.69 52.80
CA SER D 284 -55.52 9.86 51.94
C SER D 284 -54.91 9.51 50.59
N SER D 285 -53.97 8.56 50.58
CA SER D 285 -53.34 8.15 49.33
C SER D 285 -54.25 7.25 48.51
N LYS D 286 -55.03 6.40 49.17
CA LYS D 286 -55.99 5.57 48.46
C LYS D 286 -57.09 6.42 47.84
N TYR D 287 -57.62 7.38 48.60
CA TYR D 287 -58.55 8.35 48.05
C TYR D 287 -57.95 9.08 46.86
N ALA D 288 -56.66 9.45 46.96
CA ALA D 288 -55.99 10.14 45.86
C ALA D 288 -56.03 9.32 44.57
N LEU D 289 -55.69 8.03 44.67
CA LEU D 289 -55.70 7.16 43.48
C LEU D 289 -57.08 7.06 42.87
N GLU D 290 -58.09 6.72 43.68
CA GLU D 290 -59.42 6.45 43.17
C GLU D 290 -60.04 7.69 42.53
N LYS D 291 -59.87 8.85 43.17
CA LYS D 291 -60.50 10.08 42.68
C LYS D 291 -59.73 10.71 41.53
N THR D 292 -58.61 10.13 41.11
CA THR D 292 -57.90 10.57 39.91
C THR D 292 -57.94 9.52 38.81
N GLY D 293 -58.74 8.48 38.95
CA GLY D 293 -58.83 7.44 37.95
C GLY D 293 -57.53 6.73 37.66
N SER D 294 -56.59 6.74 38.60
CA SER D 294 -55.28 6.15 38.38
C SER D 294 -55.36 4.62 38.39
N LYS D 295 -54.91 4.00 37.30
CA LYS D 295 -54.78 2.55 37.24
C LYS D 295 -53.33 2.08 37.37
N ASN D 296 -52.38 3.01 37.33
CA ASN D 296 -50.98 2.71 37.59
C ASN D 296 -50.50 3.60 38.74
N VAL D 297 -49.79 3.00 39.69
CA VAL D 297 -49.18 3.75 40.79
C VAL D 297 -47.67 3.56 40.70
N LEU D 298 -46.94 4.66 40.72
CA LEU D 298 -45.49 4.65 40.60
C LEU D 298 -44.88 5.08 41.93
N LEU D 299 -43.99 4.25 42.48
CA LEU D 299 -43.45 4.46 43.81
C LEU D 299 -42.02 4.99 43.72
N SER D 300 -41.66 5.86 44.68
CA SER D 300 -40.30 6.33 44.86
C SER D 300 -39.98 6.33 46.34
N PHE D 301 -38.91 5.64 46.73
CA PHE D 301 -38.48 5.55 48.11
C PHE D 301 -37.24 6.39 48.38
N GLU D 302 -36.98 7.39 47.55
CA GLU D 302 -35.67 8.04 47.51
C GLU D 302 -35.39 8.94 48.70
N SER D 303 -36.40 9.28 49.50
CA SER D 303 -36.15 10.08 50.69
C SER D 303 -35.64 9.25 51.86
N MET D 304 -35.81 7.92 51.80
CA MET D 304 -35.37 7.05 52.88
C MET D 304 -33.85 6.87 52.81
N LYS D 305 -33.19 7.08 53.94
CA LYS D 305 -31.73 7.05 54.01
C LYS D 305 -31.15 5.69 54.38
N ASN D 306 -31.99 4.70 54.68
CA ASN D 306 -31.52 3.37 55.06
C ASN D 306 -31.77 2.44 53.87
N LYS D 307 -30.69 2.00 53.23
CA LYS D 307 -30.82 1.19 52.02
C LYS D 307 -31.41 -0.19 52.33
N ALA D 308 -31.11 -0.74 53.51
CA ALA D 308 -31.65 -2.04 53.87
C ALA D 308 -33.14 -1.96 54.19
N ALA D 309 -33.59 -0.85 54.79
CA ALA D 309 -35.01 -0.67 55.03
C ALA D 309 -35.78 -0.52 53.72
N VAL D 310 -35.16 0.09 52.70
CA VAL D 310 -35.82 0.23 51.41
C VAL D 310 -36.01 -1.12 50.75
N ILE D 311 -34.98 -1.97 50.80
CA ILE D 311 -35.08 -3.31 50.22
C ILE D 311 -36.14 -4.13 50.95
N ASP D 312 -36.18 -4.04 52.29
CA ASP D 312 -37.26 -4.68 53.03
C ASP D 312 -38.63 -4.17 52.57
N LEU D 313 -38.75 -2.86 52.37
CA LEU D 313 -40.04 -2.31 51.94
C LEU D 313 -40.43 -2.78 50.55
N ILE D 314 -39.46 -2.83 49.63
CA ILE D 314 -39.74 -3.29 48.27
C ILE D 314 -40.28 -4.72 48.29
N ASN D 315 -39.68 -5.58 49.11
CA ASN D 315 -40.15 -6.97 49.17
C ASN D 315 -41.52 -7.06 49.83
N MET D 316 -41.80 -6.21 50.83
CA MET D 316 -43.12 -6.22 51.45
C MET D 316 -44.19 -5.78 50.45
N VAL D 317 -43.93 -4.67 49.73
CA VAL D 317 -44.85 -4.23 48.69
C VAL D 317 -45.03 -5.31 47.64
N ASN D 318 -43.92 -5.94 47.23
CA ASN D 318 -43.98 -7.00 46.23
C ASN D 318 -44.85 -8.17 46.70
N GLU D 319 -44.73 -8.52 47.99
CA GLU D 319 -45.49 -9.65 48.50
C GLU D 319 -46.99 -9.38 48.50
N LYS D 320 -47.39 -8.15 48.84
CA LYS D 320 -48.81 -7.82 48.84
C LYS D 320 -49.39 -7.79 47.43
N ILE D 321 -48.56 -7.49 46.42
CA ILE D 321 -49.02 -7.49 45.04
C ILE D 321 -49.32 -8.92 44.58
#